data_3CY6
# 
_entry.id   3CY6 
# 
_audit_conform.dict_name       mmcif_pdbx.dic 
_audit_conform.dict_version    5.377 
_audit_conform.dict_location   http://mmcif.pdb.org/dictionaries/ascii/mmcif_pdbx.dic 
# 
loop_
_database_2.database_id 
_database_2.database_code 
_database_2.pdbx_database_accession 
_database_2.pdbx_DOI 
PDB   3CY6         pdb_00003cy6 10.2210/pdb3cy6/pdb 
RCSB  RCSB047357   ?            ?                   
WWPDB D_1000047357 ?            ?                   
# 
loop_
_pdbx_database_related.db_name 
_pdbx_database_related.db_id 
_pdbx_database_related.details 
_pdbx_database_related.content_type 
PDB 2OR3 . unspecified 
PDB 1P5F . unspecified 
PDB 3CYF . unspecified 
PDB 3CZ9 . unspecified 
PDB 3CZA . unspecified 
# 
_pdbx_database_status.status_code                     REL 
_pdbx_database_status.entry_id                        3CY6 
_pdbx_database_status.recvd_initial_deposition_date   2008-04-25 
_pdbx_database_status.deposit_site                    RCSB 
_pdbx_database_status.process_site                    RCSB 
_pdbx_database_status.status_code_sf                  REL 
_pdbx_database_status.status_code_mr                  ? 
_pdbx_database_status.SG_entry                        ? 
_pdbx_database_status.pdb_format_compatible           Y 
_pdbx_database_status.status_code_cs                  ? 
_pdbx_database_status.status_code_nmr_data            ? 
_pdbx_database_status.methods_development_category    ? 
# 
loop_
_audit_author.name 
_audit_author.pdbx_ordinal 
'Witt, A.C.'            1 
'Lakshminarasimhan, M.' 2 
'Remington, B.C.'       3 
'Hasim, S.'             4 
'Pozharski, E.'         5 
'Wilson, M.A.'          6 
# 
_citation.id                        primary 
_citation.title                     'Cysteine pKa depression by a protonated glutamic acid in human DJ-1.' 
_citation.journal_abbrev            Biochemistry 
_citation.journal_volume            47 
_citation.page_first                7430 
_citation.page_last                 7440 
_citation.year                      2008 
_citation.journal_id_ASTM           BICHAW 
_citation.country                   US 
_citation.journal_id_ISSN           0006-2960 
_citation.journal_id_CSD            0033 
_citation.book_publisher            ? 
_citation.pdbx_database_id_PubMed   18570440 
_citation.pdbx_database_id_DOI      10.1021/bi800282d 
# 
loop_
_citation_author.citation_id 
_citation_author.name 
_citation_author.ordinal 
_citation_author.identifier_ORCID 
primary 'Witt, A.C.'            1 ? 
primary 'Lakshminarasimhan, M.' 2 ? 
primary 'Remington, B.C.'       3 ? 
primary 'Hasim, S.'             4 ? 
primary 'Pozharski, E.'         5 ? 
primary 'Wilson, M.A.'          6 ? 
# 
_cell.entry_id           3CY6 
_cell.length_a           74.780 
_cell.length_b           74.780 
_cell.length_c           75.443 
_cell.angle_alpha        90.00 
_cell.angle_beta         90.00 
_cell.angle_gamma        120.00 
_cell.Z_PDB              6 
_cell.pdbx_unique_axis   ? 
_cell.length_a_esd       ? 
_cell.length_b_esd       ? 
_cell.length_c_esd       ? 
_cell.angle_alpha_esd    ? 
_cell.angle_beta_esd     ? 
_cell.angle_gamma_esd    ? 
# 
_symmetry.entry_id                         3CY6 
_symmetry.space_group_name_H-M             'P 31 2 1' 
_symmetry.pdbx_full_space_group_name_H-M   ? 
_symmetry.cell_setting                     ? 
_symmetry.Int_Tables_number                152 
_symmetry.space_group_name_Hall            ? 
# 
loop_
_entity.id 
_entity.type 
_entity.src_method 
_entity.pdbx_description 
_entity.formula_weight 
_entity.pdbx_number_of_molecules 
_entity.pdbx_ec 
_entity.pdbx_mutation 
_entity.pdbx_fragment 
_entity.details 
1 polymer man 'Protein DJ-1' 20987.221 1   ? E18Q ? ? 
2 water   nat water          18.015    193 ? ?    ? ? 
# 
_entity_name_com.entity_id   1 
_entity_name_com.name        'Oncogene DJ1' 
# 
_entity_poly.entity_id                      1 
_entity_poly.type                           'polypeptide(L)' 
_entity_poly.nstd_linkage                   no 
_entity_poly.nstd_monomer                   no 
_entity_poly.pdbx_seq_one_letter_code       
;MASKRALVILAKGAEEMQTVIPVDVMRRAGIKVTVAGLAGKDPVQCSRDVVICPDASLEDAKKEGPYDVVVLPGGNLGAQ
NLSESAAVKEILKEQENRKGLIAAICAGPTALLAHEIGFGSKVTTHPLAKDKMMNGGHYTYSENRVEKDGLILTSRGPGT
SFEFALAIVEALNGKEVAAQVKAPLVLKDLEHHHHHH
;
_entity_poly.pdbx_seq_one_letter_code_can   
;MASKRALVILAKGAEEMQTVIPVDVMRRAGIKVTVAGLAGKDPVQCSRDVVICPDASLEDAKKEGPYDVVVLPGGNLGAQ
NLSESAAVKEILKEQENRKGLIAAICAGPTALLAHEIGFGSKVTTHPLAKDKMMNGGHYTYSENRVEKDGLILTSRGPGT
SFEFALAIVEALNGKEVAAQVKAPLVLKDLEHHHHHH
;
_entity_poly.pdbx_strand_id                 A 
_entity_poly.pdbx_target_identifier         ? 
# 
loop_
_entity_poly_seq.entity_id 
_entity_poly_seq.num 
_entity_poly_seq.mon_id 
_entity_poly_seq.hetero 
1 1   MET n 
1 2   ALA n 
1 3   SER n 
1 4   LYS n 
1 5   ARG n 
1 6   ALA n 
1 7   LEU n 
1 8   VAL n 
1 9   ILE n 
1 10  LEU n 
1 11  ALA n 
1 12  LYS n 
1 13  GLY n 
1 14  ALA n 
1 15  GLU n 
1 16  GLU n 
1 17  MET n 
1 18  GLN n 
1 19  THR n 
1 20  VAL n 
1 21  ILE n 
1 22  PRO n 
1 23  VAL n 
1 24  ASP n 
1 25  VAL n 
1 26  MET n 
1 27  ARG n 
1 28  ARG n 
1 29  ALA n 
1 30  GLY n 
1 31  ILE n 
1 32  LYS n 
1 33  VAL n 
1 34  THR n 
1 35  VAL n 
1 36  ALA n 
1 37  GLY n 
1 38  LEU n 
1 39  ALA n 
1 40  GLY n 
1 41  LYS n 
1 42  ASP n 
1 43  PRO n 
1 44  VAL n 
1 45  GLN n 
1 46  CYS n 
1 47  SER n 
1 48  ARG n 
1 49  ASP n 
1 50  VAL n 
1 51  VAL n 
1 52  ILE n 
1 53  CYS n 
1 54  PRO n 
1 55  ASP n 
1 56  ALA n 
1 57  SER n 
1 58  LEU n 
1 59  GLU n 
1 60  ASP n 
1 61  ALA n 
1 62  LYS n 
1 63  LYS n 
1 64  GLU n 
1 65  GLY n 
1 66  PRO n 
1 67  TYR n 
1 68  ASP n 
1 69  VAL n 
1 70  VAL n 
1 71  VAL n 
1 72  LEU n 
1 73  PRO n 
1 74  GLY n 
1 75  GLY n 
1 76  ASN n 
1 77  LEU n 
1 78  GLY n 
1 79  ALA n 
1 80  GLN n 
1 81  ASN n 
1 82  LEU n 
1 83  SER n 
1 84  GLU n 
1 85  SER n 
1 86  ALA n 
1 87  ALA n 
1 88  VAL n 
1 89  LYS n 
1 90  GLU n 
1 91  ILE n 
1 92  LEU n 
1 93  LYS n 
1 94  GLU n 
1 95  GLN n 
1 96  GLU n 
1 97  ASN n 
1 98  ARG n 
1 99  LYS n 
1 100 GLY n 
1 101 LEU n 
1 102 ILE n 
1 103 ALA n 
1 104 ALA n 
1 105 ILE n 
1 106 CYS n 
1 107 ALA n 
1 108 GLY n 
1 109 PRO n 
1 110 THR n 
1 111 ALA n 
1 112 LEU n 
1 113 LEU n 
1 114 ALA n 
1 115 HIS n 
1 116 GLU n 
1 117 ILE n 
1 118 GLY n 
1 119 PHE n 
1 120 GLY n 
1 121 SER n 
1 122 LYS n 
1 123 VAL n 
1 124 THR n 
1 125 THR n 
1 126 HIS n 
1 127 PRO n 
1 128 LEU n 
1 129 ALA n 
1 130 LYS n 
1 131 ASP n 
1 132 LYS n 
1 133 MET n 
1 134 MET n 
1 135 ASN n 
1 136 GLY n 
1 137 GLY n 
1 138 HIS n 
1 139 TYR n 
1 140 THR n 
1 141 TYR n 
1 142 SER n 
1 143 GLU n 
1 144 ASN n 
1 145 ARG n 
1 146 VAL n 
1 147 GLU n 
1 148 LYS n 
1 149 ASP n 
1 150 GLY n 
1 151 LEU n 
1 152 ILE n 
1 153 LEU n 
1 154 THR n 
1 155 SER n 
1 156 ARG n 
1 157 GLY n 
1 158 PRO n 
1 159 GLY n 
1 160 THR n 
1 161 SER n 
1 162 PHE n 
1 163 GLU n 
1 164 PHE n 
1 165 ALA n 
1 166 LEU n 
1 167 ALA n 
1 168 ILE n 
1 169 VAL n 
1 170 GLU n 
1 171 ALA n 
1 172 LEU n 
1 173 ASN n 
1 174 GLY n 
1 175 LYS n 
1 176 GLU n 
1 177 VAL n 
1 178 ALA n 
1 179 ALA n 
1 180 GLN n 
1 181 VAL n 
1 182 LYS n 
1 183 ALA n 
1 184 PRO n 
1 185 LEU n 
1 186 VAL n 
1 187 LEU n 
1 188 LYS n 
1 189 ASP n 
1 190 LEU n 
1 191 GLU n 
1 192 HIS n 
1 193 HIS n 
1 194 HIS n 
1 195 HIS n 
1 196 HIS n 
1 197 HIS n 
# 
_entity_src_gen.entity_id                          1 
_entity_src_gen.pdbx_src_id                        1 
_entity_src_gen.pdbx_alt_source_flag               sample 
_entity_src_gen.pdbx_seq_type                      ? 
_entity_src_gen.pdbx_beg_seq_num                   ? 
_entity_src_gen.pdbx_end_seq_num                   ? 
_entity_src_gen.gene_src_common_name               human 
_entity_src_gen.gene_src_genus                     ? 
_entity_src_gen.pdbx_gene_src_gene                 PARK7 
_entity_src_gen.gene_src_species                   ? 
_entity_src_gen.gene_src_strain                    ? 
_entity_src_gen.gene_src_tissue                    ? 
_entity_src_gen.gene_src_tissue_fraction           ? 
_entity_src_gen.gene_src_details                   ? 
_entity_src_gen.pdbx_gene_src_fragment             ? 
_entity_src_gen.pdbx_gene_src_scientific_name      'Homo sapiens' 
_entity_src_gen.pdbx_gene_src_ncbi_taxonomy_id     9606 
_entity_src_gen.pdbx_gene_src_variant              ? 
_entity_src_gen.pdbx_gene_src_cell_line            ? 
_entity_src_gen.pdbx_gene_src_atcc                 ? 
_entity_src_gen.pdbx_gene_src_organ                ? 
_entity_src_gen.pdbx_gene_src_organelle            ? 
_entity_src_gen.pdbx_gene_src_cell                 ? 
_entity_src_gen.pdbx_gene_src_cellular_location    ? 
_entity_src_gen.host_org_common_name               ? 
_entity_src_gen.pdbx_host_org_scientific_name      'Escherichia coli' 
_entity_src_gen.pdbx_host_org_ncbi_taxonomy_id     562 
_entity_src_gen.host_org_genus                     ? 
_entity_src_gen.pdbx_host_org_gene                 ? 
_entity_src_gen.pdbx_host_org_organ                ? 
_entity_src_gen.host_org_species                   ? 
_entity_src_gen.pdbx_host_org_tissue               ? 
_entity_src_gen.pdbx_host_org_tissue_fraction      ? 
_entity_src_gen.pdbx_host_org_strain               'BL21(DE3)' 
_entity_src_gen.pdbx_host_org_variant              ? 
_entity_src_gen.pdbx_host_org_cell_line            ? 
_entity_src_gen.pdbx_host_org_atcc                 ? 
_entity_src_gen.pdbx_host_org_culture_collection   ? 
_entity_src_gen.pdbx_host_org_cell                 ? 
_entity_src_gen.pdbx_host_org_organelle            ? 
_entity_src_gen.pdbx_host_org_cellular_location    ? 
_entity_src_gen.pdbx_host_org_vector_type          PLASMID 
_entity_src_gen.pdbx_host_org_vector               ? 
_entity_src_gen.host_org_details                   ? 
_entity_src_gen.expression_system_id               ? 
_entity_src_gen.plasmid_name                       pET21a 
_entity_src_gen.plasmid_details                    ? 
_entity_src_gen.pdbx_description                   ? 
# 
_struct_ref.id                         1 
_struct_ref.db_name                    UNP 
_struct_ref.db_code                    PARK7_HUMAN 
_struct_ref.pdbx_db_accession          Q99497 
_struct_ref.entity_id                  1 
_struct_ref.pdbx_seq_one_letter_code   
;MASKRALVILAKGAEEMETVIPVDVMRRAGIKVTVAGLAGKDPVQCSRDVVICPDASLEDAKKEGPYDVVVLPGGNLGAQ
NLSESAAVKEILKEQENRKGLIAAICAGPTALLAHEIGFGSKVTTHPLAKDKMMNGGHYTYSENRVEKDGLILTSRGPGT
SFEFALAIVEALNGKEVAAQVKAPLVLKD
;
_struct_ref.pdbx_align_begin           1 
_struct_ref.pdbx_db_isoform            ? 
# 
_struct_ref_seq.align_id                      1 
_struct_ref_seq.ref_id                        1 
_struct_ref_seq.pdbx_PDB_id_code              3CY6 
_struct_ref_seq.pdbx_strand_id                A 
_struct_ref_seq.seq_align_beg                 1 
_struct_ref_seq.pdbx_seq_align_beg_ins_code   ? 
_struct_ref_seq.seq_align_end                 189 
_struct_ref_seq.pdbx_seq_align_end_ins_code   ? 
_struct_ref_seq.pdbx_db_accession             Q99497 
_struct_ref_seq.db_align_beg                  1 
_struct_ref_seq.pdbx_db_align_beg_ins_code    ? 
_struct_ref_seq.db_align_end                  189 
_struct_ref_seq.pdbx_db_align_end_ins_code    ? 
_struct_ref_seq.pdbx_auth_seq_align_beg       1 
_struct_ref_seq.pdbx_auth_seq_align_end       189 
# 
loop_
_struct_ref_seq_dif.align_id 
_struct_ref_seq_dif.pdbx_pdb_id_code 
_struct_ref_seq_dif.mon_id 
_struct_ref_seq_dif.pdbx_pdb_strand_id 
_struct_ref_seq_dif.seq_num 
_struct_ref_seq_dif.pdbx_pdb_ins_code 
_struct_ref_seq_dif.pdbx_seq_db_name 
_struct_ref_seq_dif.pdbx_seq_db_accession_code 
_struct_ref_seq_dif.db_mon_id 
_struct_ref_seq_dif.pdbx_seq_db_seq_num 
_struct_ref_seq_dif.details 
_struct_ref_seq_dif.pdbx_auth_seq_num 
_struct_ref_seq_dif.pdbx_ordinal 
1 3CY6 GLN A 18  ? UNP Q99497 GLU 18 'engineered mutation' 18  1 
1 3CY6 LEU A 190 ? UNP Q99497 ?   ?  'expression tag'      190 2 
1 3CY6 GLU A 191 ? UNP Q99497 ?   ?  'expression tag'      191 3 
1 3CY6 HIS A 192 ? UNP Q99497 ?   ?  'expression tag'      192 4 
1 3CY6 HIS A 193 ? UNP Q99497 ?   ?  'expression tag'      193 5 
1 3CY6 HIS A 194 ? UNP Q99497 ?   ?  'expression tag'      194 6 
1 3CY6 HIS A 195 ? UNP Q99497 ?   ?  'expression tag'      195 7 
1 3CY6 HIS A 196 ? UNP Q99497 ?   ?  'expression tag'      196 8 
1 3CY6 HIS A 197 ? UNP Q99497 ?   ?  'expression tag'      197 9 
# 
loop_
_chem_comp.id 
_chem_comp.type 
_chem_comp.mon_nstd_flag 
_chem_comp.name 
_chem_comp.pdbx_synonyms 
_chem_comp.formula 
_chem_comp.formula_weight 
ALA 'L-peptide linking' y ALANINE         ? 'C3 H7 N O2'     89.093  
ARG 'L-peptide linking' y ARGININE        ? 'C6 H15 N4 O2 1' 175.209 
ASN 'L-peptide linking' y ASPARAGINE      ? 'C4 H8 N2 O3'    132.118 
ASP 'L-peptide linking' y 'ASPARTIC ACID' ? 'C4 H7 N O4'     133.103 
CYS 'L-peptide linking' y CYSTEINE        ? 'C3 H7 N O2 S'   121.158 
GLN 'L-peptide linking' y GLUTAMINE       ? 'C5 H10 N2 O3'   146.144 
GLU 'L-peptide linking' y 'GLUTAMIC ACID' ? 'C5 H9 N O4'     147.129 
GLY 'peptide linking'   y GLYCINE         ? 'C2 H5 N O2'     75.067  
HIS 'L-peptide linking' y HISTIDINE       ? 'C6 H10 N3 O2 1' 156.162 
HOH non-polymer         . WATER           ? 'H2 O'           18.015  
ILE 'L-peptide linking' y ISOLEUCINE      ? 'C6 H13 N O2'    131.173 
LEU 'L-peptide linking' y LEUCINE         ? 'C6 H13 N O2'    131.173 
LYS 'L-peptide linking' y LYSINE          ? 'C6 H15 N2 O2 1' 147.195 
MET 'L-peptide linking' y METHIONINE      ? 'C5 H11 N O2 S'  149.211 
PHE 'L-peptide linking' y PHENYLALANINE   ? 'C9 H11 N O2'    165.189 
PRO 'L-peptide linking' y PROLINE         ? 'C5 H9 N O2'     115.130 
SER 'L-peptide linking' y SERINE          ? 'C3 H7 N O3'     105.093 
THR 'L-peptide linking' y THREONINE       ? 'C4 H9 N O3'     119.119 
TYR 'L-peptide linking' y TYROSINE        ? 'C9 H11 N O3'    181.189 
VAL 'L-peptide linking' y VALINE          ? 'C5 H11 N O2'    117.146 
# 
_exptl.entry_id          3CY6 
_exptl.method            'X-RAY DIFFRACTION' 
_exptl.crystals_number   1 
# 
_exptl_crystal.id                    1 
_exptl_crystal.density_meas          ? 
_exptl_crystal.density_Matthews      2.90 
_exptl_crystal.density_percent_sol   57.61 
_exptl_crystal.description           ? 
_exptl_crystal.F_000                 ? 
_exptl_crystal.preparation           ? 
# 
_exptl_crystal_grow.crystal_id      1 
_exptl_crystal_grow.method          'VAPOR DIFFUSION, HANGING DROP' 
_exptl_crystal_grow.temp            298 
_exptl_crystal_grow.temp_details    ? 
_exptl_crystal_grow.pH              7.5 
_exptl_crystal_grow.pdbx_pH_range   ? 
_exptl_crystal_grow.pdbx_details    
'1.5 M sodium citrate, 50 mM HEPES, 10 mM DTT, pH 7.5, VAPOR DIFFUSION, HANGING DROP, temperature 298K' 
# 
_diffrn.id                     1 
_diffrn.ambient_temp           100 
_diffrn.ambient_temp_details   ? 
_diffrn.crystal_id             1 
# 
_diffrn_detector.diffrn_id              1 
_diffrn_detector.detector               CCD 
_diffrn_detector.type                   'ADSC QUANTUM 315' 
_diffrn_detector.pdbx_collection_date   2006-03-11 
_diffrn_detector.details                'BENT CONICAL Si MIRROR (Rh COATED)' 
# 
_diffrn_radiation.diffrn_id                        1 
_diffrn_radiation.wavelength_id                    1 
_diffrn_radiation.pdbx_monochromatic_or_laue_m_l   M 
_diffrn_radiation.monochromator                    'BENT Ge(111)' 
_diffrn_radiation.pdbx_diffrn_protocol             'SINGLE WAVELENGTH' 
_diffrn_radiation.pdbx_scattering_type             x-ray 
# 
_diffrn_radiation_wavelength.id           1 
_diffrn_radiation_wavelength.wavelength   0.9 
_diffrn_radiation_wavelength.wt           1.0 
# 
_diffrn_source.diffrn_id                   1 
_diffrn_source.source                      SYNCHROTRON 
_diffrn_source.type                        'APS BEAMLINE 14-BM-C' 
_diffrn_source.pdbx_synchrotron_site       APS 
_diffrn_source.pdbx_synchrotron_beamline   14-BM-C 
_diffrn_source.pdbx_wavelength             ? 
_diffrn_source.pdbx_wavelength_list        0.9 
# 
_reflns.entry_id                     3CY6 
_reflns.observed_criterion_sigma_I   0 
_reflns.observed_criterion_sigma_F   0 
_reflns.d_resolution_low             30 
_reflns.d_resolution_high            1.35 
_reflns.number_obs                   53400 
_reflns.number_all                   53400 
_reflns.percent_possible_obs         98.6 
_reflns.pdbx_Rmerge_I_obs            0.073 
_reflns.pdbx_Rsym_value              ? 
_reflns.pdbx_netI_over_sigmaI        25.2 
_reflns.B_iso_Wilson_estimate        ? 
_reflns.pdbx_redundancy              7.1 
_reflns.R_free_details               ? 
_reflns.limit_h_max                  ? 
_reflns.limit_h_min                  ? 
_reflns.limit_k_max                  ? 
_reflns.limit_k_min                  ? 
_reflns.limit_l_max                  ? 
_reflns.limit_l_min                  ? 
_reflns.observed_criterion_F_max     ? 
_reflns.observed_criterion_F_min     ? 
_reflns.pdbx_chi_squared             ? 
_reflns.pdbx_scaling_rejects         ? 
_reflns.pdbx_diffrn_id               1 
_reflns.pdbx_ordinal                 1 
# 
_reflns_shell.d_res_high             1.35 
_reflns_shell.d_res_low              1.40 
_reflns_shell.percent_possible_all   98.7 
_reflns_shell.Rmerge_I_obs           0.607 
_reflns_shell.pdbx_Rsym_value        ? 
_reflns_shell.meanI_over_sigI_obs    2.3 
_reflns_shell.pdbx_redundancy        4.8 
_reflns_shell.percent_possible_obs   ? 
_reflns_shell.number_unique_all      ? 
_reflns_shell.number_measured_all    ? 
_reflns_shell.number_measured_obs    ? 
_reflns_shell.number_unique_obs      ? 
_reflns_shell.pdbx_chi_squared       ? 
_reflns_shell.pdbx_diffrn_id         ? 
_reflns_shell.pdbx_ordinal           1 
# 
_refine.entry_id                                 3CY6 
_refine.ls_number_reflns_obs                     50614 
_refine.ls_number_reflns_all                     53337 
_refine.pdbx_ls_sigma_I                          ? 
_refine.pdbx_ls_sigma_F                          ? 
_refine.pdbx_data_cutoff_high_absF               ? 
_refine.pdbx_data_cutoff_low_absF                ? 
_refine.pdbx_data_cutoff_high_rms_absF           ? 
_refine.ls_d_res_low                             30 
_refine.ls_d_res_high                            1.35 
_refine.ls_percent_reflns_obs                    98.54 
_refine.ls_R_factor_obs                          .15516 
_refine.ls_R_factor_all                          ? 
_refine.ls_R_factor_R_work                       .15444 
_refine.ls_R_factor_R_free                       .16837 
_refine.ls_R_factor_R_free_error                 ? 
_refine.ls_R_factor_R_free_error_details         ? 
_refine.ls_percent_reflns_R_free                 5.1 
_refine.ls_number_reflns_R_free                  2723 
_refine.ls_number_parameters                     ? 
_refine.ls_number_restraints                     ? 
_refine.occupancy_min                            ? 
_refine.occupancy_max                            ? 
_refine.correlation_coeff_Fo_to_Fc               .977 
_refine.correlation_coeff_Fo_to_Fc_free          .972 
_refine.B_iso_mean                               13.051 
_refine.aniso_B[1][1]                            .19 
_refine.aniso_B[2][2]                            .19 
_refine.aniso_B[3][3]                            -.28 
_refine.aniso_B[1][2]                            .09 
_refine.aniso_B[1][3]                            .00 
_refine.aniso_B[2][3]                            .00 
_refine.solvent_model_details                    MASK 
_refine.solvent_model_param_ksol                 ? 
_refine.solvent_model_param_bsol                 ? 
_refine.pdbx_solvent_vdw_probe_radii             1.40 
_refine.pdbx_solvent_ion_probe_radii             .80 
_refine.pdbx_solvent_shrinkage_radii             .80 
_refine.pdbx_ls_cross_valid_method               THROUGHOUT 
_refine.details                                  'HYDROGENS HAVE BEEN ADDED IN THE RIDING POSITIONS' 
_refine.pdbx_starting_model                      'pdb entry 1P5F' 
_refine.pdbx_method_to_determine_struct          'MOLECULAR REPLACEMENT' 
_refine.pdbx_isotropic_thermal_model             ? 
_refine.pdbx_stereochemistry_target_values       'MAXIMUM LIKELIHOOD' 
_refine.pdbx_stereochem_target_val_spec_case     ? 
_refine.pdbx_R_Free_selection_details            RANDOM 
_refine.pdbx_overall_ESU_R                       .041 
_refine.pdbx_overall_ESU_R_Free                  .041 
_refine.overall_SU_ML                            .027 
_refine.pdbx_overall_phase_error                 ? 
_refine.overall_SU_B                             .646 
_refine.ls_redundancy_reflns_obs                 ? 
_refine.B_iso_min                                ? 
_refine.B_iso_max                                ? 
_refine.overall_SU_R_Cruickshank_DPI             ? 
_refine.overall_SU_R_free                        ? 
_refine.ls_wR_factor_R_free                      ? 
_refine.ls_wR_factor_R_work                      ? 
_refine.overall_FOM_free_R_set                   ? 
_refine.overall_FOM_work_R_set                   ? 
_refine.pdbx_refine_id                           'X-RAY DIFFRACTION' 
_refine.pdbx_diffrn_id                           1 
_refine.pdbx_TLS_residual_ADP_flag               ? 
_refine.pdbx_overall_SU_R_free_Cruickshank_DPI   ? 
_refine.pdbx_overall_SU_R_Blow_DPI               ? 
_refine.pdbx_overall_SU_R_free_Blow_DPI          ? 
# 
_refine_analyze.entry_id                        3CY6 
_refine_analyze.Luzzati_coordinate_error_obs    0.040 
_refine_analyze.Luzzati_sigma_a_obs             0.027 
_refine_analyze.Luzzati_d_res_low_obs           ? 
_refine_analyze.Luzzati_coordinate_error_free   0.041 
_refine_analyze.Luzzati_sigma_a_free            ? 
_refine_analyze.Luzzati_d_res_low_free          ? 
_refine_analyze.number_disordered_residues      ? 
_refine_analyze.occupancy_sum_hydrogen          ? 
_refine_analyze.occupancy_sum_non_hydrogen      ? 
_refine_analyze.pdbx_Luzzati_d_res_high_obs     ? 
_refine_analyze.pdbx_refine_id                  'X-RAY DIFFRACTION' 
# 
_refine_hist.pdbx_refine_id                   'X-RAY DIFFRACTION' 
_refine_hist.cycle_id                         LAST 
_refine_hist.pdbx_number_atoms_protein        1418 
_refine_hist.pdbx_number_atoms_nucleic_acid   0 
_refine_hist.pdbx_number_atoms_ligand         0 
_refine_hist.number_atoms_solvent             193 
_refine_hist.number_atoms_total               1611 
_refine_hist.d_res_high                       1.35 
_refine_hist.d_res_low                        30 
# 
loop_
_refine_ls_restr.type 
_refine_ls_restr.dev_ideal 
_refine_ls_restr.dev_ideal_target 
_refine_ls_restr.weight 
_refine_ls_restr.number 
_refine_ls_restr.pdbx_refine_id 
_refine_ls_restr.pdbx_restraint_function 
r_bond_refined_d             .014   .022   ? 1441 'X-RAY DIFFRACTION' ? 
r_bond_other_d               .000   .020   ? 974  'X-RAY DIFFRACTION' ? 
r_angle_refined_deg          1.428  1.992  ? 1957 'X-RAY DIFFRACTION' ? 
r_angle_other_deg            .817   3.000  ? 2416 'X-RAY DIFFRACTION' ? 
r_dihedral_angle_1_deg       6.390  5.000  ? 197  'X-RAY DIFFRACTION' ? 
r_dihedral_angle_2_deg       39.031 25.660 ? 53   'X-RAY DIFFRACTION' ? 
r_dihedral_angle_3_deg       12.596 15.000 ? 262  'X-RAY DIFFRACTION' ? 
r_dihedral_angle_4_deg       21.942 15.000 ? 7    'X-RAY DIFFRACTION' ? 
r_chiral_restr               .093   .200   ? 230  'X-RAY DIFFRACTION' ? 
r_gen_planes_refined         .006   .020   ? 1635 'X-RAY DIFFRACTION' ? 
r_gen_planes_other           .002   .020   ? 248  'X-RAY DIFFRACTION' ? 
r_nbd_refined                .251   .200   ? 315  'X-RAY DIFFRACTION' ? 
r_nbd_other                  .213   .200   ? 1054 'X-RAY DIFFRACTION' ? 
r_nbtor_refined              .175   .200   ? 728  'X-RAY DIFFRACTION' ? 
r_nbtor_other                .091   .200   ? 767  'X-RAY DIFFRACTION' ? 
r_xyhbond_nbd_refined        .290   .200   ? 128  'X-RAY DIFFRACTION' ? 
r_xyhbond_nbd_other          ?      ?      ? ?    'X-RAY DIFFRACTION' ? 
r_metal_ion_refined          ?      ?      ? ?    'X-RAY DIFFRACTION' ? 
r_metal_ion_other            ?      ?      ? ?    'X-RAY DIFFRACTION' ? 
r_symmetry_vdw_refined       .231   .200   ? 14   'X-RAY DIFFRACTION' ? 
r_symmetry_vdw_other         .297   .200   ? 38   'X-RAY DIFFRACTION' ? 
r_symmetry_hbond_refined     .360   .200   ? 25   'X-RAY DIFFRACTION' ? 
r_symmetry_hbond_other       ?      ?      ? ?    'X-RAY DIFFRACTION' ? 
r_symmetry_metal_ion_refined ?      ?      ? ?    'X-RAY DIFFRACTION' ? 
r_symmetry_metal_ion_other   ?      ?      ? ?    'X-RAY DIFFRACTION' ? 
r_mcbond_it                  2.387  1.000  ? 1245 'X-RAY DIFFRACTION' ? 
r_mcbond_other               .320   1.000  ? 392  'X-RAY DIFFRACTION' ? 
r_mcangle_it                 2.647  2.000  ? 1539 'X-RAY DIFFRACTION' ? 
r_scbond_it                  3.679  1.500  ? 532  'X-RAY DIFFRACTION' ? 
r_scangle_it                 4.765  2.500  ? 418  'X-RAY DIFFRACTION' ? 
r_rigid_bond_restr           ?      ?      ? ?    'X-RAY DIFFRACTION' ? 
r_sphericity_free            ?      ?      ? ?    'X-RAY DIFFRACTION' ? 
r_sphericity_bonded          ?      ?      ? ?    'X-RAY DIFFRACTION' ? 
# 
_refine_ls_shell.pdbx_total_number_of_bins_used   20 
_refine_ls_shell.d_res_high                       1.35 
_refine_ls_shell.d_res_low                        1.383 
_refine_ls_shell.number_reflns_R_work             3693 
_refine_ls_shell.R_factor_R_work                  .236 
_refine_ls_shell.percent_reflns_obs               98.33 
_refine_ls_shell.R_factor_R_free                  .244 
_refine_ls_shell.R_factor_R_free_error            ? 
_refine_ls_shell.percent_reflns_R_free            ? 
_refine_ls_shell.number_reflns_R_free             198 
_refine_ls_shell.number_reflns_all                ? 
_refine_ls_shell.R_factor_all                     ? 
_refine_ls_shell.redundancy_reflns_obs            ? 
_refine_ls_shell.number_reflns_obs                ? 
_refine_ls_shell.pdbx_refine_id                   'X-RAY DIFFRACTION' 
# 
_struct.entry_id                  3CY6 
_struct.title                     'Crystal Structure of E18Q DJ-1' 
_struct.pdbx_model_details        ? 
_struct.pdbx_CASP_flag            ? 
_struct.pdbx_model_type_details   ? 
# 
_struct_keywords.entry_id        3CY6 
_struct_keywords.pdbx_keywords   'UNKNOWN FUNCTION' 
_struct_keywords.text            
'REACTIVE CYSTEINE, CHAPERONE, CYTOPLASM, NUCLEUS, ONCOGENE, OXIDATION, PARKINSON DISEASE, UNKNOWN FUNCTION' 
# 
loop_
_struct_asym.id 
_struct_asym.pdbx_blank_PDB_chainid_flag 
_struct_asym.pdbx_modified 
_struct_asym.entity_id 
_struct_asym.details 
A N N 1 ? 
B N N 2 ? 
# 
_struct_biol.id        1 
_struct_biol.details   ? 
# 
loop_
_struct_conf.conf_type_id 
_struct_conf.id 
_struct_conf.pdbx_PDB_helix_id 
_struct_conf.beg_label_comp_id 
_struct_conf.beg_label_asym_id 
_struct_conf.beg_label_seq_id 
_struct_conf.pdbx_beg_PDB_ins_code 
_struct_conf.end_label_comp_id 
_struct_conf.end_label_asym_id 
_struct_conf.end_label_seq_id 
_struct_conf.pdbx_end_PDB_ins_code 
_struct_conf.beg_auth_comp_id 
_struct_conf.beg_auth_asym_id 
_struct_conf.beg_auth_seq_id 
_struct_conf.end_auth_comp_id 
_struct_conf.end_auth_asym_id 
_struct_conf.end_auth_seq_id 
_struct_conf.pdbx_PDB_helix_class 
_struct_conf.details 
_struct_conf.pdbx_PDB_helix_length 
HELX_P HELX_P1  1  GLU A 15  ? ALA A 29  ? GLU A 15  ALA A 29  1 ? 15 
HELX_P HELX_P2  2  LEU A 58  ? LYS A 62  ? LEU A 58  LYS A 62  1 ? 5  
HELX_P HELX_P3  3  LYS A 63  ? GLY A 65  ? LYS A 63  GLY A 65  5 ? 3  
HELX_P HELX_P4  4  GLY A 75  ? GLU A 84  ? GLY A 75  GLU A 84  1 ? 10 
HELX_P HELX_P5  5  SER A 85  ? ARG A 98  ? SER A 85  ARG A 98  1 ? 14 
HELX_P HELX_P6  6  PRO A 109 ? HIS A 115 ? PRO A 109 HIS A 115 1 ? 7  
HELX_P HELX_P7  7  HIS A 126 ? LEU A 128 ? HIS A 126 LEU A 128 5 ? 3  
HELX_P HELX_P8  8  ALA A 129 ? MET A 134 ? ALA A 129 MET A 134 1 ? 6  
HELX_P HELX_P9  9  GLY A 157 ? GLY A 159 ? GLY A 157 GLY A 159 5 ? 3  
HELX_P HELX_P10 10 THR A 160 ? GLY A 174 ? THR A 160 GLY A 174 1 ? 15 
HELX_P HELX_P11 11 GLY A 174 ? ALA A 183 ? GLY A 174 ALA A 183 1 ? 10 
HELX_P HELX_P12 12 PRO A 184 ? VAL A 186 ? PRO A 184 VAL A 186 5 ? 3  
# 
_struct_conf_type.id          HELX_P 
_struct_conf_type.criteria    ? 
_struct_conf_type.reference   ? 
# 
_struct_mon_prot_cis.pdbx_id                1 
_struct_mon_prot_cis.label_comp_id          GLY 
_struct_mon_prot_cis.label_seq_id           65 
_struct_mon_prot_cis.label_asym_id          A 
_struct_mon_prot_cis.label_alt_id           . 
_struct_mon_prot_cis.pdbx_PDB_ins_code      ? 
_struct_mon_prot_cis.auth_comp_id           GLY 
_struct_mon_prot_cis.auth_seq_id            65 
_struct_mon_prot_cis.auth_asym_id           A 
_struct_mon_prot_cis.pdbx_label_comp_id_2   PRO 
_struct_mon_prot_cis.pdbx_label_seq_id_2    66 
_struct_mon_prot_cis.pdbx_label_asym_id_2   A 
_struct_mon_prot_cis.pdbx_PDB_ins_code_2    ? 
_struct_mon_prot_cis.pdbx_auth_comp_id_2    PRO 
_struct_mon_prot_cis.pdbx_auth_seq_id_2     66 
_struct_mon_prot_cis.pdbx_auth_asym_id_2    A 
_struct_mon_prot_cis.pdbx_PDB_model_num     1 
_struct_mon_prot_cis.pdbx_omega_angle       1.75 
# 
loop_
_struct_sheet.id 
_struct_sheet.type 
_struct_sheet.number_strands 
_struct_sheet.details 
A ? 7 ? 
B ? 2 ? 
C ? 2 ? 
# 
loop_
_struct_sheet_order.sheet_id 
_struct_sheet_order.range_id_1 
_struct_sheet_order.range_id_2 
_struct_sheet_order.offset 
_struct_sheet_order.sense 
A 1 2 ? parallel      
A 2 3 ? parallel      
A 3 4 ? parallel      
A 4 5 ? parallel      
A 5 6 ? parallel      
A 6 7 ? anti-parallel 
B 1 2 ? anti-parallel 
C 1 2 ? parallel      
# 
loop_
_struct_sheet_range.sheet_id 
_struct_sheet_range.id 
_struct_sheet_range.beg_label_comp_id 
_struct_sheet_range.beg_label_asym_id 
_struct_sheet_range.beg_label_seq_id 
_struct_sheet_range.pdbx_beg_PDB_ins_code 
_struct_sheet_range.end_label_comp_id 
_struct_sheet_range.end_label_asym_id 
_struct_sheet_range.end_label_seq_id 
_struct_sheet_range.pdbx_end_PDB_ins_code 
_struct_sheet_range.beg_auth_comp_id 
_struct_sheet_range.beg_auth_asym_id 
_struct_sheet_range.beg_auth_seq_id 
_struct_sheet_range.end_auth_comp_id 
_struct_sheet_range.end_auth_asym_id 
_struct_sheet_range.end_auth_seq_id 
A 1 ALA A 56  ? SER A 57  ? ALA A 56  SER A 57  
A 2 LYS A 32  ? GLY A 37  ? LYS A 32  GLY A 37  
A 3 ARG A 5   ? LEU A 10  ? ARG A 5   LEU A 10  
A 4 VAL A 69  ? LEU A 72  ? VAL A 69  LEU A 72  
A 5 LEU A 101 ? ILE A 105 ? LEU A 101 ILE A 105 
A 6 ILE A 152 ? SER A 155 ? ILE A 152 SER A 155 
A 7 VAL A 146 ? ASP A 149 ? VAL A 146 ASP A 149 
B 1 VAL A 44  ? GLN A 45  ? VAL A 44  GLN A 45  
B 2 VAL A 51  ? ILE A 52  ? VAL A 51  ILE A 52  
C 1 LYS A 122 ? VAL A 123 ? LYS A 122 VAL A 123 
C 2 THR A 140 ? TYR A 141 ? THR A 140 TYR A 141 
# 
loop_
_pdbx_struct_sheet_hbond.sheet_id 
_pdbx_struct_sheet_hbond.range_id_1 
_pdbx_struct_sheet_hbond.range_id_2 
_pdbx_struct_sheet_hbond.range_1_label_atom_id 
_pdbx_struct_sheet_hbond.range_1_label_comp_id 
_pdbx_struct_sheet_hbond.range_1_label_asym_id 
_pdbx_struct_sheet_hbond.range_1_label_seq_id 
_pdbx_struct_sheet_hbond.range_1_PDB_ins_code 
_pdbx_struct_sheet_hbond.range_1_auth_atom_id 
_pdbx_struct_sheet_hbond.range_1_auth_comp_id 
_pdbx_struct_sheet_hbond.range_1_auth_asym_id 
_pdbx_struct_sheet_hbond.range_1_auth_seq_id 
_pdbx_struct_sheet_hbond.range_2_label_atom_id 
_pdbx_struct_sheet_hbond.range_2_label_comp_id 
_pdbx_struct_sheet_hbond.range_2_label_asym_id 
_pdbx_struct_sheet_hbond.range_2_label_seq_id 
_pdbx_struct_sheet_hbond.range_2_PDB_ins_code 
_pdbx_struct_sheet_hbond.range_2_auth_atom_id 
_pdbx_struct_sheet_hbond.range_2_auth_comp_id 
_pdbx_struct_sheet_hbond.range_2_auth_asym_id 
_pdbx_struct_sheet_hbond.range_2_auth_seq_id 
A 1 2 O ALA A 56  ? O ALA A 56  N GLY A 37  ? N GLY A 37  
A 2 3 O ALA A 36  ? O ALA A 36  N LEU A 10  ? N LEU A 10  
A 3 4 N LEU A 7   ? N LEU A 7   O VAL A 71  ? O VAL A 71  
A 4 5 N VAL A 70  ? N VAL A 70  O ALA A 103 ? O ALA A 103 
A 5 6 N ILE A 102 ? N ILE A 102 O LEU A 153 ? O LEU A 153 
A 6 7 O THR A 154 ? O THR A 154 N GLU A 147 ? N GLU A 147 
B 1 2 N VAL A 44  ? N VAL A 44  O ILE A 52  ? O ILE A 52  
C 1 2 N VAL A 123 ? N VAL A 123 O THR A 140 ? O THR A 140 
# 
_atom_sites.entry_id                    3CY6 
_atom_sites.fract_transf_matrix[1][1]   0.00746471 
_atom_sites.fract_transf_matrix[1][2]   -0.00763305 
_atom_sites.fract_transf_matrix[1][3]   0.01115641 
_atom_sites.fract_transf_matrix[2][1]   -0.00593644 
_atom_sites.fract_transf_matrix[2][2]   -0.00060961 
_atom_sites.fract_transf_matrix[2][3]   0.01424119 
_atom_sites.fract_transf_matrix[3][1]   -0.00654125 
_atom_sites.fract_transf_matrix[3][2]   -0.01107528 
_atom_sites.fract_transf_matrix[3][3]   -0.00320081 
_atom_sites.fract_transf_vector[1]      -0.119432 
_atom_sites.fract_transf_vector[2]      0.470827 
_atom_sites.fract_transf_vector[3]      0.014205 
# 
loop_
_atom_type.symbol 
C 
N 
O 
S 
# 
loop_
_atom_site.group_PDB 
_atom_site.id 
_atom_site.type_symbol 
_atom_site.label_atom_id 
_atom_site.label_alt_id 
_atom_site.label_comp_id 
_atom_site.label_asym_id 
_atom_site.label_entity_id 
_atom_site.label_seq_id 
_atom_site.pdbx_PDB_ins_code 
_atom_site.Cartn_x 
_atom_site.Cartn_y 
_atom_site.Cartn_z 
_atom_site.occupancy 
_atom_site.B_iso_or_equiv 
_atom_site.pdbx_formal_charge 
_atom_site.auth_seq_id 
_atom_site.auth_comp_id 
_atom_site.auth_asym_id 
_atom_site.auth_atom_id 
_atom_site.pdbx_PDB_model_num 
ATOM   1    N N   . SER A 1 3   ? 10.233  0.831   15.790  1.00 32.85 ? 3   SER A N   1 
ATOM   2    C CA  . SER A 1 3   ? 10.881  2.152   15.539  1.00 29.70 ? 3   SER A CA  1 
ATOM   3    C C   . SER A 1 3   ? 10.176  2.855   14.390  1.00 23.70 ? 3   SER A C   1 
ATOM   4    O O   . SER A 1 3   ? 9.514   3.852   14.591  1.00 26.92 ? 3   SER A O   1 
ATOM   5    C CB  . SER A 1 3   ? 12.350  1.987   15.196  1.00 36.71 ? 3   SER A CB  1 
ATOM   6    O OG  . SER A 1 3   ? 13.096  3.107   15.649  1.00 43.09 ? 3   SER A OG  1 
ATOM   7    N N   . LYS A 1 4   ? 10.289  2.302   13.195  1.00 18.62 ? 4   LYS A N   1 
ATOM   8    C CA  . LYS A 1 4   ? 9.503   2.798   12.052  1.00 18.58 ? 4   LYS A CA  1 
ATOM   9    C C   . LYS A 1 4   ? 8.040   2.377   12.181  1.00 17.16 ? 4   LYS A C   1 
ATOM   10   O O   . LYS A 1 4   ? 7.719   1.379   12.832  1.00 16.60 ? 4   LYS A O   1 
ATOM   11   C CB  . LYS A 1 4   ? 10.085  2.270   10.743  1.00 20.04 ? 4   LYS A CB  1 
ATOM   12   C CG  . LYS A 1 4   ? 11.551  2.611   10.476  1.00 24.49 ? 4   LYS A CG  1 
ATOM   13   C CD  . LYS A 1 4   ? 11.734  4.071   10.123  1.00 26.54 ? 4   LYS A CD  1 
ATOM   14   C CE  . LYS A 1 4   ? 13.201  4.382   9.776   1.00 29.79 ? 4   LYS A CE  1 
ATOM   15   N NZ  . LYS A 1 4   ? 13.391  5.725   9.200   1.00 35.31 ? 4   LYS A NZ  1 
ATOM   16   N N   . ARG A 1 5   ? 7.158   3.146   11.556  1.00 15.02 ? 5   ARG A N   1 
ATOM   17   C CA  . ARG A 1 5   ? 5.721   2.981   11.665  1.00 14.29 ? 5   ARG A CA  1 
ATOM   18   C C   . ARG A 1 5   ? 5.102   2.940   10.263  1.00 12.78 ? 5   ARG A C   1 
ATOM   19   O O   . ARG A 1 5   ? 5.468   3.739   9.404   1.00 14.09 ? 5   ARG A O   1 
ATOM   20   C CB  . ARG A 1 5   ? 5.092   4.153   12.422  1.00 17.66 ? 5   ARG A CB  1 
ATOM   21   C CG  . ARG A 1 5   ? 5.540   4.245   13.890  1.00 19.24 ? 5   ARG A CG  1 
ATOM   22   C CD  . ARG A 1 5   ? 5.081   5.561   14.491  1.00 26.68 ? 5   ARG A CD  1 
ATOM   23   N NE  . ARG A 1 5   ? 3.682   5.489   14.870  1.00 29.39 ? 5   ARG A NE  1 
ATOM   24   C CZ  . ARG A 1 5   ? 2.763   6.378   14.516  1.00 34.62 ? 5   ARG A CZ  1 
ATOM   25   N NH1 . ARG A 1 5   ? 3.094   7.406   13.751  1.00 37.02 ? 5   ARG A NH1 1 
ATOM   26   N NH2 . ARG A 1 5   ? 1.508   6.229   14.924  1.00 35.99 ? 5   ARG A NH2 1 
ATOM   27   N N   . ALA A 1 6   ? 4.151   2.030   10.075  1.00 12.87 ? 6   ALA A N   1 
ATOM   28   C CA  . ALA A 1 6   ? 3.440   1.862   8.803   1.00 11.74 ? 6   ALA A CA  1 
ATOM   29   C C   . ALA A 1 6   ? 1.962   1.986   9.027   1.00 11.53 ? 6   ALA A C   1 
ATOM   30   O O   . ALA A 1 6   ? 1.380   1.429   9.996   1.00 13.34 ? 6   ALA A O   1 
ATOM   31   C CB  . ALA A 1 6   ? 3.755   0.510   8.193   1.00 11.44 ? 6   ALA A CB  1 
ATOM   32   N N   . LEU A 1 7   ? 1.267   2.688   8.133   1.00 11.64 ? 7   LEU A N   1 
ATOM   33   C CA  . LEU A 1 7   ? -0.180  2.733   8.085   1.00 11.52 ? 7   LEU A CA  1 
ATOM   34   C C   . LEU A 1 7   ? -0.629  1.908   6.875   1.00 12.39 ? 7   LEU A C   1 
ATOM   35   O O   . LEU A 1 7   ? -0.215  2.203   5.744   1.00 13.23 ? 7   LEU A O   1 
ATOM   36   C CB  . LEU A 1 7   ? -0.642  4.187   7.898   1.00 12.93 ? 7   LEU A CB  1 
ATOM   37   C CG  . LEU A 1 7   ? -2.131  4.419   7.785   1.00 12.36 ? 7   LEU A CG  1 
ATOM   38   C CD1 . LEU A 1 7   ? -2.889  4.036   9.106   1.00 15.26 ? 7   LEU A CD1 1 
ATOM   39   C CD2 . LEU A 1 7   ? -2.448  5.870   7.395   1.00 15.62 ? 7   LEU A CD2 1 
ATOM   40   N N   . VAL A 1 8   ? -1.461  0.894   7.079   1.00 11.29 ? 8   VAL A N   1 
ATOM   41   C CA  . VAL A 1 8   ? -2.036  0.119   5.975   1.00 10.54 ? 8   VAL A CA  1 
ATOM   42   C C   . VAL A 1 8   ? -3.511  0.433   5.954   1.00 11.33 ? 8   VAL A C   1 
ATOM   43   O O   . VAL A 1 8   ? -4.220  0.189   6.948   1.00 12.17 ? 8   VAL A O   1 
ATOM   44   C CB  . VAL A 1 8   ? -1.798  -1.384  6.221   1.00 10.12 ? 8   VAL A CB  1 
ATOM   45   C CG1 . VAL A 1 8   ? -2.485  -2.220  5.127   1.00 12.55 ? 8   VAL A CG1 1 
ATOM   46   C CG2 . VAL A 1 8   ? -0.338  -1.697  6.262   1.00 11.44 ? 8   VAL A CG2 1 
ATOM   47   N N   . ILE A 1 9   ? -4.001  0.997   4.850   1.00 11.10 ? 9   ILE A N   1 
ATOM   48   C CA  . ILE A 1 9   ? -5.362  1.460   4.765   1.00 10.56 ? 9   ILE A CA  1 
ATOM   49   C C   . ILE A 1 9   ? -6.226  0.373   4.169   1.00 11.22 ? 9   ILE A C   1 
ATOM   50   O O   . ILE A 1 9   ? -5.997  -0.016  3.011   1.00 12.50 ? 9   ILE A O   1 
ATOM   51   C CB  . ILE A 1 9   ? -5.531  2.787   3.981   1.00 12.23 ? 9   ILE A CB  1 
ATOM   52   C CG1 . ILE A 1 9   ? -4.589  3.826   4.544   1.00 11.98 ? 9   ILE A CG1 1 
ATOM   53   C CG2 . ILE A 1 9   ? -6.971  3.230   4.067   1.00 12.66 ? 9   ILE A CG2 1 
ATOM   54   C CD1 . ILE A 1 9   ? -4.667  5.200   3.825   1.00 13.21 ? 9   ILE A CD1 1 
ATOM   55   N N   . LEU A 1 10  ? -7.193  -0.129  4.926   1.00 11.32 ? 10  LEU A N   1 
ATOM   56   C CA  . LEU A 1 10  ? -7.981  -1.300  4.588   1.00 10.68 ? 10  LEU A CA  1 
ATOM   57   C C   . LEU A 1 10  ? -9.422  -0.933  4.272   1.00 11.58 ? 10  LEU A C   1 
ATOM   58   O O   . LEU A 1 10  ? -10.194 -0.533  5.167   1.00 12.54 ? 10  LEU A O   1 
ATOM   59   C CB  . LEU A 1 10  ? -7.902  -2.318  5.730   1.00 11.75 ? 10  LEU A CB  1 
ATOM   60   C CG  . LEU A 1 10  ? -8.769  -3.572  5.563   1.00 12.20 ? 10  LEU A CG  1 
ATOM   61   C CD1 . LEU A 1 10  ? -8.471  -4.319  4.250   1.00 13.55 ? 10  LEU A CD1 1 
ATOM   62   C CD2 . LEU A 1 10  ? -8.574  -4.507  6.790   1.00 14.29 ? 10  LEU A CD2 1 
ATOM   63   N N   . ALA A 1 11  ? -9.780  -1.101  3.012   1.00 11.21 ? 11  ALA A N   1 
ATOM   64   C CA  . ALA A 1 11  ? -11.110 -0.786  2.497   1.00 11.33 ? 11  ALA A CA  1 
ATOM   65   C C   . ALA A 1 11  ? -11.871 -2.027  2.094   1.00 11.92 ? 11  ALA A C   1 
ATOM   66   O O   . ALA A 1 11  ? -11.278 -3.028  1.696   1.00 11.61 ? 11  ALA A O   1 
ATOM   67   C CB  . ALA A 1 11  ? -10.968 0.136   1.279   1.00 15.15 ? 11  ALA A CB  1 
ATOM   68   N N   . LYS A 1 12  ? -13.189 -1.988  2.143   1.00 12.03 ? 12  LYS A N   1 
ATOM   69   C CA  . LYS A 1 12  ? -13.999 -3.066  1.632   1.00 11.09 ? 12  LYS A CA  1 
ATOM   70   C C   . LYS A 1 12  ? -13.593 -3.387  0.202   1.00 11.87 ? 12  LYS A C   1 
ATOM   71   O O   . LYS A 1 12  ? -13.385 -2.495  -0.617  1.00 12.02 ? 12  LYS A O   1 
ATOM   72   C CB  . LYS A 1 12  ? -15.481 -2.667  1.670   1.00 13.55 ? 12  LYS A CB  1 
ATOM   73   C CG  . LYS A 1 12  ? -16.379 -3.803  1.279   1.00 16.35 ? 12  LYS A CG  1 
ATOM   74   C CD  . LYS A 1 12  ? -17.860 -3.476  1.489   1.00 20.69 ? 12  LYS A CD  1 
ATOM   75   C CE  . LYS A 1 12  ? -18.755 -4.650  1.118   1.00 25.47 ? 12  LYS A CE  1 
ATOM   76   N NZ  . LYS A 1 12  ? -18.618 -5.023  -0.322  1.00 37.34 ? 12  LYS A NZ  1 
ATOM   77   N N   . GLY A 1 13  ? -13.450 -4.680  -0.096  1.00 10.65 ? 13  GLY A N   1 
ATOM   78   C CA  . GLY A 1 13  ? -13.048 -5.113  -1.413  1.00 10.99 ? 13  GLY A CA  1 
ATOM   79   C C   . GLY A 1 13  ? -11.548 -5.139  -1.651  1.00 10.91 ? 13  GLY A C   1 
ATOM   80   O O   . GLY A 1 13  ? -11.109 -5.429  -2.754  1.00 10.96 ? 13  GLY A O   1 
ATOM   81   N N   . ALA A 1 14  ? -10.760 -4.837  -0.636  1.00 10.52 ? 14  ALA A N   1 
ATOM   82   C CA  . ALA A 1 14  ? -9.309  -4.990  -0.718  1.00 10.17 ? 14  ALA A CA  1 
ATOM   83   C C   . ALA A 1 14  ? -8.933  -6.421  -1.013  1.00 9.92  ? 14  ALA A C   1 
ATOM   84   O O   . ALA A 1 14  ? -9.588  -7.366  -0.568  1.00 10.30 ? 14  ALA A O   1 
ATOM   85   C CB  . ALA A 1 14  ? -8.627  -4.543  0.550   1.00 11.57 ? 14  ALA A CB  1 
ATOM   86   N N   . GLU A 1 15  ? -7.836  -6.589  -1.718  1.00 9.88  ? 15  GLU A N   1 
ATOM   87   C CA  . GLU A 1 15  ? -7.265  -7.918  -1.922  1.00 9.47  ? 15  GLU A CA  1 
ATOM   88   C C   . GLU A 1 15  ? -6.582  -8.345  -0.606  1.00 9.27  ? 15  GLU A C   1 
ATOM   89   O O   . GLU A 1 15  ? -5.599  -7.739  -0.167  1.00 9.48  ? 15  GLU A O   1 
ATOM   90   C CB  . GLU A 1 15  ? -6.304  -7.948  -3.113  1.00 9.50  ? 15  GLU A CB  1 
ATOM   91   C CG  . GLU A 1 15  ? -6.516  -9.154  -4.013  1.00 11.58 ? 15  GLU A CG  1 
ATOM   92   C CD  . GLU A 1 15  ? -6.311  -10.467 -3.288  1.00 11.87 ? 15  GLU A CD  1 
ATOM   93   O OE1 . GLU A 1 15  ? -5.470  -10.518 -2.359  1.00 11.91 ? 15  GLU A OE1 1 
ATOM   94   O OE2 . GLU A 1 15  ? -6.989  -11.459 -3.664  1.00 11.79 ? 15  GLU A OE2 1 
ATOM   95   N N   . GLU A 1 16  ? -7.134  -9.374  0.020   1.00 9.54  ? 16  GLU A N   1 
ATOM   96   C CA  . GLU A 1 16  ? -6.688  -9.769  1.341   1.00 9.39  ? 16  GLU A CA  1 
ATOM   97   C C   . GLU A 1 16  ? -5.253  -10.287 1.344   1.00 9.77  ? 16  GLU A C   1 
ATOM   98   O O   . GLU A 1 16  ? -4.570  -10.109 2.363   1.00 10.21 ? 16  GLU A O   1 
ATOM   99   C CB  . GLU A 1 16  ? -7.637  -10.797 1.962   1.00 10.39 ? 16  GLU A CB  1 
ATOM   100  C CG  . GLU A 1 16  ? -8.093  -11.929 1.067   1.00 10.35 ? 16  GLU A CG  1 
ATOM   101  C CD  . GLU A 1 16  ? -9.409  -11.602 0.360   1.00 11.30 ? 16  GLU A CD  1 
ATOM   102  O OE1 . GLU A 1 16  ? -9.368  -10.785 -0.599  1.00 11.17 ? 16  GLU A OE1 1 
ATOM   103  O OE2 . GLU A 1 16  ? -10.475 -12.145 0.745   1.00 11.04 ? 16  GLU A OE2 1 
ATOM   104  N N   . MET A 1 17  ? -4.787  -10.943 0.284   1.00 9.50  ? 17  MET A N   1 
ATOM   105  C CA  . MET A 1 17  ? -3.382  -11.368 0.245   1.00 9.12  ? 17  MET A CA  1 
ATOM   106  C C   . MET A 1 17  ? -2.459  -10.179 0.252   1.00 9.76  ? 17  MET A C   1 
ATOM   107  O O   . MET A 1 17  ? -1.400  -10.176 0.888   1.00 10.16 ? 17  MET A O   1 
ATOM   108  C CB  . MET A 1 17  ? -3.112  -12.262 -0.947  1.00 10.38 ? 17  MET A CB  1 
ATOM   109  C CG  . MET A 1 17  ? -3.927  -13.524 -0.943  1.00 9.30  ? 17  MET A CG  1 
ATOM   110  S SD  . MET A 1 17  ? -3.577  -14.640 -2.313  1.00 12.13 ? 17  MET A SD  1 
ATOM   111  C CE  . MET A 1 17  ? -4.384  -13.852 -3.713  1.00 11.24 ? 17  MET A CE  1 
ATOM   112  N N   . GLN A 1 18  ? -2.844  -9.122  -0.463  1.00 10.27 ? 18  GLN A N   1 
ATOM   113  C CA  . GLN A 1 18  ? -2.041  -7.916  -0.614  1.00 11.21 ? 18  GLN A CA  1 
ATOM   114  C C   . GLN A 1 18  ? -2.104  -7.059  0.619   1.00 10.23 ? 18  GLN A C   1 
ATOM   115  O O   . GLN A 1 18  ? -1.303  -6.120  0.767   1.00 12.46 ? 18  GLN A O   1 
ATOM   116  C CB  . GLN A 1 18  ? -2.565  -7.111  -1.814  1.00 12.00 ? 18  GLN A CB  1 
ATOM   117  C CG  . GLN A 1 18  ? -2.360  -7.810  -3.118  1.00 12.46 ? 18  GLN A CG  1 
ATOM   118  C CD  . GLN A 1 18  ? -3.078  -7.106  -4.224  1.00 13.90 ? 18  GLN A CD  1 
ATOM   119  O OE1 . GLN A 1 18  ? -3.377  -5.936  -4.099  1.00 12.60 ? 18  GLN A OE1 1 
ATOM   120  N NE2 . GLN A 1 18  ? -3.376  -7.809  -5.323  1.00 14.40 ? 18  GLN A NE2 1 
ATOM   121  N N   . THR A 1 19  ? -3.023  -7.340  1.533   1.00 10.56 ? 19  THR A N   1 
ATOM   122  C CA  . THR A 1 19  ? -3.130  -6.680  2.828   1.00 10.60 ? 19  THR A CA  1 
ATOM   123  C C   . THR A 1 19  ? -2.295  -7.454  3.845   1.00 10.56 ? 19  THR A C   1 
ATOM   124  O O   . THR A 1 19  ? -1.426  -6.898  4.523   1.00 10.79 ? 19  THR A O   1 
ATOM   125  C CB  . THR A 1 19  ? -4.595  -6.612  3.283   1.00 12.24 ? 19  THR A CB  1 
ATOM   126  O OG1 . THR A 1 19  ? -5.345  -5.932  2.266   1.00 12.75 ? 19  THR A OG1 1 
ATOM   127  C CG2 . THR A 1 19  ? -4.751  -5.882  4.634   1.00 14.44 ? 19  THR A CG2 1 
ATOM   128  N N   . VAL A 1 20  ? -2.531  -8.760  3.952   1.00 10.66 ? 20  VAL A N   1 
ATOM   129  C CA  . VAL A 1 20  ? -1.906  -9.562  5.000   1.00 10.74 ? 20  VAL A CA  1 
ATOM   130  C C   . VAL A 1 20  ? -0.425  -9.791  4.773   1.00 9.56  ? 20  VAL A C   1 
ATOM   131  O O   . VAL A 1 20  ? 0.351   -9.762  5.733   1.00 10.05 ? 20  VAL A O   1 
ATOM   132  C CB  . VAL A 1 20  ? -2.672  -10.878 5.145   1.00 11.08 ? 20  VAL A CB  1 
ATOM   133  C CG1 . VAL A 1 20  ? -1.956  -11.864 6.059   1.00 14.30 ? 20  VAL A CG1 1 
ATOM   134  C CG2 . VAL A 1 20  ? -4.076  -10.578 5.659   1.00 12.70 ? 20  VAL A CG2 1 
ATOM   135  N N   . ILE A 1 21  ? 0.028   -9.994  3.524   1.00 8.75  ? 21  ILE A N   1 
ATOM   136  C CA  . ILE A 1 21  ? 1.444   -10.293 3.309   1.00 8.75  ? 21  ILE A CA  1 
ATOM   137  C C   . ILE A 1 21  ? 2.278   -9.065  3.755   1.00 10.30 ? 21  ILE A C   1 
ATOM   138  O O   . ILE A 1 21  ? 3.224   -9.197  4.545   1.00 9.86  ? 21  ILE A O   1 
ATOM   139  C CB  . ILE A 1 21  ? 1.729   -10.766 1.899   1.00 9.32  ? 21  ILE A CB  1 
ATOM   140  C CG1 . ILE A 1 21  ? 1.131   -12.156 1.657   1.00 10.28 ? 21  ILE A CG1 1 
ATOM   141  C CG2 . ILE A 1 21  ? 3.242   -10.774 1.621   1.00 10.16 ? 21  ILE A CG2 1 
ATOM   142  C CD1 . ILE A 1 21  ? 1.012   -12.485 0.125   1.00 11.58 ? 21  ILE A CD1 1 
ATOM   143  N N   . PRO A 1 22  ? 1.943   -7.837  3.297   1.00 8.95  ? 22  PRO A N   1 
ATOM   144  C CA  . PRO A 1 22  ? 2.728   -6.709  3.795   1.00 10.03 ? 22  PRO A CA  1 
ATOM   145  C C   . PRO A 1 22  ? 2.630   -6.477  5.304   1.00 9.58  ? 22  PRO A C   1 
ATOM   146  O O   . PRO A 1 22  ? 3.634   -6.143  5.924   1.00 9.62  ? 22  PRO A O   1 
ATOM   147  C CB  . PRO A 1 22  ? 2.189   -5.519  2.981   1.00 10.54 ? 22  PRO A CB  1 
ATOM   148  C CG  . PRO A 1 22  ? 1.680   -6.157  1.715   1.00 11.33 ? 22  PRO A CG  1 
ATOM   149  C CD  . PRO A 1 22  ? 1.040   -7.432  2.202   1.00 8.88  ? 22  PRO A CD  1 
ATOM   150  N N   . VAL A 1 23  ? 1.455   -6.625  5.880   1.00 9.55  ? 23  VAL A N   1 
ATOM   151  C CA  . VAL A 1 23  ? 1.329   -6.405  7.321   1.00 9.64  ? 23  VAL A CA  1 
ATOM   152  C C   . VAL A 1 23  ? 2.251   -7.361  8.073   1.00 9.78  ? 23  VAL A C   1 
ATOM   153  O O   . VAL A 1 23  ? 2.999   -6.976  8.979   1.00 10.40 ? 23  VAL A O   1 
ATOM   154  C CB  . VAL A 1 23  ? -0.140  -6.558  7.772   1.00 10.42 ? 23  VAL A CB  1 
ATOM   155  C CG1 . VAL A 1 23  ? -0.236  -6.669  9.312   1.00 11.05 ? 23  VAL A CG1 1 
ATOM   156  C CG2 . VAL A 1 23  ? -0.983  -5.366  7.286   1.00 10.91 ? 23  VAL A CG2 1 
ATOM   157  N N   . ASP A 1 24  ? 2.177   -8.633  7.726   1.00 9.29  ? 24  ASP A N   1 
ATOM   158  C CA  . ASP A 1 24  ? 2.931   -9.679  8.397   1.00 9.19  ? 24  ASP A CA  1 
ATOM   159  C C   . ASP A 1 24  ? 4.420   -9.476  8.209   1.00 10.03 ? 24  ASP A C   1 
ATOM   160  O O   . ASP A 1 24  ? 5.200   -9.460  9.182   1.00 10.58 ? 24  ASP A O   1 
ATOM   161  C CB  . ASP A 1 24  ? 2.416   -11.022 7.854   1.00 9.36  ? 24  ASP A CB  1 
ATOM   162  C CG  . ASP A 1 24  ? 2.992   -12.247 8.488   1.00 9.64  ? 24  ASP A CG  1 
ATOM   163  O OD1 . ASP A 1 24  ? 4.178   -12.295 8.760   1.00 10.61 ? 24  ASP A OD1 1 
ATOM   164  O OD2 . ASP A 1 24  ? 2.207   -13.248 8.576   1.00 10.96 ? 24  ASP A OD2 1 
ATOM   165  N N   . VAL A 1 25  ? 4.879   -9.303  6.965   1.00 9.54  ? 25  VAL A N   1 
ATOM   166  C CA  . VAL A 1 25  ? 6.281   -9.112  6.686   1.00 8.86  ? 25  VAL A CA  1 
ATOM   167  C C   . VAL A 1 25  ? 6.817   -7.874  7.364   1.00 8.78  ? 25  VAL A C   1 
ATOM   168  O O   . VAL A 1 25  ? 7.930   -7.896  7.921   1.00 10.02 ? 25  VAL A O   1 
ATOM   169  C CB  . VAL A 1 25  ? 6.538   -9.123  5.166   1.00 9.34  ? 25  VAL A CB  1 
ATOM   170  C CG1 . VAL A 1 25  ? 7.964   -8.688  4.853   1.00 11.69 ? 25  VAL A CG1 1 
ATOM   171  C CG2 . VAL A 1 25  ? 6.269   -10.530 4.599   1.00 10.01 ? 25  VAL A CG2 1 
ATOM   172  N N   . MET A 1 26  ? 6.059   -6.788  7.369   1.00 9.86  ? 26  MET A N   1 
ATOM   173  C CA  . MET A 1 26  ? 6.541   -5.582  8.072   1.00 9.45  ? 26  MET A CA  1 
ATOM   174  C C   . MET A 1 26  ? 6.645   -5.826  9.574   1.00 11.02 ? 26  MET A C   1 
ATOM   175  O O   . MET A 1 26  ? 7.599   -5.345  10.216  1.00 10.43 ? 26  MET A O   1 
ATOM   176  C CB  . MET A 1 26  ? 5.627   -4.411  7.797   1.00 9.45  ? 26  MET A CB  1 
ATOM   177  C CG  . MET A 1 26  ? 5.796   -3.840  6.376   1.00 11.10 ? 26  MET A CG  1 
ATOM   178  S SD  . MET A 1 26  ? 4.923   -2.256  6.102   1.00 11.33 ? 26  MET A SD  1 
ATOM   179  C CE  . MET A 1 26  ? 3.194   -2.755  6.239   1.00 14.04 ? 26  MET A CE  1 
ATOM   180  N N   . ARG A 1 27  ? 5.693   -6.527  10.155  1.00 9.78  ? 27  ARG A N   1 
ATOM   181  C CA  . ARG A 1 27  ? 5.786   -6.851  11.599  1.00 9.43  ? 27  ARG A CA  1 
ATOM   182  C C   . ARG A 1 27  ? 6.975   -7.755  11.875  1.00 10.67 ? 27  ARG A C   1 
ATOM   183  O O   . ARG A 1 27  ? 7.652   -7.569  12.904  1.00 10.99 ? 27  ARG A O   1 
ATOM   184  C CB  . ARG A 1 27  ? 4.459   -7.407  12.114  1.00 10.83 ? 27  ARG A CB  1 
ATOM   185  C CG  . ARG A 1 27  ? 3.394   -6.334  12.252  1.00 10.91 ? 27  ARG A CG  1 
ATOM   186  C CD  . ARG A 1 27  ? 2.091   -6.839  12.868  1.00 10.69 ? 27  ARG A CD  1 
ATOM   187  N NE  . ARG A 1 27  ? 1.187   -5.724  13.129  1.00 10.56 ? 27  ARG A NE  1 
ATOM   188  C CZ  . ARG A 1 27  ? -0.126  -5.736  13.029  1.00 10.69 ? 27  ARG A CZ  1 
ATOM   189  N NH1 . ARG A 1 27  ? -0.779  -6.828  12.707  1.00 10.90 ? 27  ARG A NH1 1 
ATOM   190  N NH2 . ARG A 1 27  ? -0.801  -4.613  13.222  1.00 12.97 ? 27  ARG A NH2 1 
ATOM   191  N N   . ARG A 1 28  ? 7.296   -8.696  10.995  1.00 10.02 ? 28  ARG A N   1 
ATOM   192  C CA  . ARG A 1 28  ? 8.495   -9.506  11.125  1.00 10.62 ? 28  ARG A CA  1 
ATOM   193  C C   . ARG A 1 28  ? 9.739   -8.643  11.169  1.00 10.64 ? 28  ARG A C   1 
ATOM   194  O O   . ARG A 1 28  ? 10.751  -9.013  11.805  1.00 11.97 ? 28  ARG A O   1 
ATOM   195  C CB  . ARG A 1 28  ? 8.567   -10.529 10.009  1.00 10.62 ? 28  ARG A CB  1 
ATOM   196  C CG  . ARG A 1 28  ? 7.561   -11.674 10.140  1.00 10.02 ? 28  ARG A CG  1 
ATOM   197  C CD  . ARG A 1 28  ? 7.583   -12.530 8.911   1.00 10.61 ? 28  ARG A CD  1 
ATOM   198  N NE  . ARG A 1 28  ? 6.674   -13.675 9.030   1.00 10.91 ? 28  ARG A NE  1 
ATOM   199  C CZ  . ARG A 1 28  ? 7.029   -14.930 9.163   1.00 11.46 ? 28  ARG A CZ  1 
ATOM   200  N NH1 . ARG A 1 28  ? 8.305   -15.273 9.224   1.00 11.99 ? 28  ARG A NH1 1 
ATOM   201  N NH2 . ARG A 1 28  ? 6.099   -15.857 9.272   1.00 13.36 ? 28  ARG A NH2 1 
ATOM   202  N N   . ALA A 1 29  ? 9.714   -7.514  10.460  1.00 10.65 ? 29  ALA A N   1 
ATOM   203  C CA  . ALA A 1 29  ? 10.820  -6.571  10.401  1.00 11.43 ? 29  ALA A CA  1 
ATOM   204  C C   . ALA A 1 29  ? 10.863  -5.623  11.596  1.00 12.53 ? 29  ALA A C   1 
ATOM   205  O O   . ALA A 1 29  ? 11.747  -4.747  11.658  1.00 14.71 ? 29  ALA A O   1 
ATOM   206  C CB  . ALA A 1 29  ? 10.707  -5.758  9.107   1.00 12.28 ? 29  ALA A CB  1 
ATOM   207  N N   . GLY A 1 30  ? 9.940   -5.753  12.538  1.00 11.75 ? 30  GLY A N   1 
ATOM   208  C CA  . GLY A 1 30  ? 9.883   -4.856  13.679  1.00 12.41 ? 30  GLY A CA  1 
ATOM   209  C C   . GLY A 1 30  ? 9.318   -3.495  13.398  1.00 13.73 ? 30  GLY A C   1 
ATOM   210  O O   . GLY A 1 30  ? 9.483   -2.569  14.190  1.00 15.13 ? 30  GLY A O   1 
ATOM   211  N N   . ILE A 1 31  ? 8.621   -3.348  12.280  1.00 12.34 ? 31  ILE A N   1 
ATOM   212  C CA  . ILE A 1 31  ? 7.896   -2.129  12.001  1.00 12.87 ? 31  ILE A CA  1 
ATOM   213  C C   . ILE A 1 31  ? 6.603   -2.147  12.776  1.00 12.28 ? 31  ILE A C   1 
ATOM   214  O O   . ILE A 1 31  ? 5.940   -3.183  12.873  1.00 13.10 ? 31  ILE A O   1 
ATOM   215  C CB  . ILE A 1 31  ? 7.625   -2.012  10.483  1.00 11.93 ? 31  ILE A CB  1 
ATOM   216  C CG1 . ILE A 1 31  ? 8.964   -1.931  9.763   1.00 12.41 ? 31  ILE A CG1 1 
ATOM   217  C CG2 . ILE A 1 31  ? 6.726   -0.836  10.179  1.00 12.65 ? 31  ILE A CG2 1 
ATOM   218  C CD1 . ILE A 1 31  ? 8.911   -2.138  8.211   1.00 14.88 ? 31  ILE A CD1 1 
ATOM   219  N N   . LYS A 1 32  ? 6.200   -1.006  13.333  1.00 12.77 ? 32  LYS A N   1 
ATOM   220  C CA  . LYS A 1 32  ? 4.953   -0.876  14.011  1.00 13.35 ? 32  LYS A CA  1 
ATOM   221  C C   . LYS A 1 32  ? 3.851   -0.585  13.016  1.00 12.91 ? 32  LYS A C   1 
ATOM   222  O O   . LYS A 1 32  ? 3.821   0.485   12.442  1.00 14.01 ? 32  LYS A O   1 
ATOM   223  C CB  . LYS A 1 32  ? 5.032   0.250   15.047  1.00 15.78 ? 32  LYS A CB  1 
ATOM   224  C CG  . LYS A 1 32  ? 6.115   0.041   16.124  1.00 20.38 ? 32  LYS A CG  1 
ATOM   225  C CD  . LYS A 1 32  ? 6.416   1.356   16.897  1.00 25.02 ? 32  LYS A CD  1 
ATOM   226  C CE  . LYS A 1 32  ? 5.209   1.774   17.699  1.00 32.34 ? 32  LYS A CE  1 
ATOM   227  N NZ  . LYS A 1 32  ? 5.587   2.178   19.094  1.00 40.23 ? 32  LYS A NZ  1 
ATOM   228  N N   . VAL A 1 33  ? 2.955   -1.534  12.817  1.00 11.56 ? 33  VAL A N   1 
ATOM   229  C CA  . VAL A 1 33  ? 1.965   -1.455  11.735  1.00 11.01 ? 33  VAL A CA  1 
ATOM   230  C C   . VAL A 1 33  ? 0.594   -1.194  12.305  1.00 11.97 ? 33  VAL A C   1 
ATOM   231  O O   . VAL A 1 33  ? 0.169   -1.895  13.245  1.00 12.86 ? 33  VAL A O   1 
ATOM   232  C CB  . VAL A 1 33  ? 1.937   -2.763  10.922  1.00 11.18 ? 33  VAL A CB  1 
ATOM   233  C CG1 . VAL A 1 33  ? 0.896   -2.661  9.770   1.00 12.23 ? 33  VAL A CG1 1 
ATOM   234  C CG2 . VAL A 1 33  ? 3.333   -3.128  10.390  1.00 12.15 ? 33  VAL A CG2 1 
ATOM   235  N N   . THR A 1 34  ? -0.113  -0.214  11.775  1.00 12.16 ? 34  THR A N   1 
ATOM   236  C CA  . THR A 1 34  ? -1.483  0.002   12.078  1.00 11.86 ? 34  THR A CA  1 
ATOM   237  C C   . THR A 1 34  ? -2.362  -0.336  10.880  1.00 12.85 ? 34  THR A C   1 
ATOM   238  O O   . THR A 1 34  ? -2.241  0.323   9.814   1.00 13.43 ? 34  THR A O   1 
ATOM   239  C CB  . THR A 1 34  ? -1.742  1.483   12.464  1.00 14.12 ? 34  THR A CB  1 
ATOM   240  O OG1 . THR A 1 34  ? -0.909  1.827   13.582  1.00 16.43 ? 34  THR A OG1 1 
ATOM   241  C CG2 . THR A 1 34  ? -3.214  1.708   12.811  1.00 15.36 ? 34  THR A CG2 1 
ATOM   242  N N   . VAL A 1 35  ? -3.211  -1.356  11.026  1.00 11.14 ? 35  VAL A N   1 
ATOM   243  C CA  . VAL A 1 35  ? -4.188  -1.671  10.004  1.00 11.75 ? 35  VAL A CA  1 
ATOM   244  C C   . VAL A 1 35  ? -5.415  -0.813  10.264  1.00 11.96 ? 35  VAL A C   1 
ATOM   245  O O   . VAL A 1 35  ? -6.130  -1.035  11.258  1.00 12.62 ? 35  VAL A O   1 
ATOM   246  C CB  . VAL A 1 35  ? -4.548  -3.176  10.025  1.00 12.61 ? 35  VAL A CB  1 
ATOM   247  C CG1 . VAL A 1 35  ? -5.579  -3.495  8.982   1.00 13.76 ? 35  VAL A CG1 1 
ATOM   248  C CG2 . VAL A 1 35  ? -3.267  -4.026  9.813   1.00 13.79 ? 35  VAL A CG2 1 
ATOM   249  N N   . ALA A 1 36  ? -5.659  0.165   9.408   1.00 11.73 ? 36  ALA A N   1 
ATOM   250  C CA  . ALA A 1 36  ? -6.698  1.153   9.667   1.00 12.90 ? 36  ALA A CA  1 
ATOM   251  C C   . ALA A 1 36  ? -7.877  0.938   8.730   1.00 12.64 ? 36  ALA A C   1 
ATOM   252  O O   . ALA A 1 36  ? -7.706  0.946   7.506   1.00 13.77 ? 36  ALA A O   1 
ATOM   253  C CB  . ALA A 1 36  ? -6.125  2.573   9.491   1.00 14.67 ? 36  ALA A CB  1 
ATOM   254  N N   . GLY A 1 37  ? -9.068  0.764   9.259   1.00 12.44 ? 37  GLY A N   1 
ATOM   255  C CA  . GLY A 1 37  ? -10.229 0.564   8.460   1.00 12.84 ? 37  GLY A CA  1 
ATOM   256  C C   . GLY A 1 37  ? -10.725 1.878   7.885   1.00 14.83 ? 37  GLY A C   1 
ATOM   257  O O   . GLY A 1 37  ? -11.043 2.825   8.641   1.00 15.68 ? 37  GLY A O   1 
ATOM   258  N N   . LEU A 1 38  ? -10.816 1.958   6.567   1.00 14.33 ? 38  LEU A N   1 
ATOM   259  C CA  . LEU A 1 38  ? -11.256 3.162   5.888   1.00 15.33 ? 38  LEU A CA  1 
ATOM   260  C C   . LEU A 1 38  ? -12.592 3.625   6.460   1.00 16.92 ? 38  LEU A C   1 
ATOM   261  O O   . LEU A 1 38  ? -12.769 4.836   6.742   1.00 19.41 ? 38  LEU A O   1 
ATOM   262  C CB  . LEU A 1 38  ? -11.360 2.887   4.380   1.00 15.09 ? 38  LEU A CB  1 
ATOM   263  C CG  . LEU A 1 38  ? -11.869 4.061   3.535   1.00 17.61 ? 38  LEU A CG  1 
ATOM   264  C CD1 . LEU A 1 38  ? -10.927 5.269   3.625   1.00 22.36 ? 38  LEU A CD1 1 
ATOM   265  C CD2 . LEU A 1 38  ? -11.996 3.595   2.072   1.00 19.08 ? 38  LEU A CD2 1 
ATOM   266  N N   . ALA A 1 39  ? -13.527 2.696   6.596   1.00 17.03 ? 39  ALA A N   1 
ATOM   267  C CA  . ALA A 1 39  ? -14.900 3.017   6.956   1.00 19.33 ? 39  ALA A CA  1 
ATOM   268  C C   . ALA A 1 39  ? -15.130 2.975   8.466   1.00 20.97 ? 39  ALA A C   1 
ATOM   269  O O   . ALA A 1 39  ? -16.269 3.133   8.907   1.00 27.10 ? 39  ALA A O   1 
ATOM   270  C CB  . ALA A 1 39  ? -15.868 2.063   6.278   1.00 22.10 ? 39  ALA A CB  1 
ATOM   271  N N   . GLY A 1 40  ? -14.084 2.780   9.262   1.00 17.93 ? 40  GLY A N   1 
ATOM   272  C CA  . GLY A 1 40  ? -14.237 2.627   10.706  1.00 18.96 ? 40  GLY A CA  1 
ATOM   273  C C   . GLY A 1 40  ? -13.544 1.392   11.229  1.00 20.82 ? 40  GLY A C   1 
ATOM   274  O O   . GLY A 1 40  ? -12.886 0.671   10.491  1.00 20.28 ? 40  GLY A O   1 
ATOM   275  N N   . LYS A 1 41  ? -13.664 1.136   12.521  1.00 20.62 ? 41  LYS A N   1 
ATOM   276  C CA  . LYS A 1 41  ? -12.986 0.001   13.117  1.00 21.99 ? 41  LYS A CA  1 
ATOM   277  C C   . LYS A 1 41  ? -13.717 -1.348  12.949  1.00 23.94 ? 41  LYS A C   1 
ATOM   278  O O   . LYS A 1 41  ? -13.242 -2.376  13.423  1.00 31.21 ? 41  LYS A O   1 
ATOM   279  C CB  . LYS A 1 41  ? -12.664 0.299   14.589  1.00 25.17 ? 41  LYS A CB  1 
ATOM   280  C CG  . LYS A 1 41  ? -11.615 -0.604  15.174  1.00 27.28 ? 41  LYS A CG  1 
ATOM   281  C CD  . LYS A 1 41  ? -11.296 -0.213  16.598  1.00 30.95 ? 41  LYS A CD  1 
ATOM   282  C CE  . LYS A 1 41  ? -10.403 -1.249  17.252  1.00 32.66 ? 41  LYS A CE  1 
ATOM   283  N NZ  . LYS A 1 41  ? -10.599 -2.590  16.638  1.00 42.86 ? 41  LYS A NZ  1 
ATOM   284  N N   . ASP A 1 42  ? -14.820 -1.372  12.220  1.00 22.64 ? 42  ASP A N   1 
ATOM   285  C CA  . ASP A 1 42  ? -15.593 -2.581  12.027  1.00 20.78 ? 42  ASP A CA  1 
ATOM   286  C C   . ASP A 1 42  ? -14.878 -3.575  11.090  1.00 18.03 ? 42  ASP A C   1 
ATOM   287  O O   . ASP A 1 42  ? -14.012 -3.190  10.264  1.00 16.72 ? 42  ASP A O   1 
ATOM   288  C CB  . ASP A 1 42  ? -16.954 -2.221  11.425  1.00 25.74 ? 42  ASP A CB  1 
ATOM   289  C CG  . ASP A 1 42  ? -18.001 -1.850  12.486  0.50 24.64 ? 42  ASP A CG  1 
ATOM   290  O OD1 . ASP A 1 42  ? -17.678 -1.814  13.687  0.50 24.69 ? 42  ASP A OD1 1 
ATOM   291  O OD2 . ASP A 1 42  ? -19.160 -1.614  12.100  0.50 27.74 ? 42  ASP A OD2 1 
ATOM   292  N N   . PRO A 1 43  ? -15.247 -4.844  11.199  1.00 16.99 ? 43  PRO A N   1 
ATOM   293  C CA  . PRO A 1 43  ? -14.595 -5.823  10.334  1.00 15.77 ? 43  PRO A CA  1 
ATOM   294  C C   . PRO A 1 43  ? -14.828 -5.491  8.867   1.00 16.10 ? 43  PRO A C   1 
ATOM   295  O O   . PRO A 1 43  ? -15.885 -5.021  8.450   1.00 18.23 ? 43  PRO A O   1 
ATOM   296  C CB  . PRO A 1 43  ? -15.251 -7.129  10.731  1.00 19.68 ? 43  PRO A CB  1 
ATOM   297  C CG  . PRO A 1 43  ? -15.744 -6.909  12.160  1.00 23.61 ? 43  PRO A CG  1 
ATOM   298  C CD  . PRO A 1 43  ? -16.228 -5.472  12.113  1.00 18.92 ? 43  PRO A CD  1 
ATOM   299  N N   . VAL A 1 44  ? -13.789 -5.758  8.068   1.00 13.46 ? 44  VAL A N   1 
ATOM   300  C CA  . VAL A 1 44  ? -13.754 -5.434  6.656   1.00 13.14 ? 44  VAL A CA  1 
ATOM   301  C C   . VAL A 1 44  ? -13.831 -6.699  5.822   1.00 12.16 ? 44  VAL A C   1 
ATOM   302  O O   . VAL A 1 44  ? -12.969 -7.598  5.972   1.00 13.23 ? 44  VAL A O   1 
ATOM   303  C CB  . VAL A 1 44  ? -12.501 -4.646  6.298   1.00 13.82 ? 44  VAL A CB  1 
ATOM   304  C CG1 . VAL A 1 44  ? -12.469 -4.325  4.779   1.00 13.79 ? 44  VAL A CG1 1 
ATOM   305  C CG2 . VAL A 1 44  ? -12.398 -3.352  7.151   1.00 14.94 ? 44  VAL A CG2 1 
ATOM   306  N N   A GLN A 1 45  ? -14.781 -6.737  4.888   0.30 11.72 ? 45  GLN A N   1 
ATOM   307  N N   B GLN A 1 45  ? -14.819 -6.797  4.951   0.70 13.07 ? 45  GLN A N   1 
ATOM   308  C CA  A GLN A 1 45  ? -14.993 -7.869  3.979   0.30 11.39 ? 45  GLN A CA  1 
ATOM   309  C CA  B GLN A 1 45  ? -14.923 -7.900  4.024   0.70 13.89 ? 45  GLN A CA  1 
ATOM   310  C C   A GLN A 1 45  ? -14.170 -7.710  2.692   0.30 8.43  ? 45  GLN A C   1 
ATOM   311  C C   B GLN A 1 45  ? -14.071 -7.612  2.800   0.70 12.77 ? 45  GLN A C   1 
ATOM   312  O O   A GLN A 1 45  ? -14.503 -6.908  1.804   0.30 7.16  ? 45  GLN A O   1 
ATOM   313  O O   B GLN A 1 45  ? -14.255 -6.610  2.090   0.70 14.41 ? 45  GLN A O   1 
ATOM   314  C CB  A GLN A 1 45  ? -16.484 -7.971  3.631   0.30 13.21 ? 45  GLN A CB  1 
ATOM   315  C CB  B GLN A 1 45  ? -16.366 -8.114  3.616   0.70 17.54 ? 45  GLN A CB  1 
ATOM   316  C CG  A GLN A 1 45  ? -16.828 -9.017  2.578   0.30 13.10 ? 45  GLN A CG  1 
ATOM   317  C CG  B GLN A 1 45  ? -16.574 -9.374  2.854   0.70 17.32 ? 45  GLN A CG  1 
ATOM   318  C CD  A GLN A 1 45  ? -18.342 -9.158  2.345   0.30 15.75 ? 45  GLN A CD  1 
ATOM   319  C CD  B GLN A 1 45  ? -18.010 -9.529  2.425   0.70 22.39 ? 45  GLN A CD  1 
ATOM   320  O OE1 A GLN A 1 45  ? -19.134 -8.351  2.834   0.30 18.77 ? 45  GLN A OE1 1 
ATOM   321  O OE1 B GLN A 1 45  ? -18.519 -8.736  1.625   0.70 25.32 ? 45  GLN A OE1 1 
ATOM   322  N NE2 A GLN A 1 45  ? -18.737 -10.185 1.596   0.30 13.36 ? 45  GLN A NE2 1 
ATOM   323  N NE2 B GLN A 1 45  ? -18.683 -10.524 2.976   0.70 25.43 ? 45  GLN A NE2 1 
ATOM   324  N N   . CYS A 1 46  ? -13.073 -8.461  2.602   1.00 10.76 ? 46  CYS A N   1 
ATOM   325  C CA  . CYS A 1 46  ? -12.140 -8.316  1.517   1.00 10.03 ? 46  CYS A CA  1 
ATOM   326  C C   . CYS A 1 46  ? -12.704 -8.999  0.267   1.00 10.82 ? 46  CYS A C   1 
ATOM   327  O O   . CYS A 1 46  ? -13.769 -9.629  0.278   1.00 11.32 ? 46  CYS A O   1 
ATOM   328  C CB  . CYS A 1 46  ? -10.770 -8.915  1.917   1.00 10.12 ? 46  CYS A CB  1 
ATOM   329  S SG  . CYS A 1 46  ? -9.983  -7.972  3.272   1.00 12.46 ? 46  CYS A SG  1 
ATOM   330  N N   . SER A 1 47  ? -11.971 -8.861  -0.833  1.00 9.78  ? 47  SER A N   1 
ATOM   331  C CA  . SER A 1 47  ? -12.410 -9.256  -2.161  1.00 10.63 ? 47  SER A CA  1 
ATOM   332  C C   . SER A 1 47  ? -12.786 -10.712 -2.295  1.00 12.46 ? 47  SER A C   1 
ATOM   333  O O   . SER A 1 47  ? -13.693 -11.048 -3.047  1.00 12.66 ? 47  SER A O   1 
ATOM   334  C CB  . SER A 1 47  ? -11.320 -8.930  -3.196  1.00 10.47 ? 47  SER A CB  1 
ATOM   335  O OG  . SER A 1 47  ? -10.130 -9.712  -3.049  1.00 11.90 ? 47  SER A OG  1 
ATOM   336  N N   . ARG A 1 48  ? -12.078 -11.610 -1.593  1.00 9.87  ? 48  ARG A N   1 
ATOM   337  C CA  . ARG A 1 48  ? -12.381 -13.050 -1.603  1.00 10.98 ? 48  ARG A CA  1 
ATOM   338  C C   . ARG A 1 48  ? -12.959 -13.488 -0.267  1.00 10.85 ? 48  ARG A C   1 
ATOM   339  O O   . ARG A 1 48  ? -12.819 -14.631 0.152   1.00 11.30 ? 48  ARG A O   1 
ATOM   340  C CB  . ARG A 1 48  ? -11.159 -13.894 -1.996  1.00 10.61 ? 48  ARG A CB  1 
ATOM   341  C CG  . ARG A 1 48  ? -10.954 -14.032 -3.485  1.00 11.47 ? 48  ARG A CG  1 
ATOM   342  C CD  . ARG A 1 48  ? -10.609 -12.727 -4.142  1.00 12.07 ? 48  ARG A CD  1 
ATOM   343  N NE  . ARG A 1 48  ? -10.562 -12.833 -5.596  1.00 12.06 ? 48  ARG A NE  1 
ATOM   344  C CZ  . ARG A 1 48  ? -10.233 -11.826 -6.395  1.00 13.52 ? 48  ARG A CZ  1 
ATOM   345  N NH1 . ARG A 1 48  ? -9.872  -10.667 -5.858  1.00 14.68 ? 48  ARG A NH1 1 
ATOM   346  N NH2 . ARG A 1 48  ? -10.243 -11.965 -7.716  1.00 15.17 ? 48  ARG A NH2 1 
ATOM   347  N N   . ASP A 1 49  ? -13.678 -12.566 0.370   1.00 10.83 ? 49  ASP A N   1 
ATOM   348  C CA  . ASP A 1 49  ? -14.559 -12.823 1.490   1.00 11.75 ? 49  ASP A CA  1 
ATOM   349  C C   . ASP A 1 49  ? -13.857 -13.122 2.808   1.00 12.04 ? 49  ASP A C   1 
ATOM   350  O O   . ASP A 1 49  ? -14.502 -13.409 3.833   1.00 12.63 ? 49  ASP A O   1 
ATOM   351  C CB  . ASP A 1 49  ? -15.591 -13.931 1.190   1.00 12.49 ? 49  ASP A CB  1 
ATOM   352  C CG  . ASP A 1 49  ? -16.901 -13.393 0.675   1.00 20.24 ? 49  ASP A CG  1 
ATOM   353  O OD1 . ASP A 1 49  ? -17.054 -12.165 0.537   1.00 21.07 ? 49  ASP A OD1 1 
ATOM   354  O OD2 . ASP A 1 49  ? -17.790 -14.243 0.414   1.00 22.73 ? 49  ASP A OD2 1 
ATOM   355  N N   . VAL A 1 50  ? -12.533 -13.002 2.845   1.00 10.01 ? 50  VAL A N   1 
ATOM   356  C CA  . VAL A 1 50  ? -11.854 -13.007 4.126   1.00 11.10 ? 50  VAL A CA  1 
ATOM   357  C C   . VAL A 1 50  ? -12.231 -11.730 4.875   1.00 11.57 ? 50  VAL A C   1 
ATOM   358  O O   . VAL A 1 50  ? -12.205 -10.645 4.278   1.00 12.09 ? 50  VAL A O   1 
ATOM   359  C CB  . VAL A 1 50  ? -10.307 -13.127 3.961   1.00 10.20 ? 50  VAL A CB  1 
ATOM   360  C CG1 . VAL A 1 50  ? -9.600  -12.961 5.292   1.00 12.18 ? 50  VAL A CG1 1 
ATOM   361  C CG2 . VAL A 1 50  ? -9.945  -14.466 3.311   1.00 11.61 ? 50  VAL A CG2 1 
ATOM   362  N N   . VAL A 1 51  ? -12.532 -11.840 6.169   1.00 11.03 ? 51  VAL A N   1 
ATOM   363  C CA  . VAL A 1 51  ? -12.958 -10.702 6.983   1.00 11.11 ? 51  VAL A CA  1 
ATOM   364  C C   . VAL A 1 51  ? -11.853 -10.416 8.004   1.00 12.34 ? 51  VAL A C   1 
ATOM   365  O O   . VAL A 1 51  ? -11.467 -11.271 8.823   1.00 11.70 ? 51  VAL A O   1 
ATOM   366  C CB  . VAL A 1 51  ? -14.305 -11.002 7.673   1.00 12.62 ? 51  VAL A CB  1 
ATOM   367  C CG1 . VAL A 1 51  ? -14.686 -9.883  8.600   1.00 14.35 ? 51  VAL A CG1 1 
ATOM   368  C CG2 . VAL A 1 51  ? -15.383 -11.240 6.630   1.00 14.08 ? 51  VAL A CG2 1 
ATOM   369  N N   . ILE A 1 52  ? -11.321 -9.216  7.942   1.00 11.65 ? 52  ILE A N   1 
ATOM   370  C CA  . ILE A 1 52  ? -10.214 -8.790  8.773   1.00 12.28 ? 52  ILE A CA  1 
ATOM   371  C C   . ILE A 1 52  ? -10.699 -7.693  9.705   1.00 14.29 ? 52  ILE A C   1 
ATOM   372  O O   . ILE A 1 52  ? -11.394 -6.746  9.295   1.00 14.23 ? 52  ILE A O   1 
ATOM   373  C CB  . ILE A 1 52  ? -9.043  -8.261  7.906   1.00 12.73 ? 52  ILE A CB  1 
ATOM   374  C CG1 . ILE A 1 52  ? -8.475  -9.400  7.043   1.00 13.54 ? 52  ILE A CG1 1 
ATOM   375  C CG2 . ILE A 1 52  ? -7.958  -7.589  8.746   1.00 14.43 ? 52  ILE A CG2 1 
ATOM   376  C CD1 . ILE A 1 52  ? -7.444  -8.939  6.020   1.00 13.98 ? 52  ILE A CD1 1 
ATOM   377  N N   A CYS A 1 53  ? -10.287 -7.801  10.956  0.70 12.19 ? 53  CYS A N   1 
ATOM   378  N N   B CYS A 1 53  ? -10.363 -7.810  10.978  0.30 15.21 ? 53  CYS A N   1 
ATOM   379  C CA  A CYS A 1 53  ? -10.593 -6.789  11.967  0.70 13.49 ? 53  CYS A CA  1 
ATOM   380  C CA  B CYS A 1 53  ? -10.743 -6.785  11.947  0.30 14.30 ? 53  CYS A CA  1 
ATOM   381  C C   A CYS A 1 53  ? -9.474  -5.775  12.039  0.70 15.01 ? 53  CYS A C   1 
ATOM   382  C C   B CYS A 1 53  ? -9.583  -5.803  12.098  0.30 13.34 ? 53  CYS A C   1 
ATOM   383  O O   A CYS A 1 53  ? -8.342  -6.079  12.407  0.70 14.51 ? 53  CYS A O   1 
ATOM   384  O O   B CYS A 1 53  ? -8.526  -6.184  12.589  0.30 12.21 ? 53  CYS A O   1 
ATOM   385  C CB  A CYS A 1 53  ? -10.777 -7.442  13.331  0.70 14.34 ? 53  CYS A CB  1 
ATOM   386  C CB  B CYS A 1 53  ? -11.047 -7.449  13.293  0.30 16.79 ? 53  CYS A CB  1 
ATOM   387  S SG  A CYS A 1 53  ? -12.130 -8.655  13.332  0.70 20.99 ? 53  CYS A SG  1 
ATOM   388  S SG  B CYS A 1 53  ? -11.509 -6.334  14.637  0.30 20.07 ? 53  CYS A SG  1 
ATOM   389  N N   . PRO A 1 54  ? -9.774  -4.525  11.698  1.00 13.58 ? 54  PRO A N   1 
ATOM   390  C CA  . PRO A 1 54  ? -8.705  -3.531  11.759  1.00 13.58 ? 54  PRO A CA  1 
ATOM   391  C C   . PRO A 1 54  ? -8.250  -3.220  13.182  1.00 13.66 ? 54  PRO A C   1 
ATOM   392  O O   . PRO A 1 54  ? -9.002  -3.446  14.169  1.00 15.00 ? 54  PRO A O   1 
ATOM   393  C CB  . PRO A 1 54  ? -9.343  -2.258  11.178  1.00 16.89 ? 54  PRO A CB  1 
ATOM   394  C CG  . PRO A 1 54  ? -10.675 -2.594  10.747  1.00 20.85 ? 54  PRO A CG  1 
ATOM   395  C CD  . PRO A 1 54  ? -11.061 -3.962  11.246  1.00 14.40 ? 54  PRO A CD  1 
ATOM   396  N N   . ASP A 1 55  ? -7.051  -2.692  13.307  1.00 13.14 ? 55  ASP A N   1 
ATOM   397  C CA  . ASP A 1 55  ? -6.515  -2.244  14.567  1.00 15.00 ? 55  ASP A CA  1 
ATOM   398  C C   . ASP A 1 55  ? -7.182  -0.942  15.008  1.00 15.84 ? 55  ASP A C   1 
ATOM   399  O O   . ASP A 1 55  ? -7.241  -0.660  16.225  1.00 17.27 ? 55  ASP A O   1 
ATOM   400  C CB  . ASP A 1 55  ? -5.024  -2.002  14.435  1.00 13.85 ? 55  ASP A CB  1 
ATOM   401  C CG  . ASP A 1 55  ? -4.243  -3.239  14.061  1.00 14.45 ? 55  ASP A CG  1 
ATOM   402  O OD1 . ASP A 1 55  ? -4.519  -4.321  14.635  1.00 15.26 ? 55  ASP A OD1 1 
ATOM   403  O OD2 . ASP A 1 55  ? -3.309  -3.115  13.245  1.00 13.88 ? 55  ASP A OD2 1 
ATOM   404  N N   . ALA A 1 56  ? -7.600  -0.110  14.054  1.00 13.57 ? 56  ALA A N   1 
ATOM   405  C CA  . ALA A 1 56  ? -8.074  1.249   14.357  1.00 16.52 ? 56  ALA A CA  1 
ATOM   406  C C   . ALA A 1 56  ? -8.946  1.673   13.186  1.00 16.56 ? 56  ALA A C   1 
ATOM   407  O O   . ALA A 1 56  ? -8.849  1.120   12.089  1.00 15.08 ? 56  ALA A O   1 
ATOM   408  C CB  . ALA A 1 56  ? -6.901  2.198   14.521  1.00 17.62 ? 56  ALA A CB  1 
ATOM   409  N N   . SER A 1 57  ? -9.800  2.668   13.376  1.00 17.07 ? 57  SER A N   1 
ATOM   410  C CA  . SER A 1 57  ? -10.363 3.392   12.251  1.00 15.82 ? 57  SER A CA  1 
ATOM   411  C C   . SER A 1 57  ? -9.306  4.277   11.601  1.00 14.75 ? 57  SER A C   1 
ATOM   412  O O   . SER A 1 57  ? -8.370  4.736   12.248  1.00 15.96 ? 57  SER A O   1 
ATOM   413  C CB  . SER A 1 57  ? -11.540 4.262   12.739  1.00 18.45 ? 57  SER A CB  1 
ATOM   414  O OG  . SER A 1 57  ? -11.025 5.287   13.553  1.00 20.59 ? 57  SER A OG  1 
ATOM   415  N N   . LEU A 1 58  ? -9.466  4.539   10.301  1.00 16.35 ? 58  LEU A N   1 
ATOM   416  C CA  . LEU A 1 58  ? -8.638  5.524   9.652   1.00 16.06 ? 58  LEU A CA  1 
ATOM   417  C C   . LEU A 1 58  ? -8.781  6.919   10.291  1.00 18.02 ? 58  LEU A C   1 
ATOM   418  O O   . LEU A 1 58  ? -7.806  7.637   10.386  1.00 20.25 ? 58  LEU A O   1 
ATOM   419  C CB  . LEU A 1 58  ? -8.952  5.598   8.167   1.00 15.98 ? 58  LEU A CB  1 
ATOM   420  C CG  . LEU A 1 58  ? -7.969  6.447   7.355   1.00 15.71 ? 58  LEU A CG  1 
ATOM   421  C CD1 . LEU A 1 58  ? -6.556  5.934   7.469   1.00 19.42 ? 58  LEU A CD1 1 
ATOM   422  C CD2 . LEU A 1 58  ? -8.417  6.564   5.912   1.00 17.17 ? 58  LEU A CD2 1 
ATOM   423  N N   . GLU A 1 59  ? -9.997  7.268   10.683  1.00 20.98 ? 59  GLU A N   1 
ATOM   424  C CA  . GLU A 1 59  ? -10.247 8.544   11.375  1.00 22.47 ? 59  GLU A CA  1 
ATOM   425  C C   . GLU A 1 59  ? -9.300  8.725   12.569  1.00 23.36 ? 59  GLU A C   1 
ATOM   426  O O   . GLU A 1 59  ? -8.695  9.784   12.723  1.00 28.84 ? 59  GLU A O   1 
ATOM   427  C CB  . GLU A 1 59  ? -11.697 8.579   11.815  1.00 26.63 ? 59  GLU A CB  1 
ATOM   428  C CG  . GLU A 1 59  ? -12.156 9.894   12.424  1.00 29.81 ? 59  GLU A CG  1 
ATOM   429  C CD  . GLU A 1 59  ? -13.587 9.806   12.885  0.50 28.87 ? 59  GLU A CD  1 
ATOM   430  O OE1 . GLU A 1 59  ? -14.489 9.914   12.032  0.50 32.94 ? 59  GLU A OE1 1 
ATOM   431  O OE2 . GLU A 1 59  ? -13.808 9.602   14.095  0.50 35.39 ? 59  GLU A OE2 1 
ATOM   432  N N   . ASP A 1 60  ? -9.165  7.692   13.402  1.00 20.55 ? 60  ASP A N   1 
ATOM   433  C CA  . ASP A 1 60  ? -8.281  7.717   14.553  1.00 23.40 ? 60  ASP A CA  1 
ATOM   434  C C   . ASP A 1 60  ? -6.815  7.595   14.169  1.00 24.64 ? 60  ASP A C   1 
ATOM   435  O O   . ASP A 1 60  ? -5.960  8.295   14.704  1.00 28.17 ? 60  ASP A O   1 
ATOM   436  C CB  . ASP A 1 60  ? -8.644  6.604   15.523  1.00 26.73 ? 60  ASP A CB  1 
ATOM   437  C CG  . ASP A 1 60  ? -9.897  6.914   16.314  1.00 29.18 ? 60  ASP A CG  1 
ATOM   438  O OD1 . ASP A 1 60  ? -10.290 8.105   16.319  1.00 32.71 ? 60  ASP A OD1 1 
ATOM   439  O OD2 . ASP A 1 60  ? -10.490 5.980   16.903  1.00 33.07 ? 60  ASP A OD2 1 
ATOM   440  N N   . ALA A 1 61  ? -6.505  6.674   13.256  1.00 22.75 ? 61  ALA A N   1 
ATOM   441  C CA  . ALA A 1 61  ? -5.129  6.442   12.881  1.00 22.58 ? 61  ALA A CA  1 
ATOM   442  C C   . ALA A 1 61  ? -4.479  7.642   12.216  1.00 20.69 ? 61  ALA A C   1 
ATOM   443  O O   . ALA A 1 61  ? -3.290  7.856   12.372  1.00 24.99 ? 61  ALA A O   1 
ATOM   444  C CB  . ALA A 1 61  ? -5.048  5.237   11.945  1.00 18.61 ? 61  ALA A CB  1 
ATOM   445  N N   . LYS A 1 62  ? -5.260  8.404   11.459  1.00 24.95 ? 62  LYS A N   1 
ATOM   446  C CA  . LYS A 1 62  ? -4.706  9.517   10.717  1.00 28.91 ? 62  LYS A CA  1 
ATOM   447  C C   . LYS A 1 62  ? -4.323  10.639  11.688  1.00 29.51 ? 62  LYS A C   1 
ATOM   448  O O   . LYS A 1 62  ? -3.463  11.448  11.381  1.00 36.84 ? 62  LYS A O   1 
ATOM   449  C CB  . LYS A 1 62  ? -5.677  10.004  9.642   1.00 30.19 ? 62  LYS A CB  1 
ATOM   450  C CG  . LYS A 1 62  ? -6.859  10.786  10.165  1.00 31.92 ? 62  LYS A CG  1 
ATOM   451  C CD  . LYS A 1 62  ? -7.766  11.282  9.040   1.00 33.49 ? 62  LYS A CD  1 
ATOM   452  C CE  . LYS A 1 62  ? -8.939  12.095  9.620   1.00 38.04 ? 62  LYS A CE  1 
ATOM   453  N NZ  . LYS A 1 62  ? -10.117 12.194  8.701   1.00 38.57 ? 62  LYS A NZ  1 
ATOM   454  N N   . LYS A 1 63  ? -4.904  10.636  12.881  1.00 31.65 ? 63  LYS A N   1 
ATOM   455  C CA  . LYS A 1 63  ? -4.551  11.629  13.892  1.00 34.68 ? 63  LYS A CA  1 
ATOM   456  C C   . LYS A 1 63  ? -3.313  11.211  14.689  1.00 37.16 ? 63  LYS A C   1 
ATOM   457  O O   . LYS A 1 63  ? -2.713  12.027  15.399  1.00 39.56 ? 63  LYS A O   1 
ATOM   458  C CB  . LYS A 1 63  ? -5.760  11.894  14.785  1.00 35.46 ? 63  LYS A CB  1 
ATOM   459  C CG  . LYS A 1 63  ? -6.978  12.295  13.955  1.00 37.21 ? 63  LYS A CG  1 
ATOM   460  C CD  . LYS A 1 63  ? -8.076  12.952  14.772  1.00 40.27 ? 63  LYS A CD  1 
ATOM   461  C CE  . LYS A 1 63  ? -9.093  11.931  15.257  1.00 43.88 ? 63  LYS A CE  1 
ATOM   462  N NZ  . LYS A 1 63  ? -8.593  11.197  16.456  1.00 47.18 ? 63  LYS A NZ  1 
ATOM   463  N N   . GLU A 1 64  ? -2.900  9.952   14.531  1.00 34.54 ? 64  GLU A N   1 
ATOM   464  C CA  . GLU A 1 64  ? -1.695  9.446   15.180  1.00 34.10 ? 64  GLU A CA  1 
ATOM   465  C C   . GLU A 1 64  ? -0.487  9.420   14.242  1.00 30.82 ? 64  GLU A C   1 
ATOM   466  O O   . GLU A 1 64  ? 0.520   8.768   14.523  1.00 34.27 ? 64  GLU A O   1 
ATOM   467  C CB  . GLU A 1 64  ? -1.945  8.041   15.715  1.00 36.77 ? 64  GLU A CB  1 
ATOM   468  C CG  . GLU A 1 64  ? -3.039  7.983   16.748  1.00 43.54 ? 64  GLU A CG  1 
ATOM   469  C CD  . GLU A 1 64  ? -2.732  8.879   17.926  1.00 51.35 ? 64  GLU A CD  1 
ATOM   470  O OE1 . GLU A 1 64  ? -1.603  8.777   18.454  1.00 55.35 ? 64  GLU A OE1 1 
ATOM   471  O OE2 . GLU A 1 64  ? -3.601  9.693   18.312  1.00 57.62 ? 64  GLU A OE2 1 
ATOM   472  N N   . GLY A 1 65  ? -0.588  10.129  13.132  1.00 30.89 ? 65  GLY A N   1 
ATOM   473  C CA  . GLY A 1 65  ? 0.550   10.294  12.245  1.00 32.89 ? 65  GLY A CA  1 
ATOM   474  C C   . GLY A 1 65  ? 1.696   11.068  12.880  1.00 38.53 ? 65  GLY A C   1 
ATOM   475  O O   . GLY A 1 65  ? 1.587   11.547  14.015  1.00 39.29 ? 65  GLY A O   1 
ATOM   476  N N   . PRO A 1 66  ? 2.803   11.210  12.141  1.00 37.60 ? 66  PRO A N   1 
ATOM   477  C CA  . PRO A 1 66  ? 2.874   10.680  10.791  1.00 33.73 ? 66  PRO A CA  1 
ATOM   478  C C   . PRO A 1 66  ? 3.590   9.334   10.725  1.00 29.69 ? 66  PRO A C   1 
ATOM   479  O O   . PRO A 1 66  ? 4.165   8.864   11.703  1.00 29.93 ? 66  PRO A O   1 
ATOM   480  C CB  . PRO A 1 66  ? 3.675   11.752  10.052  1.00 36.60 ? 66  PRO A CB  1 
ATOM   481  C CG  . PRO A 1 66  ? 4.602   12.327  11.126  1.00 39.73 ? 66  PRO A CG  1 
ATOM   482  C CD  . PRO A 1 66  ? 4.041   11.923  12.494  1.00 40.99 ? 66  PRO A CD  1 
ATOM   483  N N   . TYR A 1 67  ? 3.500   8.694   9.567   1.00 23.57 ? 67  TYR A N   1 
ATOM   484  C CA  . TYR A 1 67  ? 3.980   7.326   9.389   1.00 19.67 ? 67  TYR A CA  1 
ATOM   485  C C   . TYR A 1 67  ? 5.151   7.326   8.452   1.00 14.25 ? 67  TYR A C   1 
ATOM   486  O O   . TYR A 1 67  ? 5.239   8.149   7.559   1.00 17.61 ? 67  TYR A O   1 
ATOM   487  C CB  . TYR A 1 67  ? 2.842   6.455   8.820   1.00 17.91 ? 67  TYR A CB  1 
ATOM   488  C CG  . TYR A 1 67  ? 1.696   6.336   9.765   1.00 16.04 ? 67  TYR A CG  1 
ATOM   489  C CD1 . TYR A 1 67  ? 0.651   7.262   9.750   1.00 18.51 ? 67  TYR A CD1 1 
ATOM   490  C CD2 . TYR A 1 67  ? 1.658   5.342   10.705  1.00 16.65 ? 67  TYR A CD2 1 
ATOM   491  C CE1 . TYR A 1 67  ? -0.391  7.161   10.634  1.00 18.94 ? 67  TYR A CE1 1 
ATOM   492  C CE2 . TYR A 1 67  ? 0.614   5.230   11.577  1.00 17.85 ? 67  TYR A CE2 1 
ATOM   493  C CZ  . TYR A 1 67  ? -0.417  6.147   11.558  1.00 17.82 ? 67  TYR A CZ  1 
ATOM   494  O OH  . TYR A 1 67  ? -1.433  5.987   12.484  1.00 23.08 ? 67  TYR A OH  1 
ATOM   495  N N   . ASP A 1 68  ? 6.049   6.365   8.577   1.00 14.25 ? 68  ASP A N   1 
ATOM   496  C CA  . ASP A 1 68  ? 7.152   6.229   7.712   1.00 14.99 ? 68  ASP A CA  1 
ATOM   497  C C   . ASP A 1 68  ? 6.801   5.627   6.346   1.00 15.06 ? 68  ASP A C   1 
ATOM   498  O O   . ASP A 1 68  ? 7.525   5.809   5.377   1.00 17.32 ? 68  ASP A O   1 
ATOM   499  C CB  . ASP A 1 68  ? 8.250   5.401   8.366   1.00 16.11 ? 68  ASP A CB  1 
ATOM   500  C CG  . ASP A 1 68  ? 8.754   6.042   9.634   1.00 18.49 ? 68  ASP A CG  1 
ATOM   501  O OD1 . ASP A 1 68  ? 9.504   7.049   9.504   1.00 21.28 ? 68  ASP A OD1 1 
ATOM   502  O OD2 . ASP A 1 68  ? 8.349   5.602   10.729  1.00 17.10 ? 68  ASP A OD2 1 
ATOM   503  N N   . VAL A 1 69  ? 5.711   4.877   6.294   1.00 13.30 ? 69  VAL A N   1 
ATOM   504  C CA  . VAL A 1 69  ? 5.145   4.419   5.022   1.00 13.67 ? 69  VAL A CA  1 
ATOM   505  C C   . VAL A 1 69  ? 3.651   4.386   5.166   1.00 13.01 ? 69  VAL A C   1 
ATOM   506  O O   . VAL A 1 69  ? 3.101   4.011   6.220   1.00 12.18 ? 69  VAL A O   1 
ATOM   507  C CB  . VAL A 1 69  ? 5.711   3.063   4.604   1.00 12.57 ? 69  VAL A CB  1 
ATOM   508  C CG1 . VAL A 1 69  ? 5.346   1.965   5.599   1.00 13.11 ? 69  VAL A CG1 1 
ATOM   509  C CG2 . VAL A 1 69  ? 5.249   2.701   3.182   1.00 13.46 ? 69  VAL A CG2 1 
ATOM   510  N N   . VAL A 1 70  ? 2.962   4.770   4.090   1.00 12.28 ? 70  VAL A N   1 
ATOM   511  C CA  . VAL A 1 70  ? 1.553   4.552   3.922   1.00 12.03 ? 70  VAL A CA  1 
ATOM   512  C C   . VAL A 1 70  ? 1.388   3.513   2.821   1.00 11.69 ? 70  VAL A C   1 
ATOM   513  O O   . VAL A 1 70  ? 1.927   3.679   1.714   1.00 12.04 ? 70  VAL A O   1 
ATOM   514  C CB  . VAL A 1 70  ? 0.810   5.857   3.542   1.00 12.94 ? 70  VAL A CB  1 
ATOM   515  C CG1 . VAL A 1 70  ? -0.679  5.586   3.295   1.00 14.82 ? 70  VAL A CG1 1 
ATOM   516  C CG2 . VAL A 1 70  ? 0.996   6.918   4.670   1.00 14.04 ? 70  VAL A CG2 1 
ATOM   517  N N   . VAL A 1 71  ? 0.656   2.452   3.145   1.00 11.32 ? 71  VAL A N   1 
ATOM   518  C CA  . VAL A 1 71  ? 0.496   1.307   2.245   1.00 10.87 ? 71  VAL A CA  1 
ATOM   519  C C   . VAL A 1 71  ? -0.933  1.198   1.770   1.00 10.56 ? 71  VAL A C   1 
ATOM   520  O O   . VAL A 1 71  ? -1.876  1.162   2.586   1.00 11.53 ? 71  VAL A O   1 
ATOM   521  C CB  . VAL A 1 71  ? 0.892   0.002   2.949   1.00 11.69 ? 71  VAL A CB  1 
ATOM   522  C CG1 . VAL A 1 71  ? 0.741   -1.206  1.998   1.00 13.20 ? 71  VAL A CG1 1 
ATOM   523  C CG2 . VAL A 1 71  ? 2.332   0.099   3.459   1.00 14.12 ? 71  VAL A CG2 1 
ATOM   524  N N   . LEU A 1 72  ? -1.097  1.137   0.438   1.00 10.33 ? 72  LEU A N   1 
ATOM   525  C CA  . LEU A 1 72  ? -2.365  0.935   -0.222  1.00 10.78 ? 72  LEU A CA  1 
ATOM   526  C C   . LEU A 1 72  ? -2.406  -0.442  -0.884  1.00 10.57 ? 72  LEU A C   1 
ATOM   527  O O   . LEU A 1 72  ? -1.807  -0.647  -1.932  1.00 10.82 ? 72  LEU A O   1 
ATOM   528  C CB  . LEU A 1 72  ? -2.559  2.013   -1.294  1.00 11.00 ? 72  LEU A CB  1 
ATOM   529  C CG  . LEU A 1 72  ? -2.356  3.463   -0.854  1.00 11.48 ? 72  LEU A CG  1 
ATOM   530  C CD1 . LEU A 1 72  ? -2.652  4.390   -2.070  1.00 15.06 ? 72  LEU A CD1 1 
ATOM   531  C CD2 . LEU A 1 72  ? -3.229  3.815   0.350   1.00 13.69 ? 72  LEU A CD2 1 
ATOM   532  N N   . PRO A 1 73  ? -3.126  -1.388  -0.278  1.00 10.38 ? 73  PRO A N   1 
ATOM   533  C CA  . PRO A 1 73  ? -3.414  -2.650  -0.953  1.00 10.37 ? 73  PRO A CA  1 
ATOM   534  C C   . PRO A 1 73  ? -4.191  -2.413  -2.216  1.00 11.15 ? 73  PRO A C   1 
ATOM   535  O O   . PRO A 1 73  ? -4.782  -1.349  -2.395  1.00 11.48 ? 73  PRO A O   1 
ATOM   536  C CB  . PRO A 1 73  ? -4.242  -3.435  0.079   1.00 11.67 ? 73  PRO A CB  1 
ATOM   537  C CG  . PRO A 1 73  ? -3.969  -2.718  1.422   1.00 12.22 ? 73  PRO A CG  1 
ATOM   538  C CD  . PRO A 1 73  ? -3.772  -1.285  1.034   1.00 11.16 ? 73  PRO A CD  1 
ATOM   539  N N   . GLY A 1 74  ? -4.229  -3.433  -3.048  1.00 10.87 ? 74  GLY A N   1 
ATOM   540  C CA  . GLY A 1 74  ? -5.047  -3.440  -4.238  1.00 11.14 ? 74  GLY A CA  1 
ATOM   541  C C   . GLY A 1 74  ? -6.337  -4.181  -4.081  1.00 9.61  ? 74  GLY A C   1 
ATOM   542  O O   . GLY A 1 74  ? -6.966  -4.145  -3.019  1.00 10.46 ? 74  GLY A O   1 
ATOM   543  N N   . GLY A 1 75  ? -6.725  -4.862  -5.146  1.00 11.30 ? 75  GLY A N   1 
ATOM   544  C CA  . GLY A 1 75  ? -8.095  -5.247  -5.382  1.00 12.60 ? 75  GLY A CA  1 
ATOM   545  C C   . GLY A 1 75  ? -8.861  -4.117  -6.012  1.00 12.75 ? 75  GLY A C   1 
ATOM   546  O O   . GLY A 1 75  ? -8.840  -2.988  -5.519  1.00 12.83 ? 75  GLY A O   1 
ATOM   547  N N   A ASN A 1 76  ? -9.491  -4.332  -7.159  0.50 11.94 ? 76  ASN A N   1 
ATOM   548  N N   B ASN A 1 76  ? -9.565  -4.453  -7.090  0.50 13.26 ? 76  ASN A N   1 
ATOM   549  C CA  A ASN A 1 76  ? -10.169 -3.208  -7.827  0.50 9.93  ? 76  ASN A CA  1 
ATOM   550  C CA  B ASN A 1 76  ? -10.186 -3.463  -7.946  0.50 12.18 ? 76  ASN A CA  1 
ATOM   551  C C   A ASN A 1 76  ? -11.154 -2.473  -6.947  0.50 12.91 ? 76  ASN A C   1 
ATOM   552  C C   B ASN A 1 76  ? -11.163 -2.605  -7.142  0.50 11.56 ? 76  ASN A C   1 
ATOM   553  O O   A ASN A 1 76  ? -11.209 -1.232  -6.871  0.50 10.53 ? 76  ASN A O   1 
ATOM   554  O O   B ASN A 1 76  ? -11.141 -1.382  -7.320  0.50 15.35 ? 76  ASN A O   1 
ATOM   555  C CB  A ASN A 1 76  ? -10.922 -3.737  -9.027  0.50 13.11 ? 76  ASN A CB  1 
ATOM   556  C CB  B ASN A 1 76  ? -10.877 -4.154  -9.142  0.50 12.74 ? 76  ASN A CB  1 
ATOM   557  C CG  A ASN A 1 76  ? -10.007 -4.223  -10.063 0.50 18.65 ? 76  ASN A CG  1 
ATOM   558  C CG  B ASN A 1 76  ? -11.713 -3.191  -9.996  0.50 14.85 ? 76  ASN A CG  1 
ATOM   559  O OD1 A ASN A 1 76  ? -8.898  -3.702  -10.197 0.50 16.75 ? 76  ASN A OD1 1 
ATOM   560  O OD1 B ASN A 1 76  ? -11.280 -2.078  -10.299 0.50 19.98 ? 76  ASN A OD1 1 
ATOM   561  N ND2 A ASN A 1 76  ? -10.432 -5.217  -10.815 0.50 17.06 ? 76  ASN A ND2 1 
ATOM   562  N ND2 B ASN A 1 76  ? -12.907 -3.609  -10.364 0.50 16.34 ? 76  ASN A ND2 1 
ATOM   563  N N   . LEU A 1 77  ? -11.986 -3.213  -6.269  1.00 12.59 ? 77  LEU A N   1 
ATOM   564  C CA  . LEU A 1 77  ? -13.026 -2.537  -5.515  1.00 12.91 ? 77  LEU A CA  1 
ATOM   565  C C   . LEU A 1 77  ? -12.463 -1.810  -4.287  1.00 12.74 ? 77  LEU A C   1 
ATOM   566  O O   . LEU A 1 77  ? -12.931 -0.729  -3.908  1.00 13.18 ? 77  LEU A O   1 
ATOM   567  C CB  . LEU A 1 77  ? -14.159 -3.513  -5.138  1.00 14.88 ? 77  LEU A CB  1 
ATOM   568  C CG  . LEU A 1 77  ? -14.804 -4.210  -6.364  1.00 19.14 ? 77  LEU A CG  1 
ATOM   569  C CD1 . LEU A 1 77  ? -15.923 -5.117  -5.836  1.00 25.30 ? 77  LEU A CD1 1 
ATOM   570  C CD2 . LEU A 1 77  ? -15.313 -3.215  -7.389  1.00 25.48 ? 77  LEU A CD2 1 
ATOM   571  N N   . GLY A 1 78  ? -11.444 -2.393  -3.649  1.00 11.72 ? 78  GLY A N   1 
ATOM   572  C CA  . GLY A 1 78  ? -10.767 -1.712  -2.557  1.00 11.72 ? 78  GLY A CA  1 
ATOM   573  C C   . GLY A 1 78  ? -10.094 -0.436  -3.067  1.00 11.93 ? 78  GLY A C   1 
ATOM   574  O O   . GLY A 1 78  ? -10.211 0.619   -2.444  1.00 11.86 ? 78  GLY A O   1 
ATOM   575  N N   . ALA A 1 79  ? -9.413  -0.506  -4.202  1.00 11.18 ? 79  ALA A N   1 
ATOM   576  C CA  . ALA A 1 79  ? -8.732  0.662   -4.735  1.00 11.87 ? 79  ALA A CA  1 
ATOM   577  C C   . ALA A 1 79  ? -9.733  1.749   -5.120  1.00 12.61 ? 79  ALA A C   1 
ATOM   578  O O   . ALA A 1 79  ? -9.459  2.944   -4.926  1.00 12.51 ? 79  ALA A O   1 
ATOM   579  C CB  . ALA A 1 79  ? -7.877  0.296   -5.926  1.00 13.20 ? 79  ALA A CB  1 
ATOM   580  N N   A GLN A 1 80  ? -10.913 1.363   -5.582  0.50 11.28 ? 80  GLN A N   1 
ATOM   581  N N   B GLN A 1 80  ? -10.883 1.352   -5.646  0.50 12.60 ? 80  GLN A N   1 
ATOM   582  C CA  A GLN A 1 80  ? -11.946 2.356   -5.890  0.50 11.93 ? 80  GLN A CA  1 
ATOM   583  C CA  B GLN A 1 80  ? -11.944 2.319   -5.910  0.50 13.09 ? 80  GLN A CA  1 
ATOM   584  C C   A GLN A 1 80  ? -12.436 3.068   -4.640  0.50 13.50 ? 80  GLN A C   1 
ATOM   585  C C   B GLN A 1 80  ? -12.279 3.074   -4.634  0.50 13.67 ? 80  GLN A C   1 
ATOM   586  O O   A GLN A 1 80  ? -12.744 4.261   -4.647  0.50 12.98 ? 80  GLN A O   1 
ATOM   587  O O   B GLN A 1 80  ? -12.251 4.318   -4.623  0.50 12.29 ? 80  GLN A O   1 
ATOM   588  C CB  A GLN A 1 80  ? -13.131 1.679   -6.551  0.50 13.26 ? 80  GLN A CB  1 
ATOM   589  C CB  B GLN A 1 80  ? -13.170 1.623   -6.498  0.50 14.72 ? 80  GLN A CB  1 
ATOM   590  C CG  A GLN A 1 80  ? -12.916 1.155   -7.945  0.50 16.06 ? 80  GLN A CG  1 
ATOM   591  C CG  B GLN A 1 80  ? -14.290 2.562   -6.978  0.50 14.59 ? 80  GLN A CG  1 
ATOM   592  C CD  A GLN A 1 80  ? -14.159 0.453   -8.467  0.50 15.93 ? 80  GLN A CD  1 
ATOM   593  C CD  B GLN A 1 80  ? -15.546 1.814   -7.373  0.50 19.10 ? 80  GLN A CD  1 
ATOM   594  O OE1 A GLN A 1 80  ? -15.242 0.566   -7.881  0.50 22.48 ? 80  GLN A OE1 1 
ATOM   595  O OE1 B GLN A 1 80  ? -16.190 1.160   -6.541  0.50 26.67 ? 80  GLN A OE1 1 
ATOM   596  N NE2 A GLN A 1 80  ? -14.011 -0.289  -9.561  0.50 22.29 ? 80  GLN A NE2 1 
ATOM   597  N NE2 B GLN A 1 80  ? -15.926 1.932   -8.648  0.50 29.02 ? 80  GLN A NE2 1 
ATOM   598  N N   . ASN A 1 81  ? -12.539 2.353   -3.541  1.00 13.19 ? 81  ASN A N   1 
ATOM   599  C CA  . ASN A 1 81  ? -12.891 2.983   -2.303  1.00 12.48 ? 81  ASN A CA  1 
ATOM   600  C C   . ASN A 1 81  ? -11.793 3.920   -1.834  1.00 14.12 ? 81  ASN A C   1 
ATOM   601  O O   . ASN A 1 81  ? -12.073 5.030   -1.336  1.00 13.56 ? 81  ASN A O   1 
ATOM   602  C CB  . ASN A 1 81  ? -13.230 1.936   -1.232  1.00 13.05 ? 81  ASN A CB  1 
ATOM   603  C CG  . ASN A 1 81  ? -14.602 1.357   -1.427  1.00 17.23 ? 81  ASN A CG  1 
ATOM   604  O OD1 . ASN A 1 81  ? -15.541 2.079   -1.839  1.00 17.28 ? 81  ASN A OD1 1 
ATOM   605  N ND2 . ASN A 1 81  ? -14.767 0.057   -1.156  1.00 16.54 ? 81  ASN A ND2 1 
ATOM   606  N N   . LEU A 1 82  ? -10.533 3.526   -1.955  1.00 12.62 ? 82  LEU A N   1 
ATOM   607  C CA  . LEU A 1 82  ? -9.425  4.383   -1.579  1.00 13.42 ? 82  LEU A CA  1 
ATOM   608  C C   . LEU A 1 82  ? -9.458  5.657   -2.414  1.00 13.03 ? 82  LEU A C   1 
ATOM   609  O O   . LEU A 1 82  ? -9.155  6.743   -1.908  1.00 14.27 ? 82  LEU A O   1 
ATOM   610  C CB  . LEU A 1 82  ? -8.074  3.676   -1.719  1.00 12.94 ? 82  LEU A CB  1 
ATOM   611  C CG  . LEU A 1 82  ? -7.857  2.445   -0.810  1.00 11.85 ? 82  LEU A CG  1 
ATOM   612  C CD1 . LEU A 1 82  ? -6.564  1.751   -1.213  1.00 13.49 ? 82  LEU A CD1 1 
ATOM   613  C CD2 . LEU A 1 82  ? -7.834  2.815   0.694   1.00 13.99 ? 82  LEU A CD2 1 
ATOM   614  N N   . SER A 1 83  ? -9.742  5.507   -3.704  1.00 13.32 ? 83  SER A N   1 
ATOM   615  C CA  . SER A 1 83  ? -9.696  6.597   -4.662  1.00 14.29 ? 83  SER A CA  1 
ATOM   616  C C   . SER A 1 83  ? -10.799 7.606   -4.372  1.00 15.92 ? 83  SER A C   1 
ATOM   617  O O   . SER A 1 83  ? -10.687 8.775   -4.804  1.00 17.71 ? 83  SER A O   1 
ATOM   618  C CB  . SER A 1 83  ? -9.885  6.040   -6.074  1.00 14.21 ? 83  SER A CB  1 
ATOM   619  O OG  . SER A 1 83  ? -8.758  5.320   -6.459  1.00 16.32 ? 83  SER A OG  1 
ATOM   620  N N   . GLU A 1 84  ? -11.864 7.209   -3.694  1.00 16.26 ? 84  GLU A N   1 
ATOM   621  C CA  . GLU A 1 84  ? -13.045 8.060   -3.493  1.00 18.48 ? 84  GLU A CA  1 
ATOM   622  C C   . GLU A 1 84  ? -12.995 8.760   -2.153  1.00 19.67 ? 84  GLU A C   1 
ATOM   623  O O   . GLU A 1 84  ? -13.926 9.513   -1.821  1.00 20.89 ? 84  GLU A O   1 
ATOM   624  C CB  . GLU A 1 84  ? -14.323 7.233   -3.591  1.00 18.87 ? 84  GLU A CB  1 
ATOM   625  C CG  . GLU A 1 84  ? -14.617 6.745   -4.984  1.00 22.12 ? 84  GLU A CG  1 
ATOM   626  C CD  . GLU A 1 84  ? -15.659 5.648   -5.076  1.00 26.13 ? 84  GLU A CD  1 
ATOM   627  O OE1 . GLU A 1 84  ? -16.099 5.125   -4.031  1.00 32.03 ? 84  GLU A OE1 1 
ATOM   628  O OE2 . GLU A 1 84  ? -16.026 5.299   -6.217  1.00 32.32 ? 84  GLU A OE2 1 
ATOM   629  N N   . SER A 1 85  ? -11.958 8.512   -1.358  1.00 16.78 ? 85  SER A N   1 
ATOM   630  C CA  . SER A 1 85  ? -11.927 8.954   0.048   1.00 17.47 ? 85  SER A CA  1 
ATOM   631  C C   . SER A 1 85  ? -11.116 10.229  0.239   1.00 16.80 ? 85  SER A C   1 
ATOM   632  O O   . SER A 1 85  ? -9.941  10.300  -0.070  1.00 15.50 ? 85  SER A O   1 
ATOM   633  C CB  . SER A 1 85  ? -11.318 7.873   0.935   1.00 15.79 ? 85  SER A CB  1 
ATOM   634  O OG  . SER A 1 85  ? -10.961 8.360   2.227   1.00 17.84 ? 85  SER A OG  1 
ATOM   635  N N   . ALA A 1 86  ? -11.774 11.237  0.809   1.00 19.21 ? 86  ALA A N   1 
ATOM   636  C CA  . ALA A 1 86  ? -11.091 12.467  1.189   1.00 19.87 ? 86  ALA A CA  1 
ATOM   637  C C   . ALA A 1 86  ? -10.014 12.270  2.246   1.00 16.75 ? 86  ALA A C   1 
ATOM   638  O O   . ALA A 1 86  ? -8.981  12.929  2.216   1.00 19.34 ? 86  ALA A O   1 
ATOM   639  C CB  . ALA A 1 86  ? -12.115 13.499  1.668   1.00 22.46 ? 86  ALA A CB  1 
ATOM   640  N N   . ALA A 1 87  ? -10.265 11.359  3.197   1.00 16.88 ? 87  ALA A N   1 
ATOM   641  C CA  . ALA A 1 87  ? -9.281  11.073  4.222   1.00 16.51 ? 87  ALA A CA  1 
ATOM   642  C C   . ALA A 1 87  ? -7.992  10.484  3.628   1.00 16.30 ? 87  ALA A C   1 
ATOM   643  O O   . ALA A 1 87  ? -6.889  10.813  4.012   1.00 17.53 ? 87  ALA A O   1 
ATOM   644  C CB  . ALA A 1 87  ? -9.872  10.114  5.290   1.00 20.43 ? 87  ALA A CB  1 
ATOM   645  N N   . VAL A 1 88  ? -8.161  9.577   2.669   1.00 16.83 ? 88  VAL A N   1 
ATOM   646  C CA  . VAL A 1 88  ? -6.999  9.018   1.991   1.00 15.71 ? 88  VAL A CA  1 
ATOM   647  C C   . VAL A 1 88  ? -6.207  10.101  1.254   1.00 12.74 ? 88  VAL A C   1 
ATOM   648  O O   . VAL A 1 88  ? -4.998  10.148  1.320   1.00 15.26 ? 88  VAL A O   1 
ATOM   649  C CB  . VAL A 1 88  ? -7.440  7.869   1.040   1.00 13.26 ? 88  VAL A CB  1 
ATOM   650  C CG1 . VAL A 1 88  ? -6.295  7.378   0.226   1.00 13.81 ? 88  VAL A CG1 1 
ATOM   651  C CG2 . VAL A 1 88  ? -8.020  6.692   1.875   1.00 14.86 ? 88  VAL A CG2 1 
ATOM   652  N N   . LYS A 1 89  ? -6.943  10.966  0.549   1.00 15.98 ? 89  LYS A N   1 
ATOM   653  C CA  . LYS A 1 89  ? -6.305  12.073  -0.163  1.00 17.06 ? 89  LYS A CA  1 
ATOM   654  C C   . LYS A 1 89  ? -5.416  12.913  0.775   1.00 16.45 ? 89  LYS A C   1 
ATOM   655  O O   . LYS A 1 89  ? -4.256  13.195  0.493   1.00 16.86 ? 89  LYS A O   1 
ATOM   656  C CB  . LYS A 1 89  ? -7.382  12.956  -0.781  1.00 17.65 ? 89  LYS A CB  1 
ATOM   657  C CG  . LYS A 1 89  ? -6.814  14.099  -1.633  1.00 21.69 ? 89  LYS A CG  1 
ATOM   658  C CD  . LYS A 1 89  ? -7.933  14.901  -2.347  1.00 28.00 ? 89  LYS A CD  1 
ATOM   659  C CE  . LYS A 1 89  ? -9.089  14.018  -2.875  1.00 35.20 ? 89  LYS A CE  1 
ATOM   660  N NZ  . LYS A 1 89  ? -8.941  13.528  -4.310  1.00 30.06 ? 89  LYS A NZ  1 
ATOM   661  N N   . GLU A 1 90  ? -5.984  13.247  1.926   1.00 18.12 ? 90  GLU A N   1 
ATOM   662  C CA  . GLU A 1 90  ? -5.271  14.107  2.874   1.00 19.38 ? 90  GLU A CA  1 
ATOM   663  C C   . GLU A 1 90  ? -4.035  13.427  3.430   1.00 16.51 ? 90  GLU A C   1 
ATOM   664  O O   . GLU A 1 90  ? -2.958  13.977  3.516   1.00 16.69 ? 90  GLU A O   1 
ATOM   665  C CB  . GLU A 1 90  ? -6.225  14.459  4.008   1.00 21.46 ? 90  GLU A CB  1 
ATOM   666  C CG  . GLU A 1 90  ? -5.655  15.282  5.123   1.00 28.15 ? 90  GLU A CG  1 
ATOM   667  C CD  . GLU A 1 90  ? -6.720  15.632  6.160   0.50 27.03 ? 90  GLU A CD  1 
ATOM   668  O OE1 . GLU A 1 90  ? -7.526  14.741  6.516   0.50 32.37 ? 90  GLU A OE1 1 
ATOM   669  O OE2 . GLU A 1 90  ? -6.765  16.799  6.604   0.50 32.43 ? 90  GLU A OE2 1 
ATOM   670  N N   . ILE A 1 91  ? -4.186  12.149  3.785   1.00 15.59 ? 91  ILE A N   1 
ATOM   671  C CA  . ILE A 1 91  ? -3.051  11.367  4.238   1.00 16.05 ? 91  ILE A CA  1 
ATOM   672  C C   . ILE A 1 91  ? -1.930  11.270  3.208   1.00 15.09 ? 91  ILE A C   1 
ATOM   673  O O   . ILE A 1 91  ? -0.753  11.372  3.506   1.00 16.04 ? 91  ILE A O   1 
ATOM   674  C CB  . ILE A 1 91  ? -3.509  9.943   4.645   1.00 17.91 ? 91  ILE A CB  1 
ATOM   675  C CG1 . ILE A 1 91  ? -4.352  10.042  5.925   1.00 20.94 ? 91  ILE A CG1 1 
ATOM   676  C CG2 . ILE A 1 91  ? -2.336  9.047   4.807   1.00 20.14 ? 91  ILE A CG2 1 
ATOM   677  C CD1 . ILE A 1 91  ? -5.291  8.831   6.193   1.00 21.44 ? 91  ILE A CD1 1 
ATOM   678  N N   . LEU A 1 92  ? -2.309  10.977  1.972   1.00 15.42 ? 92  LEU A N   1 
ATOM   679  C CA  . LEU A 1 92  ? -1.300  10.824  0.942   1.00 15.56 ? 92  LEU A CA  1 
ATOM   680  C C   . LEU A 1 92  ? -0.617  12.154  0.580   1.00 14.40 ? 92  LEU A C   1 
ATOM   681  O O   . LEU A 1 92  ? 0.562   12.208  0.360   1.00 15.23 ? 92  LEU A O   1 
ATOM   682  C CB  . LEU A 1 92  ? -1.930  10.234  -0.321  1.00 14.84 ? 92  LEU A CB  1 
ATOM   683  C CG  . LEU A 1 92  ? -2.415  8.794   -0.219  1.00 13.93 ? 92  LEU A CG  1 
ATOM   684  C CD1 . LEU A 1 92  ? -3.110  8.412   -1.501  1.00 15.65 ? 92  LEU A CD1 1 
ATOM   685  C CD2 . LEU A 1 92  ? -1.289  7.831   0.105   1.00 14.88 ? 92  LEU A CD2 1 
ATOM   686  N N   . LYS A 1 93  ? -1.408  13.224  0.542   1.00 16.93 ? 93  LYS A N   1 
ATOM   687  C CA  . LYS A 1 93  ? -0.845  14.568  0.299   1.00 17.91 ? 93  LYS A CA  1 
ATOM   688  C C   . LYS A 1 93  ? 0.136   14.958  1.381   1.00 18.76 ? 93  LYS A C   1 
ATOM   689  O O   . LYS A 1 93  ? 1.221   15.453  1.101   1.00 19.44 ? 93  LYS A O   1 
ATOM   690  C CB  . LYS A 1 93  ? -1.973  15.591  0.194   1.00 20.60 ? 93  LYS A CB  1 
ATOM   691  C CG  . LYS A 1 93  ? -2.706  15.561  -1.131  1.00 24.65 ? 93  LYS A CG  1 
ATOM   692  C CD  . LYS A 1 93  ? -1.871  16.144  -2.258  1.00 32.50 ? 93  LYS A CD  1 
ATOM   693  C CE  . LYS A 1 93  ? -2.639  16.195  -3.590  1.00 35.48 ? 93  LYS A CE  1 
ATOM   694  N NZ  . LYS A 1 93  ? -1.709  16.490  -4.710  1.00 37.64 ? 93  LYS A NZ  1 
ATOM   695  N N   . GLU A 1 94  ? -0.229  14.680  2.629   1.00 17.87 ? 94  GLU A N   1 
ATOM   696  C CA  . GLU A 1 94  ? 0.665   14.973  3.746   1.00 20.74 ? 94  GLU A CA  1 
ATOM   697  C C   . GLU A 1 94  ? 1.938   14.147  3.646   1.00 17.65 ? 94  GLU A C   1 
ATOM   698  O O   . GLU A 1 94  ? 3.040   14.610  3.865   1.00 21.09 ? 94  GLU A O   1 
ATOM   699  C CB  . GLU A 1 94  ? -0.030  14.691  5.084   1.00 24.11 ? 94  GLU A CB  1 
ATOM   700  C CG  . GLU A 1 94  ? 0.936   14.561  6.254   1.00 28.77 ? 94  GLU A CG  1 
ATOM   701  C CD  . GLU A 1 94  ? 0.235   14.445  7.602   0.50 27.90 ? 94  GLU A CD  1 
ATOM   702  O OE1 . GLU A 1 94  ? -0.383  13.395  7.883   0.50 28.35 ? 94  GLU A OE1 1 
ATOM   703  O OE2 . GLU A 1 94  ? 0.320   15.416  8.385   0.50 35.88 ? 94  GLU A OE2 1 
ATOM   704  N N   . GLN A 1 95  ? 1.798   12.860  3.322   1.00 16.97 ? 95  GLN A N   1 
ATOM   705  C CA  . GLN A 1 95  ? 2.937   12.011  3.201   1.00 16.23 ? 95  GLN A CA  1 
ATOM   706  C C   . GLN A 1 95  ? 3.908   12.456  2.073   1.00 15.19 ? 95  GLN A C   1 
ATOM   707  O O   . GLN A 1 95  ? 5.141   12.475  2.209   1.00 16.85 ? 95  GLN A O   1 
ATOM   708  C CB  . GLN A 1 95  ? 2.429   10.570  3.006   1.00 18.73 ? 95  GLN A CB  1 
ATOM   709  C CG  . GLN A 1 95  ? 3.513   9.560   3.049   1.00 17.70 ? 95  GLN A CG  1 
ATOM   710  C CD  . GLN A 1 95  ? 4.030   9.286   4.458   1.00 19.19 ? 95  GLN A CD  1 
ATOM   711  O OE1 . GLN A 1 95  ? 3.816   10.090  5.386   1.00 22.74 ? 95  GLN A OE1 1 
ATOM   712  N NE2 . GLN A 1 95  ? 4.745   8.186   4.628   1.00 15.67 ? 95  GLN A NE2 1 
ATOM   713  N N   . GLU A 1 96  ? 3.329   12.825  0.939   1.00 17.56 ? 96  GLU A N   1 
ATOM   714  C CA  . GLU A 1 96  ? 4.129   13.306  -0.179  1.00 20.75 ? 96  GLU A CA  1 
ATOM   715  C C   . GLU A 1 96  ? 4.874   14.601  0.210   1.00 19.40 ? 96  GLU A C   1 
ATOM   716  O O   . GLU A 1 96  ? 6.064   14.754  -0.055  1.00 21.63 ? 96  GLU A O   1 
ATOM   717  C CB  . GLU A 1 96  ? 3.178   13.542  -1.357  1.00 21.36 ? 96  GLU A CB  1 
ATOM   718  C CG  . GLU A 1 96  ? 3.861   13.856  -2.654  1.00 23.86 ? 96  GLU A CG  1 
ATOM   719  C CD  . GLU A 1 96  ? 2.868   14.157  -3.772  1.00 21.18 ? 96  GLU A CD  1 
ATOM   720  O OE1 . GLU A 1 96  ? 1.778   14.739  -3.524  1.00 26.67 ? 96  GLU A OE1 1 
ATOM   721  O OE2 . GLU A 1 96  ? 3.234   13.899  -4.920  1.00 24.18 ? 96  GLU A OE2 1 
ATOM   722  N N   A ASN A 1 97  ? 4.179   15.472  0.926   0.50 16.45 ? 97  ASN A N   1 
ATOM   723  N N   B ASN A 1 97  ? 4.138   15.529  0.821   0.50 22.90 ? 97  ASN A N   1 
ATOM   724  C CA  A ASN A 1 97  ? 4.721   16.777  1.304   0.50 19.86 ? 97  ASN A CA  1 
ATOM   725  C CA  B ASN A 1 97  ? 4.701   16.787  1.351   0.50 23.36 ? 97  ASN A CA  1 
ATOM   726  C C   A ASN A 1 97  ? 5.835   16.661  2.330   0.50 19.39 ? 97  ASN A C   1 
ATOM   727  C C   B ASN A 1 97  ? 5.929   16.514  2.200   0.50 23.87 ? 97  ASN A C   1 
ATOM   728  O O   A ASN A 1 97  ? 6.738   17.501  2.359   0.50 19.24 ? 97  ASN A O   1 
ATOM   729  O O   B ASN A 1 97  ? 7.009   17.063  1.951   0.50 28.50 ? 97  ASN A O   1 
ATOM   730  C CB  A ASN A 1 97  ? 3.604   17.656  1.859   0.50 19.93 ? 97  ASN A CB  1 
ATOM   731  C CB  B ASN A 1 97  ? 3.646   17.508  2.198   0.50 25.08 ? 97  ASN A CB  1 
ATOM   732  C CG  A ASN A 1 97  ? 2.839   18.382  0.778   0.50 23.88 ? 97  ASN A CG  1 
ATOM   733  C CG  B ASN A 1 97  ? 4.037   18.943  2.552   0.50 28.11 ? 97  ASN A CG  1 
ATOM   734  O OD1 A ASN A 1 97  ? 3.343   18.580  -0.327  0.50 30.58 ? 97  ASN A OD1 1 
ATOM   735  O OD1 B ASN A 1 97  ? 3.841   19.864  1.758   0.50 32.06 ? 97  ASN A OD1 1 
ATOM   736  N ND2 A ASN A 1 97  ? 1.607   18.777  1.084   0.50 26.03 ? 97  ASN A ND2 1 
ATOM   737  N ND2 B ASN A 1 97  ? 4.574   19.136  3.756   0.50 30.69 ? 97  ASN A ND2 1 
ATOM   738  N N   . ARG A 1 98  ? 5.772   15.646  3.197   1.00 21.58 ? 98  ARG A N   1 
ATOM   739  C CA  . ARG A 1 98  ? 6.841   15.378  4.139   1.00 22.92 ? 98  ARG A CA  1 
ATOM   740  C C   . ARG A 1 98  ? 7.877   14.393  3.629   1.00 24.36 ? 98  ARG A C   1 
ATOM   741  O O   . ARG A 1 98  ? 8.779   13.986  4.362   1.00 25.32 ? 98  ARG A O   1 
ATOM   742  C CB  . ARG A 1 98  ? 6.292   14.910  5.478   1.00 25.21 ? 98  ARG A CB  1 
ATOM   743  C CG  . ARG A 1 98  ? 5.625   13.569  5.417   1.00 26.26 ? 98  ARG A CG  1 
ATOM   744  C CD  . ARG A 1 98  ? 4.986   13.214  6.760   1.00 28.84 ? 98  ARG A CD  1 
ATOM   745  N NE  . ARG A 1 98  ? 6.028   13.021  7.755   0.50 26.78 ? 98  ARG A NE  1 
ATOM   746  C CZ  . ARG A 1 98  ? 6.730   11.904  7.895   0.50 30.50 ? 98  ARG A CZ  1 
ATOM   747  N NH1 . ARG A 1 98  ? 6.476   10.845  7.122   0.50 24.26 ? 98  ARG A NH1 1 
ATOM   748  N NH2 . ARG A 1 98  ? 7.674   11.843  8.824   0.50 29.79 ? 98  ARG A NH2 1 
ATOM   749  N N   . LYS A 1 99  ? 7.750   14.021  2.353   1.00 22.94 ? 99  LYS A N   1 
ATOM   750  C CA  . LYS A 1 99  ? 8.722   13.184  1.678   1.00 25.72 ? 99  LYS A CA  1 
ATOM   751  C C   . LYS A 1 99  ? 8.842   11.812  2.364   1.00 25.21 ? 99  LYS A C   1 
ATOM   752  O O   . LYS A 1 99  ? 9.921   11.252  2.500   1.00 28.94 ? 99  LYS A O   1 
ATOM   753  C CB  . LYS A 1 99  ? 10.064  13.919  1.576   1.00 28.58 ? 99  LYS A CB  1 
ATOM   754  C CG  . LYS A 1 99  ? 9.982   15.154  0.679   1.00 33.16 ? 99  LYS A CG  1 
ATOM   755  C CD  . LYS A 1 99  ? 11.354  15.794  0.487   1.00 35.86 ? 99  LYS A CD  1 
ATOM   756  C CE  . LYS A 1 99  ? 11.239  17.274  0.150   1.00 38.42 ? 99  LYS A CE  1 
ATOM   757  N NZ  . LYS A 1 99  ? 12.469  18.039  0.516   1.00 43.07 ? 99  LYS A NZ  1 
ATOM   758  N N   . GLY A 1 100 ? 7.696   11.280  2.792   1.00 19.47 ? 100 GLY A N   1 
ATOM   759  C CA  . GLY A 1 100 ? 7.615   9.933   3.306   1.00 18.56 ? 100 GLY A CA  1 
ATOM   760  C C   . GLY A 1 100 ? 7.168   8.921   2.250   1.00 16.29 ? 100 GLY A C   1 
ATOM   761  O O   . GLY A 1 100 ? 6.490   9.268   1.283   1.00 17.77 ? 100 GLY A O   1 
ATOM   762  N N   . LEU A 1 101 ? 7.528   7.669   2.486   1.00 15.05 ? 101 LEU A N   1 
ATOM   763  C CA  . LEU A 1 101 ? 7.247   6.591   1.538   1.00 14.41 ? 101 LEU A CA  1 
ATOM   764  C C   . LEU A 1 101 ? 5.755   6.313   1.356   1.00 12.67 ? 101 LEU A C   1 
ATOM   765  O O   . LEU A 1 101 ? 4.974   6.280   2.317   1.00 12.80 ? 101 LEU A O   1 
ATOM   766  C CB  . LEU A 1 101 ? 8.005   5.338   1.951   1.00 15.53 ? 101 LEU A CB  1 
ATOM   767  C CG  . LEU A 1 101 ? 8.037   4.174   0.974   1.00 15.29 ? 101 LEU A CG  1 
ATOM   768  C CD1 . LEU A 1 101 ? 8.834   4.537   -0.279  1.00 16.46 ? 101 LEU A CD1 1 
ATOM   769  C CD2 . LEU A 1 101 ? 8.630   2.934   1.655   1.00 17.81 ? 101 LEU A CD2 1 
ATOM   770  N N   . ILE A 1 102 ? 5.358   6.107   0.095   1.00 12.05 ? 102 ILE A N   1 
ATOM   771  C CA  . ILE A 1 102 ? 4.026   5.685   -0.262  1.00 11.93 ? 102 ILE A CA  1 
ATOM   772  C C   . ILE A 1 102 ? 4.161   4.430   -1.100  1.00 11.20 ? 102 ILE A C   1 
ATOM   773  O O   . ILE A 1 102 ? 4.900   4.401   -2.109  1.00 12.76 ? 102 ILE A O   1 
ATOM   774  C CB  . ILE A 1 102 ? 3.298   6.783   -1.074  1.00 13.90 ? 102 ILE A CB  1 
ATOM   775  C CG1 . ILE A 1 102 ? 3.100   8.034   -0.202  1.00 13.30 ? 102 ILE A CG1 1 
ATOM   776  C CG2 . ILE A 1 102 ? 1.977   6.284   -1.586  1.00 15.76 ? 102 ILE A CG2 1 
ATOM   777  C CD1 . ILE A 1 102 ? 2.488   9.260   -0.979  1.00 16.82 ? 102 ILE A CD1 1 
ATOM   778  N N   . ALA A 1 103 ? 3.492   3.356   -0.670  1.00 10.81 ? 103 ALA A N   1 
ATOM   779  C CA  . ALA A 1 103 ? 3.645   2.026   -1.276  1.00 11.34 ? 103 ALA A CA  1 
ATOM   780  C C   . ALA A 1 103 ? 2.280   1.522   -1.685  1.00 11.56 ? 103 ALA A C   1 
ATOM   781  O O   . ALA A 1 103 ? 1.364   1.491   -0.877  1.00 12.81 ? 103 ALA A O   1 
ATOM   782  C CB  . ALA A 1 103 ? 4.299   1.074   -0.299  1.00 11.60 ? 103 ALA A CB  1 
ATOM   783  N N   . ALA A 1 104 ? 2.113   1.137   -2.950  1.00 10.43 ? 104 ALA A N   1 
ATOM   784  C CA  . ALA A 1 104 ? 0.813   0.712   -3.451  1.00 10.10 ? 104 ALA A CA  1 
ATOM   785  C C   . ALA A 1 104 ? 0.970   -0.463  -4.417  1.00 10.87 ? 104 ALA A C   1 
ATOM   786  O O   . ALA A 1 104 ? 1.887   -0.493  -5.215  1.00 10.56 ? 104 ALA A O   1 
ATOM   787  C CB  . ALA A 1 104 ? 0.097   1.896   -4.169  1.00 11.04 ? 104 ALA A CB  1 
ATOM   788  N N   . ILE A 1 105 ? 0.071   -1.442  -4.330  1.00 10.53 ? 105 ILE A N   1 
ATOM   789  C CA  . ILE A 1 105 ? 0.161   -2.673  -5.107  1.00 10.34 ? 105 ILE A CA  1 
ATOM   790  C C   . ILE A 1 105 ? -1.125  -2.952  -5.879  1.00 11.55 ? 105 ILE A C   1 
ATOM   791  O O   . ILE A 1 105 ? -2.227  -2.633  -5.439  1.00 11.06 ? 105 ILE A O   1 
ATOM   792  C CB  . ILE A 1 105 ? 0.619   -3.856  -4.196  1.00 9.28  ? 105 ILE A CB  1 
ATOM   793  C CG1 . ILE A 1 105 ? 0.825   -5.126  -4.993  1.00 10.38 ? 105 ILE A CG1 1 
ATOM   794  C CG2 . ILE A 1 105 ? -0.360  -4.064  -3.011  1.00 11.98 ? 105 ILE A CG2 1 
ATOM   795  C CD1 . ILE A 1 105 ? 1.596   -6.210  -4.228  1.00 12.38 ? 105 ILE A CD1 1 
ATOM   796  N N   . CYS A 1 106 ? -0.959  -3.521  -7.071  1.00 11.02 ? 106 CYS A N   1 
ATOM   797  C CA  . CYS A 1 106 ? -2.046  -4.092  -7.903  1.00 10.89 ? 106 CYS A CA  1 
ATOM   798  C C   . CYS A 1 106 ? -2.898  -2.957  -8.495  1.00 11.75 ? 106 CYS A C   1 
ATOM   799  O O   . CYS A 1 106 ? -2.367  -2.186  -9.303  1.00 12.38 ? 106 CYS A O   1 
ATOM   800  C CB  . CYS A 1 106 ? -2.844  -5.136  -7.109  1.00 12.07 ? 106 CYS A CB  1 
ATOM   801  S SG  . CYS A 1 106 ? -4.405  -5.766  -7.837  0.75 16.79 ? 106 CYS A SG  1 
ATOM   802  N N   . ALA A 1 107 ? -4.145  -2.790  -8.054  1.00 11.99 ? 107 ALA A N   1 
ATOM   803  C CA  . ALA A 1 107 ? -4.936  -1.610  -8.430  1.00 12.19 ? 107 ALA A CA  1 
ATOM   804  C C   . ALA A 1 107 ? -4.682  -0.446  -7.484  1.00 11.48 ? 107 ALA A C   1 
ATOM   805  O O   . ALA A 1 107 ? -5.120  0.674   -7.759  1.00 11.94 ? 107 ALA A O   1 
ATOM   806  C CB  . ALA A 1 107 ? -6.431  -1.946  -8.456  1.00 13.53 ? 107 ALA A CB  1 
ATOM   807  N N   . GLY A 1 108 ? -4.045  -0.702  -6.343  1.00 11.22 ? 108 GLY A N   1 
ATOM   808  C CA  . GLY A 1 108 ? -3.777  0.331   -5.366  1.00 12.24 ? 108 GLY A CA  1 
ATOM   809  C C   . GLY A 1 108 ? -3.207  1.625   -5.938  1.00 11.46 ? 108 GLY A C   1 
ATOM   810  O O   . GLY A 1 108 ? -3.585  2.699   -5.510  1.00 11.51 ? 108 GLY A O   1 
ATOM   811  N N   . PRO A 1 109 ? -2.248  1.540   -6.881  1.00 10.34 ? 109 PRO A N   1 
ATOM   812  C CA  . PRO A 1 109 ? -1.668  2.786   -7.363  1.00 9.89  ? 109 PRO A CA  1 
ATOM   813  C C   . PRO A 1 109 ? -2.661  3.692   -8.063  1.00 9.95  ? 109 PRO A C   1 
ATOM   814  O O   . PRO A 1 109 ? -2.372  4.892   -8.147  1.00 11.79 ? 109 PRO A O   1 
ATOM   815  C CB  . PRO A 1 109 ? -0.572  2.312   -8.308  1.00 10.92 ? 109 PRO A CB  1 
ATOM   816  C CG  . PRO A 1 109 ? -0.211  0.884   -7.846  1.00 10.73 ? 109 PRO A CG  1 
ATOM   817  C CD  . PRO A 1 109 ? -1.539  0.349   -7.390  1.00 11.20 ? 109 PRO A CD  1 
ATOM   818  N N   . THR A 1 110 ? -3.780  3.170   -8.547  1.00 10.74 ? 110 THR A N   1 
ATOM   819  C CA  . THR A 1 110 ? -4.786  4.014   -9.146  1.00 11.82 ? 110 THR A CA  1 
ATOM   820  C C   . THR A 1 110 ? -5.333  5.046   -8.174  1.00 13.16 ? 110 THR A C   1 
ATOM   821  O O   . THR A 1 110 ? -5.844  6.093   -8.606  1.00 13.63 ? 110 THR A O   1 
ATOM   822  C CB  . THR A 1 110 ? -5.904  3.251   -9.842  1.00 11.06 ? 110 THR A CB  1 
ATOM   823  O OG1 . THR A 1 110 ? -6.732  2.557   -8.888  1.00 12.72 ? 110 THR A OG1 1 
ATOM   824  C CG2 . THR A 1 110 ? -5.326  2.288   -10.891 1.00 12.53 ? 110 THR A CG2 1 
ATOM   825  N N   . ALA A 1 111 ? -5.249  4.822   -6.863  1.00 12.20 ? 111 ALA A N   1 
ATOM   826  C CA  . ALA A 1 111 ? -5.618  5.857   -5.902  1.00 12.75 ? 111 ALA A CA  1 
ATOM   827  C C   . ALA A 1 111 ? -4.629  7.000   -5.890  1.00 13.48 ? 111 ALA A C   1 
ATOM   828  O O   . ALA A 1 111 ? -5.012  8.138   -5.554  1.00 13.42 ? 111 ALA A O   1 
ATOM   829  C CB  . ALA A 1 111 ? -5.769  5.239   -4.464  1.00 13.71 ? 111 ALA A CB  1 
ATOM   830  N N   . LEU A 1 112 ? -3.370  6.744   -6.221  1.00 12.36 ? 112 LEU A N   1 
ATOM   831  C CA  . LEU A 1 112 ? -2.422  7.841   -6.396  1.00 12.26 ? 112 LEU A CA  1 
ATOM   832  C C   . LEU A 1 112 ? -2.892  8.768   -7.529  1.00 14.46 ? 112 LEU A C   1 
ATOM   833  O O   . LEU A 1 112 ? -2.812  10.010  -7.420  1.00 13.84 ? 112 LEU A O   1 
ATOM   834  C CB  . LEU A 1 112 ? -1.018  7.336   -6.698  1.00 13.34 ? 112 LEU A CB  1 
ATOM   835  C CG  . LEU A 1 112 ? -0.459  6.317   -5.697  1.00 13.43 ? 112 LEU A CG  1 
ATOM   836  C CD1 . LEU A 1 112 ? 0.898   5.835   -6.157  1.00 16.95 ? 112 LEU A CD1 1 
ATOM   837  C CD2 . LEU A 1 112 ? -0.443  6.910   -4.268  1.00 17.75 ? 112 LEU A CD2 1 
ATOM   838  N N   . LEU A 1 113 ? -3.333  8.183   -8.626  1.00 13.04 ? 113 LEU A N   1 
ATOM   839  C CA  . LEU A 1 113 ? -3.811  9.021   -9.740  1.00 13.21 ? 113 LEU A CA  1 
ATOM   840  C C   . LEU A 1 113 ? -5.011  9.838   -9.288  1.00 15.03 ? 113 LEU A C   1 
ATOM   841  O O   . LEU A 1 113 ? -5.085  11.057  -9.539  1.00 14.73 ? 113 LEU A O   1 
ATOM   842  C CB  . LEU A 1 113 ? -4.198  8.147   -10.937 1.00 13.28 ? 113 LEU A CB  1 
ATOM   843  C CG  . LEU A 1 113 ? -4.913  8.869   -12.090 1.00 13.65 ? 113 LEU A CG  1 
ATOM   844  C CD1 . LEU A 1 113 ? -4.064  9.953   -12.726 1.00 14.06 ? 113 LEU A CD1 1 
ATOM   845  C CD2 . LEU A 1 113 ? -5.364  7.871   -13.158 1.00 15.77 ? 113 LEU A CD2 1 
ATOM   846  N N   . ALA A 1 114 ? -5.961  9.205   -8.613  1.00 13.43 ? 114 ALA A N   1 
ATOM   847  C CA  . ALA A 1 114 ? -7.168  9.878   -8.172  1.00 14.11 ? 114 ALA A CA  1 
ATOM   848  C C   . ALA A 1 114 ? -6.867  11.087  -7.295  1.00 15.91 ? 114 ALA A C   1 
ATOM   849  O O   . ALA A 1 114 ? -7.594  12.104  -7.369  1.00 18.25 ? 114 ALA A O   1 
ATOM   850  C CB  . ALA A 1 114 ? -8.071  8.890   -7.407  1.00 15.87 ? 114 ALA A CB  1 
ATOM   851  N N   . HIS A 1 115 ? -5.838  10.993  -6.475  1.00 15.55 ? 115 HIS A N   1 
ATOM   852  C CA  . HIS A 1 115 ? -5.513  12.025  -5.495  1.00 15.75 ? 115 HIS A CA  1 
ATOM   853  C C   . HIS A 1 115 ? -4.327  12.890  -5.939  1.00 15.05 ? 115 HIS A C   1 
ATOM   854  O O   . HIS A 1 115 ? -3.756  13.666  -5.150  1.00 16.54 ? 115 HIS A O   1 
ATOM   855  C CB  . HIS A 1 115 ? -5.246  11.350  -4.153  1.00 16.63 ? 115 HIS A CB  1 
ATOM   856  C CG  . HIS A 1 115 ? -6.440  10.643  -3.615  1.00 17.26 ? 115 HIS A CG  1 
ATOM   857  N ND1 . HIS A 1 115 ? -7.700  11.201  -3.619  1.00 16.04 ? 115 HIS A ND1 1 
ATOM   858  C CD2 . HIS A 1 115 ? -6.585  9.397   -3.096  1.00 15.21 ? 115 HIS A CD2 1 
ATOM   859  C CE1 . HIS A 1 115 ? -8.563  10.340  -3.106  1.00 17.14 ? 115 HIS A CE1 1 
ATOM   860  N NE2 . HIS A 1 115 ? -7.900  9.241   -2.766  1.00 15.17 ? 115 HIS A NE2 1 
ATOM   861  N N   . GLU A 1 116 ? -3.941  12.748  -7.207  1.00 14.41 ? 116 GLU A N   1 
ATOM   862  C CA  . GLU A 1 116 ? -2.854  13.548  -7.790  1.00 14.93 ? 116 GLU A CA  1 
ATOM   863  C C   . GLU A 1 116 ? -1.530  13.442  -7.045  1.00 16.91 ? 116 GLU A C   1 
ATOM   864  O O   . GLU A 1 116 ? -0.820  14.431  -6.800  1.00 19.67 ? 116 GLU A O   1 
ATOM   865  C CB  . GLU A 1 116 ? -3.293  15.024  -7.975  1.00 19.19 ? 116 GLU A CB  1 
ATOM   866  C CG  . GLU A 1 116 ? -4.467  15.156  -8.889  1.00 25.30 ? 116 GLU A CG  1 
ATOM   867  C CD  . GLU A 1 116 ? -4.722  16.582  -9.338  0.50 22.04 ? 116 GLU A CD  1 
ATOM   868  O OE1 . GLU A 1 116 ? -4.079  17.499  -8.785  0.50 23.85 ? 116 GLU A OE1 1 
ATOM   869  O OE2 . GLU A 1 116 ? -5.558  16.759  -10.244 0.50 28.53 ? 116 GLU A OE2 1 
ATOM   870  N N   . ILE A 1 117 ? -1.127  12.211  -6.738  1.00 15.18 ? 117 ILE A N   1 
ATOM   871  C CA  . ILE A 1 117 ? 0.064   11.970  -5.968  1.00 14.66 ? 117 ILE A CA  1 
ATOM   872  C C   . ILE A 1 117 ? 1.188   11.461  -6.856  1.00 14.68 ? 117 ILE A C   1 
ATOM   873  O O   . ILE A 1 117 ? 1.027   10.480  -7.574  1.00 14.30 ? 117 ILE A O   1 
ATOM   874  C CB  . ILE A 1 117 ? -0.201  10.899  -4.870  1.00 14.80 ? 117 ILE A CB  1 
ATOM   875  C CG1 . ILE A 1 117 ? -1.370  11.303  -3.993  1.00 15.34 ? 117 ILE A CG1 1 
ATOM   876  C CG2 . ILE A 1 117 ? 1.074   10.614  -4.067  1.00 15.98 ? 117 ILE A CG2 1 
ATOM   877  C CD1 . ILE A 1 117 ? -1.092  12.556  -3.134  1.00 16.41 ? 117 ILE A CD1 1 
ATOM   878  N N   . GLY A 1 118 ? 2.353   12.061  -6.763  1.00 14.47 ? 118 GLY A N   1 
ATOM   879  C CA  . GLY A 1 118 ? 3.518   11.507  -7.385  1.00 14.94 ? 118 GLY A CA  1 
ATOM   880  C C   . GLY A 1 118 ? 3.518   11.561  -8.924  1.00 14.31 ? 118 GLY A C   1 
ATOM   881  O O   . GLY A 1 118 ? 4.211   10.776  -9.571  1.00 14.45 ? 118 GLY A O   1 
ATOM   882  N N   . PHE A 1 119 ? 2.809   12.531  -9.510  1.00 15.18 ? 119 PHE A N   1 
ATOM   883  C CA  . PHE A 1 119 ? 2.817   12.664  -10.962 1.00 13.08 ? 119 PHE A CA  1 
ATOM   884  C C   . PHE A 1 119 ? 4.249   12.761  -11.477 1.00 15.37 ? 119 PHE A C   1 
ATOM   885  O O   . PHE A 1 119 ? 5.123   13.417  -10.869 1.00 15.56 ? 119 PHE A O   1 
ATOM   886  C CB  . PHE A 1 119 ? 1.967   13.866  -11.405 1.00 15.16 ? 119 PHE A CB  1 
ATOM   887  C CG  . PHE A 1 119 ? 0.486   13.638  -11.398 1.00 14.37 ? 119 PHE A CG  1 
ATOM   888  C CD1 . PHE A 1 119 ? -0.082  12.487  -10.850 1.00 14.74 ? 119 PHE A CD1 1 
ATOM   889  C CD2 . PHE A 1 119 ? -0.383  14.556  -11.994 1.00 13.81 ? 119 PHE A CD2 1 
ATOM   890  C CE1 . PHE A 1 119 ? -1.429  12.299  -10.868 1.00 14.38 ? 119 PHE A CE1 1 
ATOM   891  C CE2 . PHE A 1 119 ? -1.699  14.372  -12.016 1.00 15.20 ? 119 PHE A CE2 1 
ATOM   892  C CZ  . PHE A 1 119 ? -2.273  13.231  -11.467 1.00 14.87 ? 119 PHE A CZ  1 
ATOM   893  N N   . GLY A 1 120 ? 4.502   12.117  -12.599 1.00 14.13 ? 120 GLY A N   1 
ATOM   894  C CA  . GLY A 1 120 ? 5.803   12.073  -13.199 1.00 14.76 ? 120 GLY A CA  1 
ATOM   895  C C   . GLY A 1 120 ? 6.654   10.876  -12.817 1.00 16.15 ? 120 GLY A C   1 
ATOM   896  O O   . GLY A 1 120 ? 7.714   10.620  -13.374 1.00 20.62 ? 120 GLY A O   1 
ATOM   897  N N   . SER A 1 121 ? 6.179   10.088  -11.857 1.00 13.71 ? 121 SER A N   1 
ATOM   898  C CA  . SER A 1 121 ? 6.909   8.911   -11.422 1.00 13.98 ? 121 SER A CA  1 
ATOM   899  C C   . SER A 1 121 ? 6.779   7.751   -12.371 1.00 13.86 ? 121 SER A C   1 
ATOM   900  O O   . SER A 1 121 ? 5.746   7.599   -13.050 1.00 13.77 ? 121 SER A O   1 
ATOM   901  C CB  . SER A 1 121 ? 6.357   8.435   -10.077 1.00 15.28 ? 121 SER A CB  1 
ATOM   902  O OG  . SER A 1 121 ? 6.492   9.409   -9.061  1.00 15.75 ? 121 SER A OG  1 
ATOM   903  N N   . LYS A 1 122 ? 7.779   6.896   -12.356 1.00 12.86 ? 122 LYS A N   1 
ATOM   904  C CA  . LYS A 1 122 ? 7.690   5.576   -12.949 1.00 12.66 ? 122 LYS A CA  1 
ATOM   905  C C   . LYS A 1 122 ? 6.979   4.618   -11.958 1.00 13.23 ? 122 LYS A C   1 
ATOM   906  O O   . LYS A 1 122 ? 7.366   4.539   -10.791 1.00 12.95 ? 122 LYS A O   1 
ATOM   907  C CB  . LYS A 1 122 ? 9.091   5.094   -13.285 1.00 15.15 ? 122 LYS A CB  1 
ATOM   908  C CG  . LYS A 1 122 ? 9.171   3.789   -14.021 1.00 18.10 ? 122 LYS A CG  1 
ATOM   909  C CD  . LYS A 1 122 ? 10.394  3.764   -14.924 1.00 21.57 ? 122 LYS A CD  1 
ATOM   910  C CE  . LYS A 1 122 ? 10.605  2.396   -15.515 1.00 26.63 ? 122 LYS A CE  1 
ATOM   911  N NZ  . LYS A 1 122 ? 11.878  2.377   -16.280 1.00 25.97 ? 122 LYS A NZ  1 
ATOM   912  N N   . VAL A 1 123 ? 5.977   3.900   -12.444 1.00 11.15 ? 123 VAL A N   1 
ATOM   913  C CA  . VAL A 1 123 ? 5.098   3.081   -11.626 1.00 10.93 ? 123 VAL A CA  1 
ATOM   914  C C   . VAL A 1 123 ? 4.795   1.803   -12.372 1.00 12.38 ? 123 VAL A C   1 
ATOM   915  O O   . VAL A 1 123 ? 4.826   1.729   -13.604 1.00 12.30 ? 123 VAL A O   1 
ATOM   916  C CB  . VAL A 1 123 ? 3.783   3.762   -11.319 1.00 11.40 ? 123 VAL A CB  1 
ATOM   917  C CG1 . VAL A 1 123 ? 3.962   5.099   -10.582 1.00 13.24 ? 123 VAL A CG1 1 
ATOM   918  C CG2 . VAL A 1 123 ? 2.971   3.965   -12.586 1.00 13.46 ? 123 VAL A CG2 1 
ATOM   919  N N   . THR A 1 124 ? 4.452   0.763   -11.605 1.00 10.74 ? 124 THR A N   1 
ATOM   920  C CA  . THR A 1 124 ? 3.767   -0.410  -12.110 1.00 10.35 ? 124 THR A CA  1 
ATOM   921  C C   . THR A 1 124 ? 2.445   -0.581  -11.405 1.00 10.22 ? 124 THR A C   1 
ATOM   922  O O   . THR A 1 124 ? 2.163   0.061   -10.394 1.00 10.64 ? 124 THR A O   1 
ATOM   923  C CB  . THR A 1 124 ? 4.646   -1.677  -12.032 1.00 11.11 ? 124 THR A CB  1 
ATOM   924  O OG1 . THR A 1 124 ? 4.083   -2.715  -12.852 1.00 10.25 ? 124 THR A OG1 1 
ATOM   925  C CG2 . THR A 1 124 ? 4.783   -2.182  -10.575 1.00 11.10 ? 124 THR A CG2 1 
ATOM   926  N N   . THR A 1 125 ? 1.610   -1.437  -11.994 1.00 9.60  ? 125 THR A N   1 
ATOM   927  C CA  . THR A 1 125 ? 0.315   -1.830  -11.452 1.00 9.55  ? 125 THR A CA  1 
ATOM   928  C C   . THR A 1 125 ? 0.058   -3.275  -11.885 1.00 9.41  ? 125 THR A C   1 
ATOM   929  O O   . THR A 1 125 ? 0.796   -3.872  -12.655 1.00 10.57 ? 125 THR A O   1 
ATOM   930  C CB  . THR A 1 125 ? -0.835  -0.987  -11.989 1.00 10.74 ? 125 THR A CB  1 
ATOM   931  O OG1 . THR A 1 125 ? -1.027  -1.271  -13.382 1.00 10.85 ? 125 THR A OG1 1 
ATOM   932  C CG2 . THR A 1 125 ? -0.580  0.533   -11.809 1.00 11.79 ? 125 THR A CG2 1 
ATOM   933  N N   . HIS A 1 126 ? -1.078  -3.810  -11.454 1.00 9.73  ? 126 HIS A N   1 
ATOM   934  C CA  . HIS A 1 126 ? -1.564  -5.017  -12.093 1.00 10.75 ? 126 HIS A CA  1 
ATOM   935  C C   . HIS A 1 126 ? -1.770  -4.737  -13.583 1.00 11.23 ? 126 HIS A C   1 
ATOM   936  O O   . HIS A 1 126 ? -2.245  -3.651  -13.924 1.00 10.91 ? 126 HIS A O   1 
ATOM   937  C CB  . HIS A 1 126 ? -2.880  -5.498  -11.478 1.00 10.62 ? 126 HIS A CB  1 
ATOM   938  C CG  . HIS A 1 126 ? -3.220  -6.888  -11.871 1.00 12.22 ? 126 HIS A CG  1 
ATOM   939  N ND1 . HIS A 1 126 ? -3.799  -7.218  -13.089 1.00 12.41 ? 126 HIS A ND1 1 
ATOM   940  C CD2 . HIS A 1 126 ? -2.941  -8.061  -11.255 1.00 13.56 ? 126 HIS A CD2 1 
ATOM   941  C CE1 . HIS A 1 126 ? -3.922  -8.532  -13.163 1.00 15.32 ? 126 HIS A CE1 1 
ATOM   942  N NE2 . HIS A 1 126 ? -3.393  -9.070  -12.072 1.00 14.47 ? 126 HIS A NE2 1 
ATOM   943  N N   . PRO A 1 127 ? -1.470  -5.716  -14.449 1.00 11.42 ? 127 PRO A N   1 
ATOM   944  C CA  . PRO A 1 127 ? -1.756  -5.490  -15.858 1.00 11.85 ? 127 PRO A CA  1 
ATOM   945  C C   . PRO A 1 127 ? -3.156  -4.967  -16.170 1.00 12.62 ? 127 PRO A C   1 
ATOM   946  O O   . PRO A 1 127 ? -3.322  -4.080  -17.040 1.00 13.57 ? 127 PRO A O   1 
ATOM   947  C CB  . PRO A 1 127 ? -1.511  -6.872  -16.476 1.00 14.61 ? 127 PRO A CB  1 
ATOM   948  C CG  . PRO A 1 127 ? -0.557  -7.533  -15.582 1.00 16.98 ? 127 PRO A CG  1 
ATOM   949  C CD  . PRO A 1 127 ? -0.731  -6.971  -14.214 1.00 13.32 ? 127 PRO A CD  1 
ATOM   950  N N   . LEU A 1 128 ? -4.170  -5.433  -15.444 1.00 11.94 ? 128 LEU A N   1 
ATOM   951  C CA  . LEU A 1 128 ? -5.535  -5.002  -15.701 1.00 12.96 ? 128 LEU A CA  1 
ATOM   952  C C   . LEU A 1 128 ? -5.861  -3.614  -15.188 1.00 13.78 ? 128 LEU A C   1 
ATOM   953  O O   . LEU A 1 128 ? -6.923  -3.074  -15.544 1.00 15.86 ? 128 LEU A O   1 
ATOM   954  C CB  . LEU A 1 128 ? -6.499  -6.026  -15.087 1.00 15.67 ? 128 LEU A CB  1 
ATOM   955  C CG  . LEU A 1 128 ? -6.388  -7.439  -15.669 1.00 18.82 ? 128 LEU A CG  1 
ATOM   956  C CD1 . LEU A 1 128 ? -7.242  -8.443  -14.854 1.00 21.40 ? 128 LEU A CD1 1 
ATOM   957  C CD2 . LEU A 1 128 ? -6.823  -7.407  -17.148 1.00 25.77 ? 128 LEU A CD2 1 
ATOM   958  N N   . ALA A 1 129 ? -4.982  -2.999  -14.407 1.00 10.88 ? 129 ALA A N   1 
ATOM   959  C CA  . ALA A 1 129 ? -5.177  -1.655  -13.905 1.00 10.55 ? 129 ALA A CA  1 
ATOM   960  C C   . ALA A 1 129 ? -4.337  -0.609  -14.679 1.00 11.55 ? 129 ALA A C   1 
ATOM   961  O O   . ALA A 1 129 ? -4.397  0.566   -14.369 1.00 12.31 ? 129 ALA A O   1 
ATOM   962  C CB  . ALA A 1 129 ? -4.796  -1.595  -12.405 1.00 11.61 ? 129 ALA A CB  1 
ATOM   963  N N   . LYS A 1 130 ? -3.543  -1.063  -15.637 1.00 10.86 ? 130 LYS A N   1 
ATOM   964  C CA  . LYS A 1 130 ? -2.654  -0.151  -16.385 1.00 11.26 ? 130 LYS A CA  1 
ATOM   965  C C   . LYS A 1 130 ? -3.426  0.978   -17.047 1.00 11.45 ? 130 LYS A C   1 
ATOM   966  O O   . LYS A 1 130 ? -3.073  2.140   -16.925 1.00 12.23 ? 130 LYS A O   1 
ATOM   967  C CB  . LYS A 1 130 ? -1.856  -0.911  -17.427 1.00 11.81 ? 130 LYS A CB  1 
ATOM   968  C CG  . LYS A 1 130 ? -1.018  -0.001  -18.339 1.00 11.90 ? 130 LYS A CG  1 
ATOM   969  C CD  . LYS A 1 130 ? -0.202  -0.748  -19.371 1.00 12.09 ? 130 LYS A CD  1 
ATOM   970  C CE  . LYS A 1 130 ? 0.640   0.213   -20.160 1.00 14.01 ? 130 LYS A CE  1 
ATOM   971  N NZ  . LYS A 1 130 ? 1.385   -0.482  -21.247 1.00 19.91 ? 130 LYS A NZ  1 
ATOM   972  N N   . ASP A 1 131 ? -4.482  0.651   -17.769 1.00 12.10 ? 131 ASP A N   1 
ATOM   973  C CA  . ASP A 1 131 ? -5.183  1.692   -18.534 1.00 12.29 ? 131 ASP A CA  1 
ATOM   974  C C   . ASP A 1 131 ? -5.750  2.750   -17.611 1.00 14.68 ? 131 ASP A C   1 
ATOM   975  O O   . ASP A 1 131 ? -5.683  3.959   -17.885 1.00 14.78 ? 131 ASP A O   1 
ATOM   976  C CB  . ASP A 1 131 ? -6.309  1.085   -19.359 1.00 16.87 ? 131 ASP A CB  1 
ATOM   977  C CG  . ASP A 1 131 ? -5.819  0.265   -20.521 1.00 21.43 ? 131 ASP A CG  1 
ATOM   978  O OD1 . ASP A 1 131 ? -4.622  0.284   -20.879 1.00 21.74 ? 131 ASP A OD1 1 
ATOM   979  O OD2 . ASP A 1 131 ? -6.694  -0.457  -21.083 1.00 27.70 ? 131 ASP A OD2 1 
ATOM   980  N N   . LYS A 1 132 ? -6.299  2.341   -16.458 1.00 13.27 ? 132 LYS A N   1 
ATOM   981  C CA  . LYS A 1 132 ? -6.791  3.290   -15.491 1.00 12.74 ? 132 LYS A CA  1 
ATOM   982  C C   . LYS A 1 132 ? -5.681  4.180   -14.962 1.00 13.65 ? 132 LYS A C   1 
ATOM   983  O O   . LYS A 1 132 ? -5.824  5.392   -14.883 1.00 14.56 ? 132 LYS A O   1 
ATOM   984  C CB  . LYS A 1 132 ? -7.473  2.572   -14.316 1.00 14.76 ? 132 LYS A CB  1 
ATOM   985  C CG  . LYS A 1 132 ? -8.070  3.517   -13.312 1.00 16.63 ? 132 LYS A CG  1 
ATOM   986  C CD  . LYS A 1 132 ? -8.878  2.814   -12.217 1.00 22.93 ? 132 LYS A CD  1 
ATOM   987  C CE  . LYS A 1 132 ? -10.322 2.586   -12.624 1.00 32.87 ? 132 LYS A CE  1 
ATOM   988  N NZ  . LYS A 1 132 ? -11.129 3.827   -12.427 1.00 38.93 ? 132 LYS A NZ  1 
ATOM   989  N N   . MET A 1 133 ? -4.571  3.583   -14.565 1.00 12.67 ? 133 MET A N   1 
ATOM   990  C CA  . MET A 1 133 ? -3.450  4.347   -14.011 1.00 11.26 ? 133 MET A CA  1 
ATOM   991  C C   . MET A 1 133 ? -2.904  5.373   -15.002 1.00 12.10 ? 133 MET A C   1 
ATOM   992  O O   . MET A 1 133 ? -2.431  6.421   -14.596 1.00 11.83 ? 133 MET A O   1 
ATOM   993  C CB  . MET A 1 133 ? -2.326  3.389   -13.601 1.00 11.54 ? 133 MET A CB  1 
ATOM   994  C CG  . MET A 1 133 ? -1.191  4.029   -12.888 1.00 11.45 ? 133 MET A CG  1 
ATOM   995  S SD  . MET A 1 133 ? -1.698  4.554   -11.250 1.00 12.14 ? 133 MET A SD  1 
ATOM   996  C CE  . MET A 1 133 ? -0.112  5.104   -10.561 1.00 13.79 ? 133 MET A CE  1 
ATOM   997  N N   . MET A 1 134 ? -2.908  5.003   -16.280 1.00 11.92 ? 134 MET A N   1 
ATOM   998  C CA  . MET A 1 134 ? -2.240  5.787   -17.343 1.00 12.35 ? 134 MET A CA  1 
ATOM   999  C C   . MET A 1 134 ? -3.184  6.817   -17.951 1.00 12.21 ? 134 MET A C   1 
ATOM   1000 O O   . MET A 1 134 ? -2.769  7.525   -18.873 1.00 11.76 ? 134 MET A O   1 
ATOM   1001 C CB  . MET A 1 134 ? -1.695  4.858   -18.420 1.00 11.89 ? 134 MET A CB  1 
ATOM   1002 C CG  . MET A 1 134 ? -0.496  4.066   -17.927 1.00 13.37 ? 134 MET A CG  1 
ATOM   1003 S SD  . MET A 1 134 ? 0.885   5.078   -17.350 1.00 12.32 ? 134 MET A SD  1 
ATOM   1004 C CE  . MET A 1 134 ? 1.461   5.736   -18.959 1.00 11.73 ? 134 MET A CE  1 
ATOM   1005 N N   . ASN A 1 135 ? -4.413  6.939   -17.462 1.00 12.49 ? 135 ASN A N   1 
ATOM   1006 C CA  . ASN A 1 135 ? -5.345  7.919   -18.006 1.00 12.26 ? 135 ASN A CA  1 
ATOM   1007 C C   . ASN A 1 135 ? -4.810  9.324   -17.783 1.00 12.03 ? 135 ASN A C   1 
ATOM   1008 O O   . ASN A 1 135 ? -4.629  9.783   -16.647 1.00 13.52 ? 135 ASN A O   1 
ATOM   1009 C CB  . ASN A 1 135 ? -6.705  7.775   -17.299 1.00 14.79 ? 135 ASN A CB  1 
ATOM   1010 C CG  . ASN A 1 135 ? -7.776  8.639   -17.904 1.00 20.84 ? 135 ASN A CG  1 
ATOM   1011 O OD1 . ASN A 1 135 ? -7.529  9.769   -18.318 1.00 22.73 ? 135 ASN A OD1 1 
ATOM   1012 N ND2 . ASN A 1 135 ? -8.986  8.113   -17.948 1.00 29.77 ? 135 ASN A ND2 1 
ATOM   1013 N N   . GLY A 1 136 ? -4.503  10.018  -18.891 1.00 12.44 ? 136 GLY A N   1 
ATOM   1014 C CA  . GLY A 1 136 ? -3.923  11.361  -18.824 1.00 13.12 ? 136 GLY A CA  1 
ATOM   1015 C C   . GLY A 1 136 ? -2.408  11.390  -18.934 1.00 12.00 ? 136 GLY A C   1 
ATOM   1016 O O   . GLY A 1 136 ? -1.797  12.456  -18.996 1.00 12.99 ? 136 GLY A O   1 
ATOM   1017 N N   . GLY A 1 137 ? -1.766  10.227  -18.887 1.00 10.74 ? 137 GLY A N   1 
ATOM   1018 C CA  . GLY A 1 137 ? -0.320  10.116  -19.063 1.00 11.23 ? 137 GLY A CA  1 
ATOM   1019 C C   . GLY A 1 137 ? 0.501   10.758  -17.969 1.00 11.77 ? 137 GLY A C   1 
ATOM   1020 O O   . GLY A 1 137 ? 1.570   11.301  -18.233 1.00 12.74 ? 137 GLY A O   1 
ATOM   1021 N N   . HIS A 1 138 ? 0.032   10.675  -16.720 1.00 11.25 ? 138 HIS A N   1 
ATOM   1022 C CA  . HIS A 1 138 ? 0.719   11.337  -15.609 1.00 12.53 ? 138 HIS A CA  1 
ATOM   1023 C C   . HIS A 1 138 ? 1.799   10.524  -14.929 1.00 12.96 ? 138 HIS A C   1 
ATOM   1024 O O   . HIS A 1 138 ? 2.429   11.014  -13.983 1.00 15.46 ? 138 HIS A O   1 
ATOM   1025 C CB  . HIS A 1 138 ? -0.306  11.763  -14.576 1.00 13.87 ? 138 HIS A CB  1 
ATOM   1026 C CG  . HIS A 1 138 ? -1.254  12.794  -15.081 1.00 13.89 ? 138 HIS A CG  1 
ATOM   1027 N ND1 . HIS A 1 138 ? -0.855  14.092  -15.358 1.00 16.68 ? 138 HIS A ND1 1 
ATOM   1028 C CD2 . HIS A 1 138 ? -2.562  12.722  -15.393 1.00 14.99 ? 138 HIS A CD2 1 
ATOM   1029 C CE1 . HIS A 1 138 ? -1.897  14.767  -15.801 1.00 16.45 ? 138 HIS A CE1 1 
ATOM   1030 N NE2 . HIS A 1 138 ? -2.939  13.969  -15.833 1.00 16.32 ? 138 HIS A NE2 1 
ATOM   1031 N N   . TYR A 1 139 ? 2.011   9.303   -15.381 1.00 12.14 ? 139 TYR A N   1 
ATOM   1032 C CA  . TYR A 1 139 ? 3.064   8.416   -14.892 1.00 12.94 ? 139 TYR A CA  1 
ATOM   1033 C C   . TYR A 1 139 ? 3.695   7.742   -16.087 1.00 14.06 ? 139 TYR A C   1 
ATOM   1034 O O   . TYR A 1 139 ? 3.082   7.689   -17.173 1.00 15.48 ? 139 TYR A O   1 
ATOM   1035 C CB  . TYR A 1 139 ? 2.505   7.319   -13.969 1.00 13.00 ? 139 TYR A CB  1 
ATOM   1036 C CG  . TYR A 1 139 ? 1.719   7.844   -12.799 1.00 11.92 ? 139 TYR A CG  1 
ATOM   1037 C CD1 . TYR A 1 139 ? 0.349   7.995   -12.881 1.00 12.61 ? 139 TYR A CD1 1 
ATOM   1038 C CD2 . TYR A 1 139 ? 2.354   8.269   -11.618 1.00 12.31 ? 139 TYR A CD2 1 
ATOM   1039 C CE1 . TYR A 1 139 ? -0.378  8.490   -11.825 1.00 12.56 ? 139 TYR A CE1 1 
ATOM   1040 C CE2 . TYR A 1 139 ? 1.622   8.747   -10.560 1.00 11.14 ? 139 TYR A CE2 1 
ATOM   1041 C CZ  . TYR A 1 139 ? 0.273   8.874   -10.663 1.00 12.29 ? 139 TYR A CZ  1 
ATOM   1042 O OH  . TYR A 1 139 ? -0.466  9.359   -9.627  1.00 13.66 ? 139 TYR A OH  1 
ATOM   1043 N N   . THR A 1 140 ? 4.870   7.182   -15.921 1.00 12.60 ? 140 THR A N   1 
ATOM   1044 C CA  . THR A 1 140 ? 5.540   6.357   -16.898 1.00 11.65 ? 140 THR A CA  1 
ATOM   1045 C C   . THR A 1 140 ? 5.439   4.916   -16.465 1.00 12.71 ? 140 THR A C   1 
ATOM   1046 O O   . THR A 1 140 ? 5.741   4.602   -15.295 1.00 13.51 ? 140 THR A O   1 
ATOM   1047 C CB  . THR A 1 140 ? 6.970   6.819   -17.075 1.00 13.79 ? 140 THR A CB  1 
ATOM   1048 O OG1 . THR A 1 140 ? 6.892   8.153   -17.561 1.00 15.32 ? 140 THR A OG1 1 
ATOM   1049 C CG2 . THR A 1 140 ? 7.728   5.958   -18.033 1.00 18.33 ? 140 THR A CG2 1 
ATOM   1050 N N   . TYR A 1 141 ? 5.023   4.024   -17.341 1.00 11.92 ? 141 TYR A N   1 
ATOM   1051 C CA  . TYR A 1 141 ? 4.653   2.683   -16.912 1.00 12.44 ? 141 TYR A CA  1 
ATOM   1052 C C   . TYR A 1 141 ? 5.814   1.719   -16.995 1.00 15.42 ? 141 TYR A C   1 
ATOM   1053 O O   . TYR A 1 141 ? 6.639   1.755   -17.929 1.00 18.10 ? 141 TYR A O   1 
ATOM   1054 C CB  . TYR A 1 141 ? 3.519   2.153   -17.746 1.00 12.04 ? 141 TYR A CB  1 
ATOM   1055 C CG  . TYR A 1 141 ? 2.791   1.000   -17.067 1.00 11.38 ? 141 TYR A CG  1 
ATOM   1056 C CD1 . TYR A 1 141 ? 1.938   1.237   -16.027 1.00 11.73 ? 141 TYR A CD1 1 
ATOM   1057 C CD2 . TYR A 1 141 ? 3.002   -0.285  -17.442 1.00 12.09 ? 141 TYR A CD2 1 
ATOM   1058 C CE1 . TYR A 1 141 ? 1.283   0.198   -15.402 1.00 12.03 ? 141 TYR A CE1 1 
ATOM   1059 C CE2 . TYR A 1 141 ? 2.350   -1.354  -16.799 1.00 13.78 ? 141 TYR A CE2 1 
ATOM   1060 C CZ  . TYR A 1 141 ? 1.496   -1.078  -15.797 1.00 11.87 ? 141 TYR A CZ  1 
ATOM   1061 O OH  . TYR A 1 141 ? 0.872   -2.148  -15.161 1.00 12.70 ? 141 TYR A OH  1 
ATOM   1062 N N   . SER A 1 142 ? 5.869   0.801   -16.034 1.00 12.22 ? 142 SER A N   1 
ATOM   1063 C CA  . SER A 1 142 ? 6.909   -0.214  -15.918 1.00 13.11 ? 142 SER A CA  1 
ATOM   1064 C C   . SER A 1 142 ? 6.251   -1.584  -15.745 1.00 13.42 ? 142 SER A C   1 
ATOM   1065 O O   . SER A 1 142 ? 5.218   -1.658  -15.090 1.00 13.39 ? 142 SER A O   1 
ATOM   1066 C CB  . SER A 1 142 ? 7.721   0.089   -14.655 1.00 16.16 ? 142 SER A CB  1 
ATOM   1067 O OG  . SER A 1 142 ? 8.626   -0.966  -14.371 1.00 17.04 ? 142 SER A OG  1 
ATOM   1068 N N   . GLU A 1 143 ? 6.863   -2.626  -16.291 1.00 13.66 ? 143 GLU A N   1 
ATOM   1069 C CA  . GLU A 1 143 ? 6.376   -3.986  -16.086 1.00 15.59 ? 143 GLU A CA  1 
ATOM   1070 C C   . GLU A 1 143 ? 7.275   -4.720  -15.076 1.00 14.75 ? 143 GLU A C   1 
ATOM   1071 O O   . GLU A 1 143 ? 7.169   -5.939  -14.924 1.00 16.30 ? 143 GLU A O   1 
ATOM   1072 C CB  . GLU A 1 143 ? 6.313   -4.757  -17.403 1.00 17.61 ? 143 GLU A CB  1 
ATOM   1073 C CG  . GLU A 1 143 ? 5.258   -4.225  -18.353 1.00 19.51 ? 143 GLU A CG  1 
ATOM   1074 C CD  . GLU A 1 143 ? 5.249   -4.913  -19.697 0.50 21.08 ? 143 GLU A CD  1 
ATOM   1075 O OE1 . GLU A 1 143 ? 5.805   -6.018  -19.804 0.50 21.89 ? 143 GLU A OE1 1 
ATOM   1076 O OE2 . GLU A 1 143 ? 4.694   -4.336  -20.654 0.50 21.84 ? 143 GLU A OE2 1 
ATOM   1077 N N   . ASN A 1 144 ? 8.133   -3.999  -14.382 1.00 13.69 ? 144 ASN A N   1 
ATOM   1078 C CA  . ASN A 1 144 ? 8.908   -4.603  -13.318 1.00 15.38 ? 144 ASN A CA  1 
ATOM   1079 C C   . ASN A 1 144 ? 7.969   -5.077  -12.203 1.00 12.40 ? 144 ASN A C   1 
ATOM   1080 O O   . ASN A 1 144 ? 6.935   -4.476  -11.932 1.00 13.41 ? 144 ASN A O   1 
ATOM   1081 C CB  . ASN A 1 144 ? 9.952   -3.630  -12.778 1.00 15.11 ? 144 ASN A CB  1 
ATOM   1082 C CG  . ASN A 1 144 ? 11.103  -3.440  -13.720 1.00 20.86 ? 144 ASN A CG  1 
ATOM   1083 O OD1 . ASN A 1 144 ? 11.490  -4.361  -14.420 1.00 23.85 ? 144 ASN A OD1 1 
ATOM   1084 N ND2 . ASN A 1 144 ? 11.649  -2.237  -13.751 1.00 25.56 ? 144 ASN A ND2 1 
ATOM   1085 N N   . ARG A 1 145 ? 8.367   -6.156  -11.534 1.00 11.82 ? 145 ARG A N   1 
ATOM   1086 C CA  . ARG A 1 145 ? 7.534   -6.729  -10.465 1.00 12.49 ? 145 ARG A CA  1 
ATOM   1087 C C   . ARG A 1 145 ? 7.367   -5.784  -9.292  1.00 11.27 ? 145 ARG A C   1 
ATOM   1088 O O   . ARG A 1 145 ? 6.282   -5.724  -8.695  1.00 11.63 ? 145 ARG A O   1 
ATOM   1089 C CB  . ARG A 1 145 ? 8.125   -8.064  -10.017 1.00 12.00 ? 145 ARG A CB  1 
ATOM   1090 C CG  . ARG A 1 145 ? 8.065   -9.117  -11.101 1.00 14.04 ? 145 ARG A CG  1 
ATOM   1091 C CD  . ARG A 1 145 ? 8.731   -10.427 -10.778 1.00 14.49 ? 145 ARG A CD  1 
ATOM   1092 N NE  . ARG A 1 145 ? 8.083   -11.094 -9.648  1.00 14.35 ? 145 ARG A NE  1 
ATOM   1093 C CZ  . ARG A 1 145 ? 6.947   -11.771 -9.732  1.00 14.79 ? 145 ARG A CZ  1 
ATOM   1094 N NH1 . ARG A 1 145 ? 6.351   -11.954 -10.876 1.00 17.90 ? 145 ARG A NH1 1 
ATOM   1095 N NH2 . ARG A 1 145 ? 6.433   -12.291 -8.648  1.00 17.28 ? 145 ARG A NH2 1 
ATOM   1096 N N   . VAL A 1 146 ? 8.426   -5.053  -8.959  1.00 11.25 ? 146 VAL A N   1 
ATOM   1097 C CA  . VAL A 1 146 ? 8.390   -3.952  -8.014  1.00 10.93 ? 146 VAL A CA  1 
ATOM   1098 C C   . VAL A 1 146 ? 9.089   -2.752  -8.655  1.00 11.16 ? 146 VAL A C   1 
ATOM   1099 O O   . VAL A 1 146 ? 10.166  -2.943  -9.252  1.00 13.39 ? 146 VAL A O   1 
ATOM   1100 C CB  . VAL A 1 146 ? 9.099   -4.319  -6.657  1.00 11.89 ? 146 VAL A CB  1 
ATOM   1101 C CG1 . VAL A 1 146 ? 9.107   -3.138  -5.693  1.00 15.05 ? 146 VAL A CG1 1 
ATOM   1102 C CG2 . VAL A 1 146 ? 8.411   -5.540  -6.022  1.00 13.18 ? 146 VAL A CG2 1 
ATOM   1103 N N   . GLU A 1 147 ? 8.490   -1.568  -8.539  1.00 10.88 ? 147 GLU A N   1 
ATOM   1104 C CA  . GLU A 1 147 ? 9.091   -0.345  -9.058  1.00 11.77 ? 147 GLU A CA  1 
ATOM   1105 C C   . GLU A 1 147 ? 9.199   0.646   -7.930  1.00 12.38 ? 147 GLU A C   1 
ATOM   1106 O O   . GLU A 1 147 ? 8.355   0.751   -7.101  1.00 13.71 ? 147 GLU A O   1 
ATOM   1107 C CB  . GLU A 1 147 ? 8.211   0.192   -10.184 1.00 13.93 ? 147 GLU A CB  1 
ATOM   1108 C CG  . GLU A 1 147 ? 8.813   1.282   -11.075 1.00 15.47 ? 147 GLU A CG  1 
ATOM   1109 C CD  . GLU A 1 147 ? 10.161  0.858   -11.618 1.00 16.99 ? 147 GLU A CD  1 
ATOM   1110 O OE1 . GLU A 1 147 ? 10.221  0.023   -12.523 1.00 18.55 ? 147 GLU A OE1 1 
ATOM   1111 O OE2 . GLU A 1 147 ? 11.178  1.307   -11.062 1.00 24.46 ? 147 GLU A OE2 1 
ATOM   1112 N N   . LYS A 1 148 ? 10.284  1.394   -7.899  1.00 14.64 ? 148 LYS A N   1 
ATOM   1113 C CA  . LYS A 1 148 ? 10.456  2.433   -6.897  1.00 16.09 ? 148 LYS A CA  1 
ATOM   1114 C C   . LYS A 1 148 ? 11.049  3.656   -7.592  1.00 15.31 ? 148 LYS A C   1 
ATOM   1115 O O   . LYS A 1 148 ? 12.088  3.562   -8.262  1.00 16.85 ? 148 LYS A O   1 
ATOM   1116 C CB  . LYS A 1 148 ? 11.355  1.986   -5.755  1.00 17.69 ? 148 LYS A CB  1 
ATOM   1117 C CG  . LYS A 1 148 ? 11.368  2.966   -4.579  1.00 16.58 ? 148 LYS A CG  1 
ATOM   1118 C CD  . LYS A 1 148 ? 12.315  2.492   -3.484  1.00 20.69 ? 148 LYS A CD  1 
ATOM   1119 C CE  . LYS A 1 148 ? 12.230  3.335   -2.232  1.00 23.06 ? 148 LYS A CE  1 
ATOM   1120 N NZ  . LYS A 1 148 ? 12.922  4.639   -2.450  1.00 23.67 ? 148 LYS A NZ  1 
ATOM   1121 N N   . ASP A 1 149 ? 10.347  4.763   -7.478  1.00 13.30 ? 149 ASP A N   1 
ATOM   1122 C CA  . ASP A 1 149 ? 10.848  6.023   -8.040  1.00 15.18 ? 149 ASP A CA  1 
ATOM   1123 C C   . ASP A 1 149 ? 10.742  7.007   -6.918  1.00 14.27 ? 149 ASP A C   1 
ATOM   1124 O O   . ASP A 1 149 ? 9.660   7.448   -6.591  1.00 13.85 ? 149 ASP A O   1 
ATOM   1125 C CB  . ASP A 1 149 ? 10.037  6.423   -9.285  1.00 14.47 ? 149 ASP A CB  1 
ATOM   1126 C CG  . ASP A 1 149 ? 10.696  7.523   -10.103 1.00 14.19 ? 149 ASP A CG  1 
ATOM   1127 O OD1 . ASP A 1 149 ? 11.780  8.018   -9.686  1.00 17.60 ? 149 ASP A OD1 1 
ATOM   1128 O OD2 . ASP A 1 149 ? 10.144  7.868   -11.180 1.00 15.12 ? 149 ASP A OD2 1 
ATOM   1129 N N   . GLY A 1 150 ? 11.876  7.284   -6.249  1.00 16.91 ? 150 GLY A N   1 
ATOM   1130 C CA  . GLY A 1 150 ? 11.856  8.111   -5.055  1.00 17.84 ? 150 GLY A CA  1 
ATOM   1131 C C   . GLY A 1 150 ? 10.937  7.558   -3.986  1.00 15.53 ? 150 GLY A C   1 
ATOM   1132 O O   . GLY A 1 150 ? 11.089  6.385   -3.568  1.00 19.63 ? 150 GLY A O   1 
ATOM   1133 N N   . LEU A 1 151 ? 9.972   8.350   -3.568  1.00 15.75 ? 151 LEU A N   1 
ATOM   1134 C CA  . LEU A 1 151 ? 9.077   7.961   -2.477  1.00 18.18 ? 151 LEU A CA  1 
ATOM   1135 C C   . LEU A 1 151 ? 7.872   7.141   -2.941  1.00 15.97 ? 151 LEU A C   1 
ATOM   1136 O O   . LEU A 1 151 ? 7.038   6.804   -2.117  1.00 17.63 ? 151 LEU A O   1 
ATOM   1137 C CB  . LEU A 1 151 ? 8.580   9.171   -1.686  1.00 23.62 ? 151 LEU A CB  1 
ATOM   1138 C CG  . LEU A 1 151 ? 7.477   10.091  -2.219  1.00 27.79 ? 151 LEU A CG  1 
ATOM   1139 C CD1 . LEU A 1 151 ? 6.044   9.703   -1.762  1.00 28.58 ? 151 LEU A CD1 1 
ATOM   1140 C CD2 . LEU A 1 151 ? 7.785   11.536  -1.703  1.00 28.58 ? 151 LEU A CD2 1 
ATOM   1141 N N   . ILE A 1 152 ? 7.756   6.854   -4.241  1.00 13.98 ? 152 ILE A N   1 
ATOM   1142 C CA  . ILE A 1 152 ? 6.625   6.090   -4.777  1.00 12.51 ? 152 ILE A CA  1 
ATOM   1143 C C   . ILE A 1 152 ? 7.069   4.684   -5.115  1.00 11.86 ? 152 ILE A C   1 
ATOM   1144 O O   . ILE A 1 152 ? 7.846   4.455   -6.021  1.00 11.59 ? 152 ILE A O   1 
ATOM   1145 C CB  . ILE A 1 152 ? 6.038   6.751   -6.036  1.00 13.49 ? 152 ILE A CB  1 
ATOM   1146 C CG1 . ILE A 1 152 ? 5.618   8.193   -5.724  1.00 13.07 ? 152 ILE A CG1 1 
ATOM   1147 C CG2 . ILE A 1 152 ? 4.914   5.894   -6.613  1.00 14.59 ? 152 ILE A CG2 1 
ATOM   1148 C CD1 . ILE A 1 152 ? 4.337   8.321   -4.869  1.00 18.63 ? 152 ILE A CD1 1 
ATOM   1149 N N   A LEU A 1 153 ? 6.545   3.714   -4.352  0.50 10.05 ? 153 LEU A N   1 
ATOM   1150 N N   B LEU A 1 153 ? 6.547   3.706   -4.356  0.50 11.73 ? 153 LEU A N   1 
ATOM   1151 C CA  A LEU A 1 153 ? 6.910   2.310   -4.457  0.50 10.10 ? 153 LEU A CA  1 
ATOM   1152 C CA  B LEU A 1 153 ? 6.930   2.298   -4.476  0.50 12.25 ? 153 LEU A CA  1 
ATOM   1153 C C   A LEU A 1 153 ? 5.655   1.564   -4.913  0.50 9.25  ? 153 LEU A C   1 
ATOM   1154 C C   B LEU A 1 153 ? 5.701   1.478   -4.871  0.50 11.15 ? 153 LEU A C   1 
ATOM   1155 O O   A LEU A 1 153 ? 4.613   1.676   -4.257  0.50 7.60  ? 153 LEU A O   1 
ATOM   1156 O O   B LEU A 1 153 ? 4.737   1.410   -4.130  0.50 13.77 ? 153 LEU A O   1 
ATOM   1157 C CB  A LEU A 1 153 ? 7.368   1.797   -3.080  0.50 10.18 ? 153 LEU A CB  1 
ATOM   1158 C CB  B LEU A 1 153 ? 7.483   1.781   -3.135  0.50 12.93 ? 153 LEU A CB  1 
ATOM   1159 C CG  A LEU A 1 153 ? 8.253   0.549   -3.077  0.50 8.91  ? 153 LEU A CG  1 
ATOM   1160 C CG  B LEU A 1 153 ? 7.660   0.263   -3.025  0.50 13.07 ? 153 LEU A CG  1 
ATOM   1161 C CD1 A LEU A 1 153 ? 8.984   0.445   -1.730  0.50 11.98 ? 153 LEU A CD1 1 
ATOM   1162 C CD1 B LEU A 1 153 ? 8.834   -0.202  -3.873  0.50 15.18 ? 153 LEU A CD1 1 
ATOM   1163 C CD2 A LEU A 1 153 ? 7.367   -0.678  -3.281  0.50 11.63 ? 153 LEU A CD2 1 
ATOM   1164 C CD2 B LEU A 1 153 ? 7.876   -0.138  -1.563  0.50 15.87 ? 153 LEU A CD2 1 
ATOM   1165 N N   . THR A 1 154 ? 5.745   0.857   -6.041  1.00 9.71  ? 154 THR A N   1 
ATOM   1166 C CA  . THR A 1 154 ? 4.587   0.185   -6.578  1.00 8.94  ? 154 THR A CA  1 
ATOM   1167 C C   . THR A 1 154 ? 4.911   -1.259  -6.939  1.00 9.82  ? 154 THR A C   1 
ATOM   1168 O O   . THR A 1 154 ? 6.059   -1.651  -7.106  1.00 10.55 ? 154 THR A O   1 
ATOM   1169 C CB  . THR A 1 154 ? 3.975   0.943   -7.801  1.00 10.38 ? 154 THR A CB  1 
ATOM   1170 O OG1 . THR A 1 154 ? 4.999   1.125   -8.800  1.00 10.64 ? 154 THR A OG1 1 
ATOM   1171 C CG2 . THR A 1 154 ? 3.384   2.297   -7.380  1.00 10.79 ? 154 THR A CG2 1 
ATOM   1172 N N   . SER A 1 155 ? 3.864   -2.068  -7.078  1.00 10.04 ? 155 SER A N   1 
ATOM   1173 C CA  . SER A 1 155 ? 4.036   -3.465  -7.433  1.00 9.78  ? 155 SER A CA  1 
ATOM   1174 C C   . SER A 1 155 ? 2.770   -4.001  -8.087  1.00 10.23 ? 155 SER A C   1 
ATOM   1175 O O   . SER A 1 155 ? 1.764   -3.341  -8.123  1.00 10.60 ? 155 SER A O   1 
ATOM   1176 C CB  . SER A 1 155 ? 4.416   -4.239  -6.162  1.00 10.81 ? 155 SER A CB  1 
ATOM   1177 O OG  . SER A 1 155 ? 4.847   -5.553  -6.420  1.00 11.23 ? 155 SER A OG  1 
ATOM   1178 N N   . ARG A 1 156 ? 2.832   -5.231  -8.577  1.00 10.40 ? 156 ARG A N   1 
ATOM   1179 C CA  . ARG A 1 156 ? 1.855   -5.708  -9.566  1.00 9.96  ? 156 ARG A CA  1 
ATOM   1180 C C   . ARG A 1 156 ? 0.676   -6.564  -9.097  1.00 11.51 ? 156 ARG A C   1 
ATOM   1181 O O   . ARG A 1 156 ? -0.430  -6.409  -9.626  1.00 12.61 ? 156 ARG A O   1 
ATOM   1182 C CB  . ARG A 1 156 ? 2.553   -6.422  -10.710 1.00 10.85 ? 156 ARG A CB  1 
ATOM   1183 C CG  . ARG A 1 156 ? 3.695   -5.644  -11.327 1.00 11.49 ? 156 ARG A CG  1 
ATOM   1184 C CD  . ARG A 1 156 ? 3.938   -6.064  -12.745 1.00 12.49 ? 156 ARG A CD  1 
ATOM   1185 N NE  . ARG A 1 156 ? 2.983   -5.403  -13.633 1.00 12.08 ? 156 ARG A NE  1 
ATOM   1186 C CZ  . ARG A 1 156 ? 2.864   -5.613  -14.933 1.00 12.38 ? 156 ARG A CZ  1 
ATOM   1187 N NH1 . ARG A 1 156 ? 3.517   -6.592  -15.513 1.00 16.79 ? 156 ARG A NH1 1 
ATOM   1188 N NH2 . ARG A 1 156 ? 2.025   -4.864  -15.610 1.00 14.71 ? 156 ARG A NH2 1 
ATOM   1189 N N   . GLY A 1 157 ? 0.864   -7.493  -8.157  1.00 10.80 ? 157 GLY A N   1 
ATOM   1190 C CA  . GLY A 1 157 ? -0.210  -8.444  -7.902  1.00 12.30 ? 157 GLY A CA  1 
ATOM   1191 C C   . GLY A 1 157 ? 0.015   -9.290  -6.687  1.00 11.33 ? 157 GLY A C   1 
ATOM   1192 O O   . GLY A 1 157 ? 0.997   -9.128  -5.979  1.00 11.34 ? 157 GLY A O   1 
ATOM   1193 N N   . PRO A 1 158 ? -0.913  -10.229 -6.424  1.00 11.38 ? 158 PRO A N   1 
ATOM   1194 C CA  . PRO A 1 158 ? -0.740  -11.130 -5.268  1.00 11.09 ? 158 PRO A CA  1 
ATOM   1195 C C   . PRO A 1 158 ? 0.626   -11.765 -5.226  1.00 10.48 ? 158 PRO A C   1 
ATOM   1196 O O   . PRO A 1 158 ? 1.274   -11.771 -4.168  1.00 11.12 ? 158 PRO A O   1 
ATOM   1197 C CB  . PRO A 1 158 ? -1.840  -12.154 -5.482  1.00 14.19 ? 158 PRO A CB  1 
ATOM   1198 C CG  . PRO A 1 158 ? -2.902  -11.376 -6.201  1.00 14.80 ? 158 PRO A CG  1 
ATOM   1199 C CD  . PRO A 1 158 ? -2.156  -10.494 -7.158  1.00 12.56 ? 158 PRO A CD  1 
ATOM   1200 N N   . GLY A 1 159 ? 1.098   -12.242 -6.368  1.00 10.71 ? 159 GLY A N   1 
ATOM   1201 C CA  . GLY A 1 159 ? 2.356   -12.934 -6.468  1.00 11.55 ? 159 GLY A CA  1 
ATOM   1202 C C   . GLY A 1 159 ? 3.593   -12.080 -6.391  1.00 12.45 ? 159 GLY A C   1 
ATOM   1203 O O   . GLY A 1 159 ? 4.707   -12.618 -6.362  1.00 14.52 ? 159 GLY A O   1 
ATOM   1204 N N   . THR A 1 160 ? 3.440   -10.760 -6.381  1.00 10.17 ? 160 THR A N   1 
ATOM   1205 C CA  . THR A 1 160 ? 4.566   -9.861  -6.128  1.00 11.27 ? 160 THR A CA  1 
ATOM   1206 C C   . THR A 1 160 ? 4.543   -9.287  -4.714  1.00 9.99  ? 160 THR A C   1 
ATOM   1207 O O   . THR A 1 160 ? 5.355   -8.440  -4.369  1.00 10.10 ? 160 THR A O   1 
ATOM   1208 C CB  . THR A 1 160 ? 4.665   -8.717  -7.146  1.00 11.55 ? 160 THR A CB  1 
ATOM   1209 O OG1 . THR A 1 160 ? 3.548   -7.840  -6.971  1.00 10.26 ? 160 THR A OG1 1 
ATOM   1210 C CG2 . THR A 1 160 ? 4.692   -9.230  -8.591  1.00 11.85 ? 160 THR A CG2 1 
ATOM   1211 N N   . SER A 1 161 ? 3.598   -9.740  -3.896  1.00 9.88  ? 161 SER A N   1 
ATOM   1212 C CA  . SER A 1 161 ? 3.400   -9.159  -2.573  1.00 9.58  ? 161 SER A CA  1 
ATOM   1213 C C   . SER A 1 161 ? 4.580   -9.320  -1.624  1.00 8.79  ? 161 SER A C   1 
ATOM   1214 O O   . SER A 1 161 ? 4.863   -8.423  -0.823  1.00 10.20 ? 161 SER A O   1 
ATOM   1215 C CB  . SER A 1 161 ? 2.150   -9.761  -1.927  1.00 11.13 ? 161 SER A CB  1 
ATOM   1216 O OG  . SER A 1 161 ? 0.942   -9.371  -2.579  1.00 12.90 ? 161 SER A OG  1 
ATOM   1217 N N   . PHE A 1 162 ? 5.240   -10.467 -1.671  1.00 9.21  ? 162 PHE A N   1 
ATOM   1218 C CA  . PHE A 1 162 ? 6.419   -10.639 -0.815  1.00 10.11 ? 162 PHE A CA  1 
ATOM   1219 C C   . PHE A 1 162 ? 7.542   -9.674  -1.238  1.00 11.27 ? 162 PHE A C   1 
ATOM   1220 O O   . PHE A 1 162 ? 8.213   -9.063  -0.408  1.00 10.87 ? 162 PHE A O   1 
ATOM   1221 C CB  . PHE A 1 162 ? 6.922   -12.090 -0.841  1.00 10.79 ? 162 PHE A CB  1 
ATOM   1222 C CG  . PHE A 1 162 ? 6.090   -13.029 -0.071  1.00 11.56 ? 162 PHE A CG  1 
ATOM   1223 C CD1 . PHE A 1 162 ? 5.204   -13.881 -0.675  1.00 13.52 ? 162 PHE A CD1 1 
ATOM   1224 C CD2 . PHE A 1 162 ? 6.206   -13.055 1.328   1.00 12.71 ? 162 PHE A CD2 1 
ATOM   1225 C CE1 . PHE A 1 162 ? 4.416   -14.761 0.133   1.00 15.23 ? 162 PHE A CE1 1 
ATOM   1226 C CE2 . PHE A 1 162 ? 5.449   -13.913 2.076   1.00 14.15 ? 162 PHE A CE2 1 
ATOM   1227 C CZ  . PHE A 1 162 ? 4.563   -14.724 1.482   1.00 13.14 ? 162 PHE A CZ  1 
ATOM   1228 N N   . GLU A 1 163 ? 7.795   -9.590  -2.545  1.00 10.30 ? 163 GLU A N   1 
ATOM   1229 C CA  . GLU A 1 163 ? 8.831   -8.712  -3.064  1.00 11.35 ? 163 GLU A CA  1 
ATOM   1230 C C   . GLU A 1 163 ? 8.499   -7.244  -2.724  1.00 10.59 ? 163 GLU A C   1 
ATOM   1231 O O   . GLU A 1 163 ? 9.351   -6.466  -2.275  1.00 11.48 ? 163 GLU A O   1 
ATOM   1232 C CB  . GLU A 1 163 ? 8.923   -8.882  -4.573  1.00 12.66 ? 163 GLU A CB  1 
ATOM   1233 C CG  . GLU A 1 163 ? 9.545   -10.193 -5.050  1.00 15.35 ? 163 GLU A CG  1 
ATOM   1234 C CD  . GLU A 1 163 ? 9.037   -10.566 -6.416  1.00 20.28 ? 163 GLU A CD  1 
ATOM   1235 O OE1 . GLU A 1 163 ? 9.686   -10.155 -7.388  1.00 22.15 ? 163 GLU A OE1 1 
ATOM   1236 O OE2 . GLU A 1 163 ? 7.965   -11.211 -6.517  1.00 21.03 ? 163 GLU A OE2 1 
ATOM   1237 N N   . PHE A 1 164 ? 7.228   -6.876  -2.837  1.00 9.13  ? 164 PHE A N   1 
ATOM   1238 C CA  . PHE A 1 164 ? 6.740   -5.531  -2.459  1.00 10.23 ? 164 PHE A CA  1 
ATOM   1239 C C   . PHE A 1 164 ? 7.024   -5.253  -0.984  1.00 10.29 ? 164 PHE A C   1 
ATOM   1240 O O   . PHE A 1 164 ? 7.575   -4.225  -0.601  1.00 10.69 ? 164 PHE A O   1 
ATOM   1241 C CB  . PHE A 1 164 ? 5.245   -5.486  -2.793  1.00 10.40 ? 164 PHE A CB  1 
ATOM   1242 C CG  . PHE A 1 164 ? 4.468   -4.278  -2.328  1.00 9.12  ? 164 PHE A CG  1 
ATOM   1243 C CD1 . PHE A 1 164 ? 4.677   -3.026  -2.874  1.00 10.22 ? 164 PHE A CD1 1 
ATOM   1244 C CD2 . PHE A 1 164 ? 3.457   -4.415  -1.385  1.00 10.62 ? 164 PHE A CD2 1 
ATOM   1245 C CE1 . PHE A 1 164 ? 3.896   -1.961  -2.504  1.00 10.39 ? 164 PHE A CE1 1 
ATOM   1246 C CE2 . PHE A 1 164 ? 2.694   -3.356  -0.992  1.00 11.52 ? 164 PHE A CE2 1 
ATOM   1247 C CZ  . PHE A 1 164 ? 2.914   -2.105  -1.565  1.00 10.80 ? 164 PHE A CZ  1 
ATOM   1248 N N   . ALA A 1 165 ? 6.582   -6.172  -0.128  1.00 10.11 ? 165 ALA A N   1 
ATOM   1249 C CA  . ALA A 1 165 ? 6.766   -5.996  1.313   1.00 10.40 ? 165 ALA A CA  1 
ATOM   1250 C C   . ALA A 1 165 ? 8.229   -5.901  1.702   1.00 9.62  ? 165 ALA A C   1 
ATOM   1251 O O   . ALA A 1 165 ? 8.608   -5.063  2.527   1.00 11.43 ? 165 ALA A O   1 
ATOM   1252 C CB  . ALA A 1 165 ? 6.066   -7.168  2.062   1.00 11.79 ? 165 ALA A CB  1 
ATOM   1253 N N   . LEU A 1 166 ? 9.043   -6.751  1.113   1.00 10.65 ? 166 LEU A N   1 
ATOM   1254 C CA  . LEU A 1 166 ? 10.474  -6.722  1.393   1.00 11.05 ? 166 LEU A CA  1 
ATOM   1255 C C   . LEU A 1 166 ? 11.129  -5.437  0.888   1.00 11.53 ? 166 LEU A C   1 
ATOM   1256 O O   . LEU A 1 166 ? 12.088  -4.960  1.499   1.00 12.67 ? 166 LEU A O   1 
ATOM   1257 C CB  . LEU A 1 166 ? 11.166  -7.974  0.878   1.00 11.81 ? 166 LEU A CB  1 
ATOM   1258 C CG  . LEU A 1 166 ? 10.828  -9.242  1.673   1.00 12.39 ? 166 LEU A CG  1 
ATOM   1259 C CD1 . LEU A 1 166 ? 11.247  -10.461 0.907   1.00 14.55 ? 166 LEU A CD1 1 
ATOM   1260 C CD2 . LEU A 1 166 ? 11.490  -9.192  3.077   1.00 14.37 ? 166 LEU A CD2 1 
ATOM   1261 N N   . ALA A 1 167 ? 10.638  -4.878  -0.215  1.00 11.48 ? 167 ALA A N   1 
ATOM   1262 C CA  . ALA A 1 167 ? 11.104  -3.567  -0.678  1.00 12.00 ? 167 ALA A CA  1 
ATOM   1263 C C   . ALA A 1 167 ? 10.771  -2.482  0.309   1.00 11.43 ? 167 ALA A C   1 
ATOM   1264 O O   . ALA A 1 167 ? 11.588  -1.566  0.558   1.00 12.79 ? 167 ALA A O   1 
ATOM   1265 C CB  . ALA A 1 167 ? 10.546  -3.252  -2.065  1.00 13.57 ? 167 ALA A CB  1 
ATOM   1266 N N   . ILE A 1 168 ? 9.582   -2.517  0.913   1.00 11.22 ? 168 ILE A N   1 
ATOM   1267 C CA  . ILE A 1 168 ? 9.257   -1.605  1.983   1.00 11.89 ? 168 ILE A CA  1 
ATOM   1268 C C   . ILE A 1 168 ? 10.220  -1.757  3.165   1.00 12.12 ? 168 ILE A C   1 
ATOM   1269 O O   . ILE A 1 168 ? 10.755  -0.767  3.691   1.00 12.87 ? 168 ILE A O   1 
ATOM   1270 C CB  . ILE A 1 168 ? 7.791   -1.754  2.466   1.00 11.65 ? 168 ILE A CB  1 
ATOM   1271 C CG1 . ILE A 1 168 ? 6.810   -1.453  1.318   1.00 11.48 ? 168 ILE A CG1 1 
ATOM   1272 C CG2 . ILE A 1 168 ? 7.527   -0.884  3.725   1.00 13.63 ? 168 ILE A CG2 1 
ATOM   1273 C CD1 . ILE A 1 168 ? 5.383   -1.936  1.651   1.00 13.48 ? 168 ILE A CD1 1 
ATOM   1274 N N   . VAL A 1 169 ? 10.449  -2.993  3.584   1.00 11.64 ? 169 VAL A N   1 
ATOM   1275 C CA  . VAL A 1 169 ? 11.387  -3.266  4.685   1.00 12.48 ? 169 VAL A CA  1 
ATOM   1276 C C   . VAL A 1 169 ? 12.768  -2.731  4.347   1.00 13.23 ? 169 VAL A C   1 
ATOM   1277 O O   . VAL A 1 169 ? 13.396  -2.076  5.192   1.00 14.91 ? 169 VAL A O   1 
ATOM   1278 C CB  . VAL A 1 169 ? 11.412  -4.763  5.013   1.00 12.00 ? 169 VAL A CB  1 
ATOM   1279 C CG1 . VAL A 1 169 ? 12.514  -5.078  6.018   1.00 13.05 ? 169 VAL A CG1 1 
ATOM   1280 C CG2 . VAL A 1 169 ? 10.025  -5.194  5.584   1.00 12.30 ? 169 VAL A CG2 1 
ATOM   1281 N N   . GLU A 1 170 ? 13.269  -3.006  3.157   1.00 12.47 ? 170 GLU A N   1 
ATOM   1282 C CA  . GLU A 1 170 ? 14.573  -2.473  2.761   1.00 13.97 ? 170 GLU A CA  1 
ATOM   1283 C C   . GLU A 1 170 ? 14.630  -0.960  2.810   1.00 16.17 ? 170 GLU A C   1 
ATOM   1284 O O   . GLU A 1 170 ? 15.593  -0.386  3.356   1.00 17.19 ? 170 GLU A O   1 
ATOM   1285 C CB  . GLU A 1 170 ? 14.975  -3.004  1.394   1.00 15.87 ? 170 GLU A CB  1 
ATOM   1286 C CG  . GLU A 1 170 ? 16.324  -2.507  0.924   1.00 19.70 ? 170 GLU A CG  1 
ATOM   1287 C CD  . GLU A 1 170 ? 16.702  -3.025  -0.445  0.50 20.17 ? 170 GLU A CD  1 
ATOM   1288 O OE1 . GLU A 1 170 ? 16.065  -3.975  -0.941  0.50 22.28 ? 170 GLU A OE1 1 
ATOM   1289 O OE2 . GLU A 1 170 ? 17.663  -2.473  -1.030  0.50 24.33 ? 170 GLU A OE2 1 
ATOM   1290 N N   . ALA A 1 171 ? 13.595  -0.290  2.321   1.00 14.78 ? 171 ALA A N   1 
ATOM   1291 C CA  . ALA A 1 171 ? 13.565  1.183   2.330   1.00 15.75 ? 171 ALA A CA  1 
ATOM   1292 C C   . ALA A 1 171 ? 13.560  1.729   3.752   1.00 18.09 ? 171 ALA A C   1 
ATOM   1293 O O   . ALA A 1 171 ? 14.196  2.764   4.036   1.00 21.35 ? 171 ALA A O   1 
ATOM   1294 C CB  . ALA A 1 171 ? 12.358  1.698   1.543   1.00 16.69 ? 171 ALA A CB  1 
ATOM   1295 N N   . LEU A 1 172 ? 12.866  1.070   4.665   1.00 15.46 ? 172 LEU A N   1 
ATOM   1296 C CA  . LEU A 1 172 ? 12.705  1.586   6.027   1.00 15.96 ? 172 LEU A CA  1 
ATOM   1297 C C   . LEU A 1 172 ? 13.852  1.167   6.943   1.00 18.30 ? 172 LEU A C   1 
ATOM   1298 O O   . LEU A 1 172 ? 14.386  2.013   7.692   1.00 18.99 ? 172 LEU A O   1 
ATOM   1299 C CB  . LEU A 1 172 ? 11.380  1.149   6.651   1.00 15.73 ? 172 LEU A CB  1 
ATOM   1300 C CG  . LEU A 1 172 ? 10.178  2.075   6.462   1.00 22.22 ? 172 LEU A CG  1 
ATOM   1301 C CD1 . LEU A 1 172 ? 10.078  2.647   5.105   1.00 24.68 ? 172 LEU A CD1 1 
ATOM   1302 C CD2 . LEU A 1 172 ? 8.856   1.480   6.910   1.00 19.45 ? 172 LEU A CD2 1 
ATOM   1303 N N   . ASN A 1 173 ? 14.201  -0.116  6.923   1.00 17.73 ? 173 ASN A N   1 
ATOM   1304 C CA  . ASN A 1 173 ? 15.103  -0.700  7.908   1.00 18.21 ? 173 ASN A CA  1 
ATOM   1305 C C   . ASN A 1 173 ? 16.397  -1.234  7.309   1.00 19.59 ? 173 ASN A C   1 
ATOM   1306 O O   . ASN A 1 173 ? 17.273  -1.707  8.066   1.00 20.71 ? 173 ASN A O   1 
ATOM   1307 C CB  . ASN A 1 173 ? 14.376  -1.799  8.697   1.00 18.62 ? 173 ASN A CB  1 
ATOM   1308 C CG  . ASN A 1 173 ? 13.407  -1.246  9.721   1.00 24.19 ? 173 ASN A CG  1 
ATOM   1309 O OD1 . ASN A 1 173 ? 13.368  -0.040  9.964   1.00 26.76 ? 173 ASN A OD1 1 
ATOM   1310 N ND2 . ASN A 1 173 ? 12.649  -2.130  10.371  1.00 27.41 ? 173 ASN A ND2 1 
ATOM   1311 N N   . GLY A 1 174 ? 16.542  -1.172  5.987   1.00 17.76 ? 174 GLY A N   1 
ATOM   1312 C CA  . GLY A 1 174 ? 17.762  -1.515  5.274   1.00 18.66 ? 174 GLY A CA  1 
ATOM   1313 C C   . GLY A 1 174 ? 17.836  -2.943  4.759   1.00 19.63 ? 174 GLY A C   1 
ATOM   1314 O O   . GLY A 1 174 ? 16.996  -3.803  5.086   1.00 17.73 ? 174 GLY A O   1 
ATOM   1315 N N   . LYS A 1 175 ? 18.853  -3.210  3.946   1.00 21.05 ? 175 LYS A N   1 
ATOM   1316 C CA  . LYS A 1 175 ? 18.988  -4.464  3.240   1.00 21.62 ? 175 LYS A CA  1 
ATOM   1317 C C   . LYS A 1 175 ? 19.224  -5.638  4.173   1.00 19.29 ? 175 LYS A C   1 
ATOM   1318 O O   . LYS A 1 175 ? 18.767  -6.750  3.906   1.00 18.61 ? 175 LYS A O   1 
ATOM   1319 C CB  . LYS A 1 175 ? 20.146  -4.394  2.240   1.00 27.22 ? 175 LYS A CB  1 
ATOM   1320 C CG  . LYS A 1 175 ? 19.900  -3.481  1.070   1.00 33.40 ? 175 LYS A CG  1 
ATOM   1321 C CD  . LYS A 1 175 ? 21.079  -3.523  0.091   1.00 35.01 ? 175 LYS A CD  1 
ATOM   1322 C CE  . LYS A 1 175 ? 20.741  -2.807  -1.216  1.00 39.18 ? 175 LYS A CE  1 
ATOM   1323 N NZ  . LYS A 1 175 ? 21.971  -2.456  -1.998  1.00 43.64 ? 175 LYS A NZ  1 
ATOM   1324 N N   . GLU A 1 176 ? 20.010  -5.427  5.222   1.00 19.16 ? 176 GLU A N   1 
ATOM   1325 C CA  . GLU A 1 176 ? 20.332  -6.520  6.127   1.00 19.64 ? 176 GLU A CA  1 
ATOM   1326 C C   . GLU A 1 176 ? 19.076  -7.042  6.825   1.00 16.06 ? 176 GLU A C   1 
ATOM   1327 O O   . GLU A 1 176 ? 18.868  -8.248  6.903   1.00 17.13 ? 176 GLU A O   1 
ATOM   1328 C CB  . GLU A 1 176 ? 21.350  -6.089  7.189   1.00 22.45 ? 176 GLU A CB  1 
ATOM   1329 C CG  . GLU A 1 176 ? 21.868  -7.232  8.037   1.00 27.01 ? 176 GLU A CG  1 
ATOM   1330 C CD  . GLU A 1 176 ? 23.083  -6.829  8.884   0.50 26.74 ? 176 GLU A CD  1 
ATOM   1331 O OE1 . GLU A 1 176 ? 23.641  -5.736  8.652   0.50 32.65 ? 176 GLU A OE1 1 
ATOM   1332 O OE2 . GLU A 1 176 ? 23.474  -7.605  9.776   0.50 31.58 ? 176 GLU A OE2 1 
ATOM   1333 N N   . VAL A 1 177 ? 18.273  -6.133  7.360   1.00 15.40 ? 177 VAL A N   1 
ATOM   1334 C CA  . VAL A 1 177 ? 17.006  -6.530  7.986   1.00 16.70 ? 177 VAL A CA  1 
ATOM   1335 C C   . VAL A 1 177 ? 16.103  -7.248  6.975   1.00 16.23 ? 177 VAL A C   1 
ATOM   1336 O O   . VAL A 1 177 ? 15.515  -8.276  7.295   1.00 14.51 ? 177 VAL A O   1 
ATOM   1337 C CB  . VAL A 1 177 ? 16.283  -5.357  8.651   1.00 16.18 ? 177 VAL A CB  1 
ATOM   1338 C CG1 . VAL A 1 177 ? 14.863  -5.719  9.091   1.00 16.50 ? 177 VAL A CG1 1 
ATOM   1339 C CG2 . VAL A 1 177 ? 17.091  -4.874  9.865   1.00 17.27 ? 177 VAL A CG2 1 
ATOM   1340 N N   . ALA A 1 178 ? 15.994  -6.725  5.755   1.00 14.67 ? 178 ALA A N   1 
ATOM   1341 C CA  . ALA A 1 178 ? 15.165  -7.383  4.749   1.00 14.26 ? 178 ALA A CA  1 
ATOM   1342 C C   . ALA A 1 178 ? 15.663  -8.794  4.481   1.00 14.44 ? 178 ALA A C   1 
ATOM   1343 O O   . ALA A 1 178 ? 14.866  -9.737  4.361   1.00 14.15 ? 178 ALA A O   1 
ATOM   1344 C CB  . ALA A 1 178 ? 15.126  -6.559  3.458   1.00 14.31 ? 178 ALA A CB  1 
ATOM   1345 N N   . ALA A 1 179 ? 16.979  -8.993  4.393   1.00 14.87 ? 179 ALA A N   1 
ATOM   1346 C CA  . ALA A 1 179 ? 17.510  -10.298 4.105   1.00 14.15 ? 179 ALA A CA  1 
ATOM   1347 C C   . ALA A 1 179 ? 17.250  -11.260 5.265   1.00 14.09 ? 179 ALA A C   1 
ATOM   1348 O O   . ALA A 1 179 ? 16.992  -12.439 5.059   1.00 14.45 ? 179 ALA A O   1 
ATOM   1349 C CB  . ALA A 1 179 ? 19.032  -10.212 3.839   1.00 17.59 ? 179 ALA A CB  1 
ATOM   1350 N N   . GLN A 1 180 ? 17.389  -10.759 6.497   1.00 14.56 ? 180 GLN A N   1 
ATOM   1351 C CA  . GLN A 1 180 ? 17.122  -11.575 7.674   1.00 14.88 ? 180 GLN A CA  1 
ATOM   1352 C C   . GLN A 1 180 ? 15.668  -12.014 7.754   1.00 12.37 ? 180 GLN A C   1 
ATOM   1353 O O   . GLN A 1 180 ? 15.359  -13.159 8.086   1.00 13.36 ? 180 GLN A O   1 
ATOM   1354 C CB  . GLN A 1 180 ? 17.467  -10.813 8.957   1.00 15.68 ? 180 GLN A CB  1 
ATOM   1355 C CG  . GLN A 1 180 ? 18.972  -10.533 9.170   1.00 19.13 ? 180 GLN A CG  1 
ATOM   1356 C CD  . GLN A 1 180 ? 19.226  -9.396  10.159  1.00 23.69 ? 180 GLN A CD  1 
ATOM   1357 O OE1 . GLN A 1 180 ? 18.303  -8.746  10.688  1.00 27.15 ? 180 GLN A OE1 1 
ATOM   1358 N NE2 . GLN A 1 180 ? 20.512  -9.168  10.442  1.00 30.26 ? 180 GLN A NE2 1 
ATOM   1359 N N   . VAL A 1 181 ? 14.772  -11.095 7.447   1.00 11.42 ? 181 VAL A N   1 
ATOM   1360 C CA  . VAL A 1 181 ? 13.339  -11.402 7.421   1.00 12.12 ? 181 VAL A CA  1 
ATOM   1361 C C   . VAL A 1 181 ? 13.014  -12.389 6.319   1.00 11.63 ? 181 VAL A C   1 
ATOM   1362 O O   . VAL A 1 181 ? 12.205  -13.298 6.491   1.00 12.28 ? 181 VAL A O   1 
ATOM   1363 C CB  . VAL A 1 181 ? 12.500  -10.114 7.281   1.00 13.26 ? 181 VAL A CB  1 
ATOM   1364 C CG1 . VAL A 1 181 ? 11.032  -10.446 6.990   1.00 13.14 ? 181 VAL A CG1 1 
ATOM   1365 C CG2 . VAL A 1 181 ? 12.625  -9.254  8.569   1.00 14.51 ? 181 VAL A CG2 1 
ATOM   1366 N N   . LYS A 1 182 ? 13.653  -12.220 5.165   1.00 12.06 ? 182 LYS A N   1 
ATOM   1367 C CA  . LYS A 1 182 ? 13.351  -13.057 4.019   1.00 13.21 ? 182 LYS A CA  1 
ATOM   1368 C C   . LYS A 1 182 ? 13.695  -14.528 4.215   1.00 12.14 ? 182 LYS A C   1 
ATOM   1369 O O   . LYS A 1 182 ? 12.986  -15.409 3.751   1.00 13.48 ? 182 LYS A O   1 
ATOM   1370 C CB  . LYS A 1 182 ? 14.100  -12.505 2.783   1.00 15.49 ? 182 LYS A CB  1 
ATOM   1371 C CG  . LYS A 1 182 ? 13.875  -13.283 1.494   1.00 19.47 ? 182 LYS A CG  1 
ATOM   1372 C CD  . LYS A 1 182 ? 14.654  -12.700 0.324   1.00 22.84 ? 182 LYS A CD  1 
ATOM   1373 C CE  . LYS A 1 182 ? 14.521  -13.609 -0.876  1.00 29.21 ? 182 LYS A CE  1 
ATOM   1374 N NZ  . LYS A 1 182 ? 15.133  -12.990 -2.094  1.00 34.05 ? 182 LYS A NZ  1 
ATOM   1375 N N   . ALA A 1 183 ? 14.807  -14.816 4.879   1.00 13.78 ? 183 ALA A N   1 
ATOM   1376 C CA  . ALA A 1 183 ? 15.307  -16.175 4.896   1.00 16.18 ? 183 ALA A CA  1 
ATOM   1377 C C   . ALA A 1 183 ? 14.296  -17.220 5.378   1.00 16.19 ? 183 ALA A C   1 
ATOM   1378 O O   . ALA A 1 183 ? 14.081  -18.247 4.713   1.00 17.62 ? 183 ALA A O   1 
ATOM   1379 C CB  . ALA A 1 183 ? 16.637  -16.274 5.648   1.00 19.16 ? 183 ALA A CB  1 
ATOM   1380 N N   . PRO A 1 184 ? 13.655  -16.996 6.528   1.00 14.09 ? 184 PRO A N   1 
ATOM   1381 C CA  . PRO A 1 184 ? 12.690  -17.973 6.993   1.00 13.69 ? 184 PRO A CA  1 
ATOM   1382 C C   . PRO A 1 184 ? 11.369  -18.058 6.222   1.00 14.09 ? 184 PRO A C   1 
ATOM   1383 O O   . PRO A 1 184 ? 10.526  -18.924 6.487   1.00 14.82 ? 184 PRO A O   1 
ATOM   1384 C CB  . PRO A 1 184 ? 12.384  -17.533 8.434   1.00 19.31 ? 184 PRO A CB  1 
ATOM   1385 C CG  . PRO A 1 184 ? 13.330  -16.453 8.746   1.00 20.32 ? 184 PRO A CG  1 
ATOM   1386 C CD  . PRO A 1 184 ? 13.849  -15.892 7.479   1.00 15.13 ? 184 PRO A CD  1 
ATOM   1387 N N   . LEU A 1 185 ? 11.179  -17.210 5.224   1.00 12.22 ? 185 LEU A N   1 
ATOM   1388 C CA  . LEU A 1 185 ? 9.947   -17.236 4.462   1.00 11.85 ? 185 LEU A CA  1 
ATOM   1389 C C   . LEU A 1 185 ? 9.894   -18.368 3.444   1.00 12.08 ? 185 LEU A C   1 
ATOM   1390 O O   . LEU A 1 185 ? 8.814   -18.702 2.979   1.00 13.36 ? 185 LEU A O   1 
ATOM   1391 C CB  . LEU A 1 185 ? 9.721   -15.904 3.756   1.00 12.52 ? 185 LEU A CB  1 
ATOM   1392 C CG  . LEU A 1 185 ? 9.598   -14.680 4.679   1.00 12.29 ? 185 LEU A CG  1 
ATOM   1393 C CD1 . LEU A 1 185 ? 9.424   -13.382 3.819   1.00 13.24 ? 185 LEU A CD1 1 
ATOM   1394 C CD2 . LEU A 1 185 ? 8.415   -14.821 5.688   1.00 13.89 ? 185 LEU A CD2 1 
ATOM   1395 N N   . VAL A 1 186 ? 11.043  -18.929 3.063   1.00 12.30 ? 186 VAL A N   1 
ATOM   1396 C CA  . VAL A 1 186 ? 11.120  -19.957 2.044   1.00 12.63 ? 186 VAL A CA  1 
ATOM   1397 C C   . VAL A 1 186 ? 10.620  -19.425 0.704   1.00 12.02 ? 186 VAL A C   1 
ATOM   1398 O O   . VAL A 1 186 ? 9.817   -20.050 0.006   1.00 12.87 ? 186 VAL A O   1 
ATOM   1399 C CB  . VAL A 1 186 ? 10.422  -21.284 2.449   1.00 13.24 ? 186 VAL A CB  1 
ATOM   1400 C CG1 . VAL A 1 186 ? 10.941  -22.440 1.596   1.00 14.37 ? 186 VAL A CG1 1 
ATOM   1401 C CG2 . VAL A 1 186 ? 10.650  -21.567 3.919   1.00 16.18 ? 186 VAL A CG2 1 
ATOM   1402 N N   . LEU A 1 187 ? 11.108  -18.241 0.337   1.00 13.23 ? 187 LEU A N   1 
ATOM   1403 C CA  . LEU A 1 187 ? 10.809  -17.683 -0.970  1.00 14.86 ? 187 LEU A CA  1 
ATOM   1404 C C   . LEU A 1 187 ? 11.573  -18.384 -2.090  1.00 17.15 ? 187 LEU A C   1 
ATOM   1405 O O   . LEU A 1 187 ? 12.594  -19.005 -1.862  1.00 19.88 ? 187 LEU A O   1 
ATOM   1406 C CB  . LEU A 1 187 ? 11.143  -16.186 -1.010  1.00 15.68 ? 187 LEU A CB  1 
ATOM   1407 C CG  . LEU A 1 187 ? 10.400  -15.276 -0.037  1.00 19.96 ? 187 LEU A CG  1 
ATOM   1408 C CD1 . LEU A 1 187 ? 10.724  -13.828 -0.279  1.00 24.75 ? 187 LEU A CD1 1 
ATOM   1409 C CD2 . LEU A 1 187 ? 8.961   -15.476 -0.127  1.00 22.03 ? 187 LEU A CD2 1 
ATOM   1410 N N   . LYS A 1 188 ? 11.046  -18.273 -3.296  1.00 21.24 ? 188 LYS A N   1 
ATOM   1411 C CA  . LYS A 1 188 ? 11.720  -18.814 -4.482  1.00 30.40 ? 188 LYS A CA  1 
ATOM   1412 C C   . LYS A 1 188 ? 13.077  -18.152 -4.662  1.00 34.46 ? 188 LYS A C   1 
ATOM   1413 O O   . LYS A 1 188 ? 14.045  -18.800 -5.056  1.00 40.60 ? 188 LYS A O   1 
ATOM   1414 C CB  . LYS A 1 188 ? 10.882  -18.548 -5.731  1.00 34.30 ? 188 LYS A CB  1 
ATOM   1415 C CG  . LYS A 1 188 ? 9.756   -19.528 -5.958  1.00 36.11 ? 188 LYS A CG  1 
ATOM   1416 C CD  . LYS A 1 188 ? 9.179   -19.382 -7.365  1.00 36.47 ? 188 LYS A CD  1 
ATOM   1417 C CE  . LYS A 1 188 ? 7.840   -20.106 -7.508  1.00 41.03 ? 188 LYS A CE  1 
ATOM   1418 N NZ  . LYS A 1 188 ? 6.890   -19.428 -8.466  1.00 42.58 ? 188 LYS A NZ  1 
HETATM 1419 O O   . HOH B 2 .   ? -2.122  9.042   -15.698 1.00 12.29 ? 198 HOH A O   1 
HETATM 1420 O O   . HOH B 2 .   ? 6.740   3.193   -8.431  1.00 12.04 ? 199 HOH A O   1 
HETATM 1421 O O   . HOH B 2 .   ? -0.153  13.537  -21.006 1.00 12.57 ? 200 HOH A O   1 
HETATM 1422 O O   . HOH B 2 .   ? 2.624   -3.723  14.708  1.00 14.88 ? 201 HOH A O   1 
HETATM 1423 O O   . HOH B 2 .   ? -2.596  6.916   -21.484 1.00 15.15 ? 202 HOH A O   1 
HETATM 1424 O O   . HOH B 2 .   ? 6.620   -11.829 -4.194  1.00 14.76 ? 203 HOH A O   1 
HETATM 1425 O O   . HOH B 2 .   ? -6.007  -7.393  11.610  1.00 13.60 ? 204 HOH A O   1 
HETATM 1426 O O   . HOH B 2 .   ? -4.765  8.684   -21.458 1.00 16.13 ? 205 HOH A O   1 
HETATM 1427 O O   . HOH B 2 .   ? -5.587  4.918   -20.438 1.00 24.86 ? 206 HOH A O   1 
HETATM 1428 O O   . HOH B 2 .   ? 1.540   14.887  -8.286  1.00 18.05 ? 207 HOH A O   1 
HETATM 1429 O O   . HOH B 2 .   ? -11.810 -6.042  -5.418  1.00 13.69 ? 208 HOH A O   1 
HETATM 1430 O O   . HOH B 2 .   ? -7.629  -1.401  1.188   1.00 13.27 ? 209 HOH A O   1 
HETATM 1431 O O   . HOH B 2 .   ? 1.809   2.321   13.356  1.00 19.51 ? 210 HOH A O   1 
HETATM 1432 O O   . HOH B 2 .   ? 19.341  -3.355  7.823   1.00 22.91 ? 211 HOH A O   1 
HETATM 1433 O O   . HOH B 2 .   ? 6.387   -7.070  15.322  1.00 15.33 ? 212 HOH A O   1 
HETATM 1434 O O   . HOH B 2 .   ? 13.473  -17.201 1.591   1.00 16.25 ? 213 HOH A O   1 
HETATM 1435 O O   . HOH B 2 .   ? -7.443  -1.712  -1.580  1.00 11.20 ? 214 HOH A O   1 
HETATM 1436 O O   . HOH B 2 .   ? -2.443  1.962   -21.108 1.00 22.74 ? 215 HOH A O   1 
HETATM 1437 O O   . HOH B 2 .   ? 18.079  -13.837 2.927   1.00 25.47 ? 216 HOH A O   1 
HETATM 1438 O O   . HOH B 2 .   ? -3.731  -6.425  12.992  1.00 13.41 ? 217 HOH A O   1 
HETATM 1439 O O   . HOH B 2 .   ? 17.171  -14.939 9.176   1.00 21.19 ? 218 HOH A O   1 
HETATM 1440 O O   . HOH B 2 .   ? -13.022 -0.098  5.765   1.00 20.01 ? 219 HOH A O   1 
HETATM 1441 O O   . HOH B 2 .   ? -9.814  -10.025 -9.862  1.00 29.64 ? 220 HOH A O   1 
HETATM 1442 O O   . HOH B 2 .   ? 10.927  -7.324  -12.232 1.00 25.23 ? 221 HOH A O   1 
HETATM 1443 O O   . HOH B 2 .   ? -14.482 5.598   -0.097  1.00 24.25 ? 222 HOH A O   1 
HETATM 1444 O O   . HOH B 2 .   ? -7.456  -0.361  -16.232 1.00 19.18 ? 223 HOH A O   1 
HETATM 1445 O O   . HOH B 2 .   ? -8.323  6.148   -9.947  1.00 31.10 ? 224 HOH A O   1 
HETATM 1446 O O   . HOH B 2 .   ? 12.054  -6.875  -2.868  1.00 21.48 ? 225 HOH A O   1 
HETATM 1447 O O   . HOH B 2 .   ? -8.416  6.636   -14.677 1.00 24.56 ? 226 HOH A O   1 
HETATM 1448 O O   . HOH B 2 .   ? -13.999 -0.813  8.631   1.00 25.60 ? 227 HOH A O   1 
HETATM 1449 O O   . HOH B 2 .   ? -16.057 -7.107  -0.357  1.00 29.48 ? 228 HOH A O   1 
HETATM 1450 O O   . HOH B 2 .   ? 4.295   9.106   -19.134 1.00 18.53 ? 229 HOH A O   1 
HETATM 1451 O O   . HOH B 2 .   ? 13.395  -0.504  -1.375  1.00 22.82 ? 230 HOH A O   1 
HETATM 1452 O O   . HOH B 2 .   ? -5.252  -2.254  -18.353 1.00 18.55 ? 231 HOH A O   1 
HETATM 1453 O O   . HOH B 2 .   ? 1.447   -4.911  -18.430 1.00 28.65 ? 232 HOH A O   1 
HETATM 1454 O O   . HOH B 2 .   ? 18.582  -7.032  12.734  1.00 39.28 ? 233 HOH A O   1 
HETATM 1455 O O   . HOH B 2 .   ? -6.406  11.570  -15.495 1.00 27.84 ? 234 HOH A O   1 
HETATM 1456 O O   . HOH B 2 .   ? -12.949 10.498  3.960   1.00 31.00 ? 235 HOH A O   1 
HETATM 1457 O O   . HOH B 2 .   ? 1.556   15.571  -14.852 1.00 29.08 ? 236 HOH A O   1 
HETATM 1458 O O   . HOH B 2 .   ? 11.186  -5.991  -9.675  1.00 19.62 ? 237 HOH A O   1 
HETATM 1459 O O   . HOH B 2 .   ? -9.864  -7.665  -7.243  1.00 31.75 ? 238 HOH A O   1 
HETATM 1460 O O   . HOH B 2 .   ? -16.771 -4.604  4.834   1.00 22.58 ? 239 HOH A O   1 
HETATM 1461 O O   . HOH B 2 .   ? -16.416 -10.023 -1.067  1.00 24.58 ? 240 HOH A O   1 
HETATM 1462 O O   . HOH B 2 .   ? -8.947  15.653  1.380   1.00 37.09 ? 241 HOH A O   1 
HETATM 1463 O O   . HOH B 2 .   ? -13.219 8.399   3.595   1.00 32.16 ? 242 HOH A O   1 
HETATM 1464 O O   . HOH B 2 .   ? 8.581   9.774   -7.299  1.00 19.06 ? 243 HOH A O   1 
HETATM 1465 O O   . HOH B 2 .   ? 11.164  -0.514  12.873  1.00 31.08 ? 244 HOH A O   1 
HETATM 1466 O O   . HOH B 2 .   ? -12.404 5.811   9.506   1.00 21.47 ? 245 HOH A O   1 
HETATM 1467 O O   . HOH B 2 .   ? 20.526  -0.875  3.212   1.00 35.49 ? 246 HOH A O   1 
HETATM 1468 O O   . HOH B 2 .   ? -8.704  -6.648  -12.180 1.00 30.96 ? 247 HOH A O   1 
HETATM 1469 O O   . HOH B 2 .   ? 3.961   -12.704 -3.302  1.00 23.05 ? 248 HOH A O   1 
HETATM 1470 O O   . HOH B 2 .   ? -10.064 3.376   16.173  1.00 25.82 ? 249 HOH A O   1 
HETATM 1471 O O   . HOH B 2 .   ? 2.125   9.704   7.401   1.00 32.07 ? 250 HOH A O   1 
HETATM 1472 O O   . HOH B 2 .   ? 11.206  -7.880  -7.545  1.00 25.70 ? 251 HOH A O   1 
HETATM 1473 O O   . HOH B 2 .   ? -6.780  12.481  -11.034 1.00 29.62 ? 252 HOH A O   1 
HETATM 1474 O O   . HOH B 2 .   ? 14.215  -5.997  -0.327  1.00 36.98 ? 253 HOH A O   1 
HETATM 1475 O O   . HOH B 2 .   ? 14.277  -5.449  13.040  1.00 20.24 ? 254 HOH A O   1 
HETATM 1476 O O   . HOH B 2 .   ? -15.740 -0.156  -4.386  1.00 19.99 ? 255 HOH A O   1 
HETATM 1477 O O   . HOH B 2 .   ? 8.882   -18.247 8.907   1.00 27.69 ? 256 HOH A O   1 
HETATM 1478 O O   . HOH B 2 .   ? -2.927  16.854  3.649   1.00 34.70 ? 257 HOH A O   1 
HETATM 1479 O O   . HOH B 2 .   ? -5.717  14.122  -16.663 1.00 34.49 ? 258 HOH A O   1 
HETATM 1480 O O   . HOH B 2 .   ? -1.526  4.349   14.739  1.00 32.24 ? 259 HOH A O   1 
HETATM 1481 O O   . HOH B 2 .   ? 18.246  -7.447  1.234   1.00 34.36 ? 260 HOH A O   1 
HETATM 1482 O O   . HOH B 2 .   ? 5.925   13.483  -5.860  1.00 37.86 ? 261 HOH A O   1 
HETATM 1483 O O   . HOH B 2 .   ? -16.357 -2.231  7.553   1.00 35.90 ? 262 HOH A O   1 
HETATM 1484 O O   . HOH B 2 .   ? 12.303  3.807   -11.216 1.00 32.07 ? 263 HOH A O   1 
HETATM 1485 O O   . HOH B 2 .   ? 2.788   17.199  5.462   1.00 37.18 ? 264 HOH A O   1 
HETATM 1486 O O   . HOH B 2 .   ? 0.066   11.271  6.451   1.00 27.68 ? 265 HOH A O   1 
HETATM 1487 O O   . HOH B 2 .   ? -7.845  12.111  -17.955 1.00 31.67 ? 266 HOH A O   1 
HETATM 1488 O O   . HOH B 2 .   ? -11.421 11.130  -5.589  1.00 32.95 ? 267 HOH A O   1 
HETATM 1489 O O   . HOH B 2 .   ? 9.435   7.515   4.953   1.00 28.54 ? 268 HOH A O   1 
HETATM 1490 O O   . HOH B 2 .   ? 7.152   3.363   -20.441 1.00 29.64 ? 269 HOH A O   1 
HETATM 1491 O O   . HOH B 2 .   ? 3.463   -2.038  -20.384 1.00 32.33 ? 270 HOH A O   1 
HETATM 1492 O O   . HOH B 2 .   ? 17.514  -1.255  10.741  1.00 38.24 ? 271 HOH A O   1 
HETATM 1493 O O   . HOH B 2 .   ? 1.499   16.885  -1.350  1.00 32.55 ? 272 HOH A O   1 
HETATM 1494 O O   . HOH B 2 .   ? -7.933  -3.284  -11.946 1.00 30.35 ? 273 HOH A O   1 
HETATM 1495 O O   . HOH B 2 .   ? 2.365   -6.782  -18.366 1.00 35.56 ? 274 HOH A O   1 
HETATM 1496 O O   . HOH B 2 .   ? -1.485  -4.297  -19.288 1.00 33.51 ? 275 HOH A O   1 
HETATM 1497 O O   . HOH B 2 .   ? -9.663  -4.616  -17.250 1.00 48.27 ? 276 HOH A O   1 
HETATM 1498 O O   . HOH B 2 .   ? 11.225  7.629   11.333  1.00 39.72 ? 277 HOH A O   1 
HETATM 1499 O O   . HOH B 2 .   ? 15.051  -19.183 2.491   1.00 30.41 ? 278 HOH A O   1 
HETATM 1500 O O   . HOH B 2 .   ? 5.664   0.045   -20.422 1.00 33.01 ? 279 HOH A O   1 
HETATM 1501 O O   . HOH B 2 .   ? -14.358 0.417   3.237   1.00 23.74 ? 280 HOH A O   1 
HETATM 1502 O O   . HOH B 2 .   ? -16.399 4.674   -1.669  1.00 30.47 ? 281 HOH A O   1 
HETATM 1503 O O   . HOH B 2 .   ? 5.523   -15.371 -6.794  1.00 29.32 ? 282 HOH A O   1 
HETATM 1504 O O   . HOH B 2 .   ? 12.101  5.884   6.917   1.00 51.30 ? 283 HOH A O   1 
HETATM 1505 O O   . HOH B 2 .   ? -10.049 0.251   -9.183  1.00 23.75 ? 284 HOH A O   1 
HETATM 1506 O O   . HOH B 2 .   ? 9.076   -2.238  -18.080 1.00 29.38 ? 285 HOH A O   1 
HETATM 1507 O O   . HOH B 2 .   ? -14.577 11.120  1.247   1.00 30.26 ? 286 HOH A O   1 
HETATM 1508 O O   . HOH B 2 .   ? 14.127  6.215   -9.716  1.00 34.90 ? 287 HOH A O   1 
HETATM 1509 O O   . HOH B 2 .   ? 18.969  -12.240 0.793   1.00 49.13 ? 288 HOH A O   1 
HETATM 1510 O O   . HOH B 2 .   ? -9.377  2.750   -8.409  1.00 19.34 ? 289 HOH A O   1 
HETATM 1511 O O   . HOH B 2 .   ? 0.864   17.182  -9.798  1.00 27.94 ? 290 HOH A O   1 
HETATM 1512 O O   . HOH B 2 .   ? -17.268 -13.210 4.330   1.00 23.86 ? 291 HOH A O   1 
HETATM 1513 O O   . HOH B 2 .   ? 8.312   -14.050 -3.767  1.00 38.80 ? 292 HOH A O   1 
HETATM 1514 O O   . HOH B 2 .   ? -16.256 -1.718  5.179   1.00 39.40 ? 293 HOH A O   1 
HETATM 1515 O O   . HOH B 2 .   ? 15.350  1.138   -0.891  1.00 32.69 ? 294 HOH A O   1 
HETATM 1516 O O   . HOH B 2 .   ? 14.918  -8.855  0.439   1.00 38.43 ? 295 HOH A O   1 
HETATM 1517 O O   . HOH B 2 .   ? -9.842  5.398   -16.415 1.00 44.39 ? 296 HOH A O   1 
HETATM 1518 O O   . HOH B 2 .   ? 21.501  -2.838  5.850   1.00 33.42 ? 297 HOH A O   1 
HETATM 1519 O O   . HOH B 2 .   ? 12.705  10.102  -11.320 1.00 28.23 ? 298 HOH A O   1 
HETATM 1520 O O   . HOH B 2 .   ? -5.915  13.325  -13.389 1.00 37.39 ? 299 HOH A O   1 
HETATM 1521 O O   . HOH B 2 .   ? 16.911  -15.998 1.650   1.00 45.19 ? 300 HOH A O   1 
HETATM 1522 O O   . HOH B 2 .   ? 18.180  -4.035  13.031  1.00 38.36 ? 301 HOH A O   1 
HETATM 1523 O O   . HOH B 2 .   ? -8.429  9.811   -14.462 1.00 46.34 ? 302 HOH A O   1 
HETATM 1524 O O   . HOH B 2 .   ? -10.872 4.794   -9.125  1.00 37.15 ? 303 HOH A O   1 
HETATM 1525 O O   . HOH B 2 .   ? 6.261   -19.044 9.105   1.00 26.34 ? 304 HOH A O   1 
HETATM 1526 O O   . HOH B 2 .   ? 5.727   -8.453  -14.444 1.00 32.18 ? 305 HOH A O   1 
HETATM 1527 O O   . HOH B 2 .   ? -3.783  0.879   16.694  1.00 46.74 ? 306 HOH A O   1 
HETATM 1528 O O   . HOH B 2 .   ? -4.050  -10.595 -15.836 1.00 34.34 ? 307 HOH A O   1 
HETATM 1529 O O   . HOH B 2 .   ? 20.468  -3.722  10.311  1.00 41.55 ? 308 HOH A O   1 
HETATM 1530 O O   . HOH B 2 .   ? -6.479  -5.086  -10.789 1.00 28.11 ? 309 HOH A O   1 
HETATM 1531 O O   . HOH B 2 .   ? 1.090   -3.095  16.355  1.00 43.19 ? 310 HOH A O   1 
HETATM 1532 O O   . HOH B 2 .   ? -8.956  4.652   -18.526 1.00 47.15 ? 311 HOH A O   1 
HETATM 1533 O O   . HOH B 2 .   ? -8.789  8.629   -11.502 1.00 49.26 ? 312 HOH A O   1 
HETATM 1534 O O   . HOH B 2 .   ? -16.936 2.620   -4.553  1.00 37.13 ? 313 HOH A O   1 
HETATM 1535 O O   . HOH B 2 .   ? 12.080  5.872   3.029   1.00 49.23 ? 314 HOH A O   1 
HETATM 1536 O O   . HOH B 2 .   ? 13.888  -4.758  -2.800  1.00 42.25 ? 315 HOH A O   1 
HETATM 1537 O O   . HOH B 2 .   ? -19.142 -1.738  -8.189  1.00 28.67 ? 316 HOH A O   1 
HETATM 1538 O O   . HOH B 2 .   ? 2.407   3.225   15.965  1.00 42.46 ? 317 HOH A O   1 
HETATM 1539 O O   . HOH B 2 .   ? 15.563  -2.462  12.504  1.00 37.21 ? 318 HOH A O   1 
HETATM 1540 O O   . HOH B 2 .   ? 12.907  0.069   -8.822  1.00 41.94 ? 319 HOH A O   1 
HETATM 1541 O O   . HOH B 2 .   ? -12.548 0.600   -10.460 1.00 42.38 ? 320 HOH A O   1 
HETATM 1542 O O   . HOH B 2 .   ? -9.076  -0.656  -13.898 1.00 29.65 ? 321 HOH A O   1 
HETATM 1543 O O   . HOH B 2 .   ? 0.411   18.359  4.525   1.00 51.96 ? 322 HOH A O   1 
HETATM 1544 O O   . HOH B 2 .   ? -19.220 -8.358  -1.201  1.00 23.81 ? 323 HOH A O   1 
HETATM 1545 O O   . HOH B 2 .   ? -8.629  -1.736  -19.808 1.00 46.06 ? 324 HOH A O   1 
HETATM 1546 O O   . HOH B 2 .   ? 12.998  5.410   0.374   1.00 36.79 ? 325 HOH A O   1 
HETATM 1547 O O   . HOH B 2 .   ? 6.879   -10.873 -13.662 1.00 30.33 ? 326 HOH A O   1 
HETATM 1548 O O   . HOH B 2 .   ? 12.753  -1.779  -10.508 1.00 39.83 ? 327 HOH A O   1 
HETATM 1549 O O   . HOH B 2 .   ? -15.730 -9.456  -3.702  1.00 30.09 ? 328 HOH A O   1 
HETATM 1550 O O   . HOH B 2 .   ? -4.368  16.873  -15.947 1.00 47.83 ? 329 HOH A O   1 
HETATM 1551 O O   . HOH B 2 .   ? 17.217  1.874   2.915   1.00 38.61 ? 330 HOH A O   1 
HETATM 1552 O O   . HOH B 2 .   ? 12.315  -6.396  -5.521  1.00 35.31 ? 331 HOH A O   1 
HETATM 1553 O O   . HOH B 2 .   ? 15.355  3.753   0.499   1.00 34.40 ? 332 HOH A O   1 
HETATM 1554 O O   . HOH B 2 .   ? -18.109 5.087   7.115   1.00 46.41 ? 333 HOH A O   1 
HETATM 1555 O O   . HOH B 2 .   ? 12.935  -3.879  -7.051  1.00 34.45 ? 334 HOH A O   1 
HETATM 1556 O O   . HOH B 2 .   ? 3.370   15.723  -6.689  1.00 23.42 ? 335 HOH A O   1 
HETATM 1557 O O   . HOH B 2 .   ? -6.942  -5.957  14.882  1.00 22.97 ? 336 HOH A O   1 
HETATM 1558 O O   . HOH B 2 .   ? -12.230 7.520   6.303   1.00 35.00 ? 337 HOH A O   1 
HETATM 1559 O O   . HOH B 2 .   ? -17.315 -16.532 -0.005  1.00 32.61 ? 338 HOH A O   1 
HETATM 1560 O O   . HOH B 2 .   ? -5.258  -6.434  -20.629 1.00 58.83 ? 339 HOH A O   1 
HETATM 1561 O O   . HOH B 2 .   ? -7.519  15.315  -6.151  1.00 46.29 ? 340 HOH A O   1 
HETATM 1562 O O   . HOH B 2 .   ? 5.498   -16.684 -3.123  0.50 22.65 ? 341 HOH A O   1 
HETATM 1563 O O   . HOH B 2 .   ? 0.146   16.169  -5.236  1.00 32.66 ? 342 HOH A O   1 
HETATM 1564 O O   . HOH B 2 .   ? 3.949   1.986   -21.588 1.00 29.07 ? 343 HOH A O   1 
HETATM 1565 O O   . HOH B 2 .   ? 13.913  -20.457 -0.259  1.00 47.73 ? 344 HOH A O   1 
HETATM 1566 O O   . HOH B 2 .   ? 9.289   1.319   -18.401 1.00 43.93 ? 345 HOH A O   1 
HETATM 1567 O O   . HOH B 2 .   ? -13.346 6.145   14.864  1.00 42.73 ? 346 HOH A O   1 
HETATM 1568 O O   . HOH B 2 .   ? 14.406  6.368   -7.015  1.00 31.08 ? 347 HOH A O   1 
HETATM 1569 O O   . HOH B 2 .   ? -14.857 3.051   14.197  1.00 33.62 ? 348 HOH A O   1 
HETATM 1570 O O   . HOH B 2 .   ? 8.923   6.443   13.153  1.00 36.74 ? 349 HOH A O   1 
HETATM 1571 O O   . HOH B 2 .   ? -15.909 8.266   0.001   1.00 42.76 ? 350 HOH A O   1 
HETATM 1572 O O   . HOH B 2 .   ? 8.863   9.387   7.411   1.00 44.19 ? 351 HOH A O   1 
HETATM 1573 O O   . HOH B 2 .   ? 15.069  4.335   6.273   1.00 39.30 ? 352 HOH A O   1 
HETATM 1574 O O   . HOH B 2 .   ? -7.000  -10.568 -21.556 1.00 55.54 ? 353 HOH A O   1 
HETATM 1575 O O   . HOH B 2 .   ? -18.410 -9.278  8.491   1.00 45.72 ? 354 HOH A O   1 
HETATM 1576 O O   . HOH B 2 .   ? 14.126  -0.274  -21.801 1.00 52.15 ? 355 HOH A O   1 
HETATM 1577 O O   . HOH B 2 .   ? -17.190 -8.353  -2.310  1.00 16.81 ? 356 HOH A O   1 
HETATM 1578 O O   . HOH B 2 .   ? 12.279  -3.809  -9.377  1.00 19.80 ? 357 HOH A O   1 
HETATM 1579 O O   . HOH B 2 .   ? -16.086 -2.831  -2.337  1.00 26.26 ? 358 HOH A O   1 
HETATM 1580 O O   . HOH B 2 .   ? 15.399  4.425   -4.087  1.00 39.66 ? 359 HOH A O   1 
HETATM 1581 O O   . HOH B 2 .   ? 16.177  3.954   2.827   1.00 36.79 ? 360 HOH A O   1 
HETATM 1582 O O   . HOH B 2 .   ? -17.658 -0.462  -1.061  1.00 34.28 ? 361 HOH A O   1 
HETATM 1583 O O   . HOH B 2 .   ? 9.304   -16.216 -4.274  1.00 36.43 ? 362 HOH A O   1 
HETATM 1584 O O   . HOH B 2 .   ? -1.571  -1.833  15.651  1.00 34.08 ? 363 HOH A O   1 
HETATM 1585 O O   . HOH B 2 .   ? -8.460  -8.879  -7.770  1.00 28.77 ? 364 HOH A O   1 
HETATM 1586 O O   . HOH B 2 .   ? 5.269   -4.701  15.046  1.00 27.54 ? 365 HOH A O   1 
HETATM 1587 O O   . HOH B 2 .   ? -9.184  -2.944  -14.254 1.00 30.21 ? 366 HOH A O   1 
HETATM 1588 O O   . HOH B 2 .   ? -15.812 10.369  -0.949  1.00 40.17 ? 367 HOH A O   1 
HETATM 1589 O O   . HOH B 2 .   ? -18.879 -14.766 3.215   1.00 27.90 ? 368 HOH A O   1 
HETATM 1590 O O   . HOH B 2 .   ? -21.511 -10.635 1.529   1.00 50.23 ? 369 HOH A O   1 
HETATM 1591 O O   . HOH B 2 .   ? -14.216 11.680  -4.020  1.00 50.41 ? 370 HOH A O   1 
HETATM 1592 O O   . HOH B 2 .   ? -17.302 1.428   -3.018  1.00 25.02 ? 371 HOH A O   1 
HETATM 1593 O O   . HOH B 2 .   ? 14.150  2.101   -8.698  1.00 35.94 ? 372 HOH A O   1 
HETATM 1594 O O   . HOH B 2 .   ? -7.696  -2.625  -18.011 1.00 35.08 ? 373 HOH A O   1 
HETATM 1595 O O   . HOH B 2 .   ? -4.928  15.457  -13.330 1.00 48.88 ? 374 HOH A O   1 
HETATM 1596 O O   . HOH B 2 .   ? 13.615  -3.512  12.132  1.00 36.41 ? 375 HOH A O   1 
HETATM 1597 O O   . HOH B 2 .   ? 12.876  -16.705 -4.580  1.00 34.19 ? 376 HOH A O   1 
HETATM 1598 O O   . HOH B 2 .   ? 14.994  -16.189 -0.379  1.00 43.45 ? 377 HOH A O   1 
HETATM 1599 O O   . HOH B 2 .   ? -12.371 12.444  -2.743  1.00 51.39 ? 378 HOH A O   1 
HETATM 1600 O O   . HOH B 2 .   ? -17.068 0.530   11.400  1.00 42.14 ? 379 HOH A O   1 
HETATM 1601 O O   . HOH B 2 .   ? -13.554 -5.576  13.928  1.00 37.65 ? 380 HOH A O   1 
HETATM 1602 O O   . HOH B 2 .   ? 11.446  10.254  -7.722  1.00 23.41 ? 381 HOH A O   1 
HETATM 1603 O O   . HOH B 2 .   ? 12.677  -1.897  -6.462  1.00 46.80 ? 382 HOH A O   1 
HETATM 1604 O O   . HOH B 2 .   ? 6.428   7.644   12.166  1.00 43.38 ? 383 HOH A O   1 
HETATM 1605 O O   . HOH B 2 .   ? -19.102 0.307   -3.943  1.00 33.73 ? 384 HOH A O   1 
HETATM 1606 O O   . HOH B 2 .   ? -8.802  -1.034  -11.214 1.00 44.38 ? 385 HOH A O   1 
HETATM 1607 O O   . HOH B 2 .   ? -14.774 6.303   10.498  1.00 40.36 ? 386 HOH A O   1 
HETATM 1608 O O   . HOH B 2 .   ? -8.799  2.059   18.086  1.00 41.63 ? 387 HOH A O   1 
HETATM 1609 O O   . HOH B 2 .   ? 5.032   17.657  -3.163  1.00 40.98 ? 388 HOH A O   1 
HETATM 1610 O O   . HOH B 2 .   ? -13.129 3.353   16.664  1.00 42.60 ? 389 HOH A O   1 
HETATM 1611 O O   . HOH B 2 .   ? -3.846  -5.725  -23.284 1.00 42.88 ? 390 HOH A O   1 
# 
loop_
_pdbx_poly_seq_scheme.asym_id 
_pdbx_poly_seq_scheme.entity_id 
_pdbx_poly_seq_scheme.seq_id 
_pdbx_poly_seq_scheme.mon_id 
_pdbx_poly_seq_scheme.ndb_seq_num 
_pdbx_poly_seq_scheme.pdb_seq_num 
_pdbx_poly_seq_scheme.auth_seq_num 
_pdbx_poly_seq_scheme.pdb_mon_id 
_pdbx_poly_seq_scheme.auth_mon_id 
_pdbx_poly_seq_scheme.pdb_strand_id 
_pdbx_poly_seq_scheme.pdb_ins_code 
_pdbx_poly_seq_scheme.hetero 
A 1 1   MET 1   1   ?   ?   ?   A . n 
A 1 2   ALA 2   2   ?   ?   ?   A . n 
A 1 3   SER 3   3   3   SER SER A . n 
A 1 4   LYS 4   4   4   LYS LYS A . n 
A 1 5   ARG 5   5   5   ARG ARG A . n 
A 1 6   ALA 6   6   6   ALA ALA A . n 
A 1 7   LEU 7   7   7   LEU LEU A . n 
A 1 8   VAL 8   8   8   VAL VAL A . n 
A 1 9   ILE 9   9   9   ILE ILE A . n 
A 1 10  LEU 10  10  10  LEU LEU A . n 
A 1 11  ALA 11  11  11  ALA ALA A . n 
A 1 12  LYS 12  12  12  LYS LYS A . n 
A 1 13  GLY 13  13  13  GLY GLY A . n 
A 1 14  ALA 14  14  14  ALA ALA A . n 
A 1 15  GLU 15  15  15  GLU GLU A . n 
A 1 16  GLU 16  16  16  GLU GLU A . n 
A 1 17  MET 17  17  17  MET MET A . n 
A 1 18  GLN 18  18  18  GLN GLN A . n 
A 1 19  THR 19  19  19  THR THR A . n 
A 1 20  VAL 20  20  20  VAL VAL A . n 
A 1 21  ILE 21  21  21  ILE ILE A . n 
A 1 22  PRO 22  22  22  PRO PRO A . n 
A 1 23  VAL 23  23  23  VAL VAL A . n 
A 1 24  ASP 24  24  24  ASP ASP A . n 
A 1 25  VAL 25  25  25  VAL VAL A . n 
A 1 26  MET 26  26  26  MET MET A . n 
A 1 27  ARG 27  27  27  ARG ARG A . n 
A 1 28  ARG 28  28  28  ARG ARG A . n 
A 1 29  ALA 29  29  29  ALA ALA A . n 
A 1 30  GLY 30  30  30  GLY GLY A . n 
A 1 31  ILE 31  31  31  ILE ILE A . n 
A 1 32  LYS 32  32  32  LYS LYS A . n 
A 1 33  VAL 33  33  33  VAL VAL A . n 
A 1 34  THR 34  34  34  THR THR A . n 
A 1 35  VAL 35  35  35  VAL VAL A . n 
A 1 36  ALA 36  36  36  ALA ALA A . n 
A 1 37  GLY 37  37  37  GLY GLY A . n 
A 1 38  LEU 38  38  38  LEU LEU A . n 
A 1 39  ALA 39  39  39  ALA ALA A . n 
A 1 40  GLY 40  40  40  GLY GLY A . n 
A 1 41  LYS 41  41  41  LYS LYS A . n 
A 1 42  ASP 42  42  42  ASP ASP A . n 
A 1 43  PRO 43  43  43  PRO PRO A . n 
A 1 44  VAL 44  44  44  VAL VAL A . n 
A 1 45  GLN 45  45  45  GLN GLN A . n 
A 1 46  CYS 46  46  46  CYS CYS A . n 
A 1 47  SER 47  47  47  SER SER A . n 
A 1 48  ARG 48  48  48  ARG ARG A . n 
A 1 49  ASP 49  49  49  ASP ASP A . n 
A 1 50  VAL 50  50  50  VAL VAL A . n 
A 1 51  VAL 51  51  51  VAL VAL A . n 
A 1 52  ILE 52  52  52  ILE ILE A . n 
A 1 53  CYS 53  53  53  CYS CYS A . n 
A 1 54  PRO 54  54  54  PRO PRO A . n 
A 1 55  ASP 55  55  55  ASP ASP A . n 
A 1 56  ALA 56  56  56  ALA ALA A . n 
A 1 57  SER 57  57  57  SER SER A . n 
A 1 58  LEU 58  58  58  LEU LEU A . n 
A 1 59  GLU 59  59  59  GLU GLU A . n 
A 1 60  ASP 60  60  60  ASP ASP A . n 
A 1 61  ALA 61  61  61  ALA ALA A . n 
A 1 62  LYS 62  62  62  LYS LYS A . n 
A 1 63  LYS 63  63  63  LYS LYS A . n 
A 1 64  GLU 64  64  64  GLU GLU A . n 
A 1 65  GLY 65  65  65  GLY GLY A . n 
A 1 66  PRO 66  66  66  PRO PRO A . n 
A 1 67  TYR 67  67  67  TYR TYR A . n 
A 1 68  ASP 68  68  68  ASP ASP A . n 
A 1 69  VAL 69  69  69  VAL VAL A . n 
A 1 70  VAL 70  70  70  VAL VAL A . n 
A 1 71  VAL 71  71  71  VAL VAL A . n 
A 1 72  LEU 72  72  72  LEU LEU A . n 
A 1 73  PRO 73  73  73  PRO PRO A . n 
A 1 74  GLY 74  74  74  GLY GLY A . n 
A 1 75  GLY 75  75  75  GLY GLY A . n 
A 1 76  ASN 76  76  76  ASN ASN A . n 
A 1 77  LEU 77  77  77  LEU LEU A . n 
A 1 78  GLY 78  78  78  GLY GLY A . n 
A 1 79  ALA 79  79  79  ALA ALA A . n 
A 1 80  GLN 80  80  80  GLN GLN A . n 
A 1 81  ASN 81  81  81  ASN ASN A . n 
A 1 82  LEU 82  82  82  LEU LEU A . n 
A 1 83  SER 83  83  83  SER SER A . n 
A 1 84  GLU 84  84  84  GLU GLU A . n 
A 1 85  SER 85  85  85  SER SER A . n 
A 1 86  ALA 86  86  86  ALA ALA A . n 
A 1 87  ALA 87  87  87  ALA ALA A . n 
A 1 88  VAL 88  88  88  VAL VAL A . n 
A 1 89  LYS 89  89  89  LYS LYS A . n 
A 1 90  GLU 90  90  90  GLU GLU A . n 
A 1 91  ILE 91  91  91  ILE ILE A . n 
A 1 92  LEU 92  92  92  LEU LEU A . n 
A 1 93  LYS 93  93  93  LYS LYS A . n 
A 1 94  GLU 94  94  94  GLU GLU A . n 
A 1 95  GLN 95  95  95  GLN GLN A . n 
A 1 96  GLU 96  96  96  GLU GLU A . n 
A 1 97  ASN 97  97  97  ASN ASN A . n 
A 1 98  ARG 98  98  98  ARG ARG A . n 
A 1 99  LYS 99  99  99  LYS LYS A . n 
A 1 100 GLY 100 100 100 GLY GLY A . n 
A 1 101 LEU 101 101 101 LEU LEU A . n 
A 1 102 ILE 102 102 102 ILE ILE A . n 
A 1 103 ALA 103 103 103 ALA ALA A . n 
A 1 104 ALA 104 104 104 ALA ALA A . n 
A 1 105 ILE 105 105 105 ILE ILE A . n 
A 1 106 CYS 106 106 106 CYS CYS A . n 
A 1 107 ALA 107 107 107 ALA ALA A . n 
A 1 108 GLY 108 108 108 GLY GLY A . n 
A 1 109 PRO 109 109 109 PRO PRO A . n 
A 1 110 THR 110 110 110 THR THR A . n 
A 1 111 ALA 111 111 111 ALA ALA A . n 
A 1 112 LEU 112 112 112 LEU LEU A . n 
A 1 113 LEU 113 113 113 LEU LEU A . n 
A 1 114 ALA 114 114 114 ALA ALA A . n 
A 1 115 HIS 115 115 115 HIS HIS A . n 
A 1 116 GLU 116 116 116 GLU GLU A . n 
A 1 117 ILE 117 117 117 ILE ILE A . n 
A 1 118 GLY 118 118 118 GLY GLY A . n 
A 1 119 PHE 119 119 119 PHE PHE A . n 
A 1 120 GLY 120 120 120 GLY GLY A . n 
A 1 121 SER 121 121 121 SER SER A . n 
A 1 122 LYS 122 122 122 LYS LYS A . n 
A 1 123 VAL 123 123 123 VAL VAL A . n 
A 1 124 THR 124 124 124 THR THR A . n 
A 1 125 THR 125 125 125 THR THR A . n 
A 1 126 HIS 126 126 126 HIS HIS A . n 
A 1 127 PRO 127 127 127 PRO PRO A . n 
A 1 128 LEU 128 128 128 LEU LEU A . n 
A 1 129 ALA 129 129 129 ALA ALA A . n 
A 1 130 LYS 130 130 130 LYS LYS A . n 
A 1 131 ASP 131 131 131 ASP ASP A . n 
A 1 132 LYS 132 132 132 LYS LYS A . n 
A 1 133 MET 133 133 133 MET MET A . n 
A 1 134 MET 134 134 134 MET MET A . n 
A 1 135 ASN 135 135 135 ASN ASN A . n 
A 1 136 GLY 136 136 136 GLY GLY A . n 
A 1 137 GLY 137 137 137 GLY GLY A . n 
A 1 138 HIS 138 138 138 HIS HIS A . n 
A 1 139 TYR 139 139 139 TYR TYR A . n 
A 1 140 THR 140 140 140 THR THR A . n 
A 1 141 TYR 141 141 141 TYR TYR A . n 
A 1 142 SER 142 142 142 SER SER A . n 
A 1 143 GLU 143 143 143 GLU GLU A . n 
A 1 144 ASN 144 144 144 ASN ASN A . n 
A 1 145 ARG 145 145 145 ARG ARG A . n 
A 1 146 VAL 146 146 146 VAL VAL A . n 
A 1 147 GLU 147 147 147 GLU GLU A . n 
A 1 148 LYS 148 148 148 LYS LYS A . n 
A 1 149 ASP 149 149 149 ASP ASP A . n 
A 1 150 GLY 150 150 150 GLY GLY A . n 
A 1 151 LEU 151 151 151 LEU LEU A . n 
A 1 152 ILE 152 152 152 ILE ILE A . n 
A 1 153 LEU 153 153 153 LEU LEU A . n 
A 1 154 THR 154 154 154 THR THR A . n 
A 1 155 SER 155 155 155 SER SER A . n 
A 1 156 ARG 156 156 156 ARG ARG A . n 
A 1 157 GLY 157 157 157 GLY GLY A . n 
A 1 158 PRO 158 158 158 PRO PRO A . n 
A 1 159 GLY 159 159 159 GLY GLY A . n 
A 1 160 THR 160 160 160 THR THR A . n 
A 1 161 SER 161 161 161 SER SER A . n 
A 1 162 PHE 162 162 162 PHE PHE A . n 
A 1 163 GLU 163 163 163 GLU GLU A . n 
A 1 164 PHE 164 164 164 PHE PHE A . n 
A 1 165 ALA 165 165 165 ALA ALA A . n 
A 1 166 LEU 166 166 166 LEU LEU A . n 
A 1 167 ALA 167 167 167 ALA ALA A . n 
A 1 168 ILE 168 168 168 ILE ILE A . n 
A 1 169 VAL 169 169 169 VAL VAL A . n 
A 1 170 GLU 170 170 170 GLU GLU A . n 
A 1 171 ALA 171 171 171 ALA ALA A . n 
A 1 172 LEU 172 172 172 LEU LEU A . n 
A 1 173 ASN 173 173 173 ASN ASN A . n 
A 1 174 GLY 174 174 174 GLY GLY A . n 
A 1 175 LYS 175 175 175 LYS LYS A . n 
A 1 176 GLU 176 176 176 GLU GLU A . n 
A 1 177 VAL 177 177 177 VAL VAL A . n 
A 1 178 ALA 178 178 178 ALA ALA A . n 
A 1 179 ALA 179 179 179 ALA ALA A . n 
A 1 180 GLN 180 180 180 GLN GLN A . n 
A 1 181 VAL 181 181 181 VAL VAL A . n 
A 1 182 LYS 182 182 182 LYS LYS A . n 
A 1 183 ALA 183 183 183 ALA ALA A . n 
A 1 184 PRO 184 184 184 PRO PRO A . n 
A 1 185 LEU 185 185 185 LEU LEU A . n 
A 1 186 VAL 186 186 186 VAL VAL A . n 
A 1 187 LEU 187 187 187 LEU LEU A . n 
A 1 188 LYS 188 188 188 LYS LYS A . n 
A 1 189 ASP 189 189 ?   ?   ?   A . n 
A 1 190 LEU 190 190 ?   ?   ?   A . n 
A 1 191 GLU 191 191 ?   ?   ?   A . n 
A 1 192 HIS 192 192 ?   ?   ?   A . n 
A 1 193 HIS 193 193 ?   ?   ?   A . n 
A 1 194 HIS 194 194 ?   ?   ?   A . n 
A 1 195 HIS 195 195 ?   ?   ?   A . n 
A 1 196 HIS 196 196 ?   ?   ?   A . n 
A 1 197 HIS 197 197 ?   ?   ?   A . n 
# 
loop_
_pdbx_nonpoly_scheme.asym_id 
_pdbx_nonpoly_scheme.entity_id 
_pdbx_nonpoly_scheme.mon_id 
_pdbx_nonpoly_scheme.ndb_seq_num 
_pdbx_nonpoly_scheme.pdb_seq_num 
_pdbx_nonpoly_scheme.auth_seq_num 
_pdbx_nonpoly_scheme.pdb_mon_id 
_pdbx_nonpoly_scheme.auth_mon_id 
_pdbx_nonpoly_scheme.pdb_strand_id 
_pdbx_nonpoly_scheme.pdb_ins_code 
B 2 HOH 1   198 1   HOH HOH A . 
B 2 HOH 2   199 2   HOH HOH A . 
B 2 HOH 3   200 3   HOH HOH A . 
B 2 HOH 4   201 4   HOH HOH A . 
B 2 HOH 5   202 5   HOH HOH A . 
B 2 HOH 6   203 6   HOH HOH A . 
B 2 HOH 7   204 7   HOH HOH A . 
B 2 HOH 8   205 8   HOH HOH A . 
B 2 HOH 9   206 9   HOH HOH A . 
B 2 HOH 10  207 10  HOH HOH A . 
B 2 HOH 11  208 11  HOH HOH A . 
B 2 HOH 12  209 12  HOH HOH A . 
B 2 HOH 13  210 13  HOH HOH A . 
B 2 HOH 14  211 14  HOH HOH A . 
B 2 HOH 15  212 15  HOH HOH A . 
B 2 HOH 16  213 16  HOH HOH A . 
B 2 HOH 17  214 17  HOH HOH A . 
B 2 HOH 18  215 18  HOH HOH A . 
B 2 HOH 19  216 19  HOH HOH A . 
B 2 HOH 20  217 20  HOH HOH A . 
B 2 HOH 21  218 21  HOH HOH A . 
B 2 HOH 22  219 22  HOH HOH A . 
B 2 HOH 23  220 23  HOH HOH A . 
B 2 HOH 24  221 24  HOH HOH A . 
B 2 HOH 25  222 25  HOH HOH A . 
B 2 HOH 26  223 26  HOH HOH A . 
B 2 HOH 27  224 27  HOH HOH A . 
B 2 HOH 28  225 28  HOH HOH A . 
B 2 HOH 29  226 29  HOH HOH A . 
B 2 HOH 30  227 30  HOH HOH A . 
B 2 HOH 31  228 31  HOH HOH A . 
B 2 HOH 32  229 32  HOH HOH A . 
B 2 HOH 33  230 33  HOH HOH A . 
B 2 HOH 34  231 34  HOH HOH A . 
B 2 HOH 35  232 35  HOH HOH A . 
B 2 HOH 36  233 36  HOH HOH A . 
B 2 HOH 37  234 37  HOH HOH A . 
B 2 HOH 38  235 38  HOH HOH A . 
B 2 HOH 39  236 39  HOH HOH A . 
B 2 HOH 40  237 40  HOH HOH A . 
B 2 HOH 41  238 41  HOH HOH A . 
B 2 HOH 42  239 42  HOH HOH A . 
B 2 HOH 43  240 43  HOH HOH A . 
B 2 HOH 44  241 44  HOH HOH A . 
B 2 HOH 45  242 45  HOH HOH A . 
B 2 HOH 46  243 46  HOH HOH A . 
B 2 HOH 47  244 47  HOH HOH A . 
B 2 HOH 48  245 48  HOH HOH A . 
B 2 HOH 49  246 49  HOH HOH A . 
B 2 HOH 50  247 50  HOH HOH A . 
B 2 HOH 51  248 51  HOH HOH A . 
B 2 HOH 52  249 52  HOH HOH A . 
B 2 HOH 53  250 53  HOH HOH A . 
B 2 HOH 54  251 54  HOH HOH A . 
B 2 HOH 55  252 55  HOH HOH A . 
B 2 HOH 56  253 56  HOH HOH A . 
B 2 HOH 57  254 57  HOH HOH A . 
B 2 HOH 58  255 58  HOH HOH A . 
B 2 HOH 59  256 59  HOH HOH A . 
B 2 HOH 60  257 60  HOH HOH A . 
B 2 HOH 61  258 61  HOH HOH A . 
B 2 HOH 62  259 62  HOH HOH A . 
B 2 HOH 63  260 63  HOH HOH A . 
B 2 HOH 64  261 64  HOH HOH A . 
B 2 HOH 65  262 65  HOH HOH A . 
B 2 HOH 66  263 66  HOH HOH A . 
B 2 HOH 67  264 67  HOH HOH A . 
B 2 HOH 68  265 68  HOH HOH A . 
B 2 HOH 69  266 69  HOH HOH A . 
B 2 HOH 70  267 70  HOH HOH A . 
B 2 HOH 71  268 71  HOH HOH A . 
B 2 HOH 72  269 72  HOH HOH A . 
B 2 HOH 73  270 73  HOH HOH A . 
B 2 HOH 74  271 74  HOH HOH A . 
B 2 HOH 75  272 75  HOH HOH A . 
B 2 HOH 76  273 76  HOH HOH A . 
B 2 HOH 77  274 77  HOH HOH A . 
B 2 HOH 78  275 78  HOH HOH A . 
B 2 HOH 79  276 79  HOH HOH A . 
B 2 HOH 80  277 80  HOH HOH A . 
B 2 HOH 81  278 81  HOH HOH A . 
B 2 HOH 82  279 82  HOH HOH A . 
B 2 HOH 83  280 83  HOH HOH A . 
B 2 HOH 84  281 84  HOH HOH A . 
B 2 HOH 85  282 85  HOH HOH A . 
B 2 HOH 86  283 86  HOH HOH A . 
B 2 HOH 87  284 87  HOH HOH A . 
B 2 HOH 88  285 88  HOH HOH A . 
B 2 HOH 89  286 89  HOH HOH A . 
B 2 HOH 90  287 90  HOH HOH A . 
B 2 HOH 91  288 91  HOH HOH A . 
B 2 HOH 92  289 92  HOH HOH A . 
B 2 HOH 93  290 93  HOH HOH A . 
B 2 HOH 94  291 94  HOH HOH A . 
B 2 HOH 95  292 95  HOH HOH A . 
B 2 HOH 96  293 96  HOH HOH A . 
B 2 HOH 97  294 97  HOH HOH A . 
B 2 HOH 98  295 98  HOH HOH A . 
B 2 HOH 99  296 99  HOH HOH A . 
B 2 HOH 100 297 100 HOH HOH A . 
B 2 HOH 101 298 101 HOH HOH A . 
B 2 HOH 102 299 102 HOH HOH A . 
B 2 HOH 103 300 103 HOH HOH A . 
B 2 HOH 104 301 104 HOH HOH A . 
B 2 HOH 105 302 105 HOH HOH A . 
B 2 HOH 106 303 106 HOH HOH A . 
B 2 HOH 107 304 107 HOH HOH A . 
B 2 HOH 108 305 108 HOH HOH A . 
B 2 HOH 109 306 109 HOH HOH A . 
B 2 HOH 110 307 110 HOH HOH A . 
B 2 HOH 111 308 111 HOH HOH A . 
B 2 HOH 112 309 112 HOH HOH A . 
B 2 HOH 113 310 113 HOH HOH A . 
B 2 HOH 114 311 114 HOH HOH A . 
B 2 HOH 115 312 115 HOH HOH A . 
B 2 HOH 116 313 116 HOH HOH A . 
B 2 HOH 117 314 117 HOH HOH A . 
B 2 HOH 118 315 118 HOH HOH A . 
B 2 HOH 119 316 119 HOH HOH A . 
B 2 HOH 120 317 120 HOH HOH A . 
B 2 HOH 121 318 121 HOH HOH A . 
B 2 HOH 122 319 122 HOH HOH A . 
B 2 HOH 123 320 123 HOH HOH A . 
B 2 HOH 124 321 124 HOH HOH A . 
B 2 HOH 125 322 125 HOH HOH A . 
B 2 HOH 126 323 126 HOH HOH A . 
B 2 HOH 127 324 127 HOH HOH A . 
B 2 HOH 128 325 128 HOH HOH A . 
B 2 HOH 129 326 129 HOH HOH A . 
B 2 HOH 130 327 130 HOH HOH A . 
B 2 HOH 131 328 131 HOH HOH A . 
B 2 HOH 132 329 132 HOH HOH A . 
B 2 HOH 133 330 133 HOH HOH A . 
B 2 HOH 134 331 134 HOH HOH A . 
B 2 HOH 135 332 135 HOH HOH A . 
B 2 HOH 136 333 136 HOH HOH A . 
B 2 HOH 137 334 137 HOH HOH A . 
B 2 HOH 138 335 138 HOH HOH A . 
B 2 HOH 139 336 139 HOH HOH A . 
B 2 HOH 140 337 140 HOH HOH A . 
B 2 HOH 141 338 141 HOH HOH A . 
B 2 HOH 142 339 142 HOH HOH A . 
B 2 HOH 143 340 143 HOH HOH A . 
B 2 HOH 144 341 144 HOH HOH A . 
B 2 HOH 145 342 145 HOH HOH A . 
B 2 HOH 146 343 146 HOH HOH A . 
B 2 HOH 147 344 147 HOH HOH A . 
B 2 HOH 148 345 148 HOH HOH A . 
B 2 HOH 149 346 149 HOH HOH A . 
B 2 HOH 150 347 150 HOH HOH A . 
B 2 HOH 151 348 151 HOH HOH A . 
B 2 HOH 152 349 152 HOH HOH A . 
B 2 HOH 153 350 154 HOH HOH A . 
B 2 HOH 154 351 155 HOH HOH A . 
B 2 HOH 155 352 156 HOH HOH A . 
B 2 HOH 156 353 157 HOH HOH A . 
B 2 HOH 157 354 158 HOH HOH A . 
B 2 HOH 158 355 159 HOH HOH A . 
B 2 HOH 159 356 160 HOH HOH A . 
B 2 HOH 160 357 161 HOH HOH A . 
B 2 HOH 161 358 162 HOH HOH A . 
B 2 HOH 162 359 163 HOH HOH A . 
B 2 HOH 163 360 164 HOH HOH A . 
B 2 HOH 164 361 165 HOH HOH A . 
B 2 HOH 165 362 166 HOH HOH A . 
B 2 HOH 166 363 167 HOH HOH A . 
B 2 HOH 167 364 168 HOH HOH A . 
B 2 HOH 168 365 169 HOH HOH A . 
B 2 HOH 169 366 170 HOH HOH A . 
B 2 HOH 170 367 171 HOH HOH A . 
B 2 HOH 171 368 172 HOH HOH A . 
B 2 HOH 172 369 173 HOH HOH A . 
B 2 HOH 173 370 174 HOH HOH A . 
B 2 HOH 174 371 175 HOH HOH A . 
B 2 HOH 175 372 177 HOH HOH A . 
B 2 HOH 176 373 178 HOH HOH A . 
B 2 HOH 177 374 179 HOH HOH A . 
B 2 HOH 178 375 180 HOH HOH A . 
B 2 HOH 179 376 181 HOH HOH A . 
B 2 HOH 180 377 182 HOH HOH A . 
B 2 HOH 181 378 183 HOH HOH A . 
B 2 HOH 182 379 184 HOH HOH A . 
B 2 HOH 183 380 185 HOH HOH A . 
B 2 HOH 184 381 186 HOH HOH A . 
B 2 HOH 185 382 187 HOH HOH A . 
B 2 HOH 186 383 188 HOH HOH A . 
B 2 HOH 187 384 189 HOH HOH A . 
B 2 HOH 188 385 190 HOH HOH A . 
B 2 HOH 189 386 191 HOH HOH A . 
B 2 HOH 190 387 192 HOH HOH A . 
B 2 HOH 191 388 193 HOH HOH A . 
B 2 HOH 192 389 194 HOH HOH A . 
B 2 HOH 193 390 195 HOH HOH A . 
# 
_pdbx_struct_assembly.id                   1 
_pdbx_struct_assembly.details              author_and_software_defined_assembly 
_pdbx_struct_assembly.method_details       PISA 
_pdbx_struct_assembly.oligomeric_details   dimeric 
_pdbx_struct_assembly.oligomeric_count     2 
# 
_pdbx_struct_assembly_gen.assembly_id       1 
_pdbx_struct_assembly_gen.oper_expression   1,2 
_pdbx_struct_assembly_gen.asym_id_list      A,B 
# 
loop_
_pdbx_struct_assembly_prop.biol_id 
_pdbx_struct_assembly_prop.type 
_pdbx_struct_assembly_prop.value 
_pdbx_struct_assembly_prop.details 
1 'ABSA (A^2)' 2870  ? 
1 MORE         -19.6 ? 
1 'SSA (A^2)'  14430 ? 
# 
loop_
_pdbx_struct_oper_list.id 
_pdbx_struct_oper_list.type 
_pdbx_struct_oper_list.name 
_pdbx_struct_oper_list.symmetry_operation 
_pdbx_struct_oper_list.matrix[1][1] 
_pdbx_struct_oper_list.matrix[1][2] 
_pdbx_struct_oper_list.matrix[1][3] 
_pdbx_struct_oper_list.vector[1] 
_pdbx_struct_oper_list.matrix[2][1] 
_pdbx_struct_oper_list.matrix[2][2] 
_pdbx_struct_oper_list.matrix[2][3] 
_pdbx_struct_oper_list.vector[2] 
_pdbx_struct_oper_list.matrix[3][1] 
_pdbx_struct_oper_list.matrix[3][2] 
_pdbx_struct_oper_list.matrix[3][3] 
_pdbx_struct_oper_list.vector[3] 
1 'identity operation'         1_555 x,y,z          1.0000000000 0.0000000000  0.0000000000  0.0000000000  0.0000000000  1.0000000000  0.0000000000 0.0000000000   0.0000000000  0.0000000000 1.0000000000  0.0000000000 
2 'crystal symmetry operation' 6_555 -x,-x+y,-z+1/3 0.0455554531 -0.3467708223 -0.9368429418 -3.8745585333 -0.3467708223 -0.8849893587 0.3107150332 -26.8678377511 -0.9368429418 0.3107150332 -0.1605660944 5.6209169688 
# 
loop_
_pdbx_audit_revision_history.ordinal 
_pdbx_audit_revision_history.data_content_type 
_pdbx_audit_revision_history.major_revision 
_pdbx_audit_revision_history.minor_revision 
_pdbx_audit_revision_history.revision_date 
1 'Structure model' 1 0 2008-07-01 
2 'Structure model' 1 1 2011-07-13 
3 'Structure model' 1 2 2021-10-20 
4 'Structure model' 1 3 2023-08-30 
# 
_pdbx_audit_revision_details.ordinal             1 
_pdbx_audit_revision_details.revision_ordinal    1 
_pdbx_audit_revision_details.data_content_type   'Structure model' 
_pdbx_audit_revision_details.provider            repository 
_pdbx_audit_revision_details.type                'Initial release' 
_pdbx_audit_revision_details.description         ? 
_pdbx_audit_revision_details.details             ? 
# 
loop_
_pdbx_audit_revision_group.ordinal 
_pdbx_audit_revision_group.revision_ordinal 
_pdbx_audit_revision_group.data_content_type 
_pdbx_audit_revision_group.group 
1 2 'Structure model' 'Version format compliance' 
2 3 'Structure model' 'Database references'       
3 4 'Structure model' 'Data collection'           
4 4 'Structure model' 'Refinement description'    
# 
loop_
_pdbx_audit_revision_category.ordinal 
_pdbx_audit_revision_category.revision_ordinal 
_pdbx_audit_revision_category.data_content_type 
_pdbx_audit_revision_category.category 
1 3 'Structure model' database_2                    
2 3 'Structure model' struct_ref_seq_dif            
3 4 'Structure model' chem_comp_atom                
4 4 'Structure model' chem_comp_bond                
5 4 'Structure model' pdbx_initial_refinement_model 
# 
loop_
_pdbx_audit_revision_item.ordinal 
_pdbx_audit_revision_item.revision_ordinal 
_pdbx_audit_revision_item.data_content_type 
_pdbx_audit_revision_item.item 
1 3 'Structure model' '_database_2.pdbx_DOI'                
2 3 'Structure model' '_database_2.pdbx_database_accession' 
3 3 'Structure model' '_struct_ref_seq_dif.details'         
# 
loop_
_software.name 
_software.classification 
_software.version 
_software.citation_id 
_software.pdbx_ordinal 
REFMAC   refinement        5.2.0019 ? 1 
ADSC     'data collection' Quantum  ? 2 
HKL-2000 'data reduction'  .        ? 3 
HKL-2000 'data scaling'    .        ? 4 
PHASER   phasing           .        ? 5 
# 
loop_
_pdbx_validate_close_contact.id 
_pdbx_validate_close_contact.PDB_model_num 
_pdbx_validate_close_contact.auth_atom_id_1 
_pdbx_validate_close_contact.auth_asym_id_1 
_pdbx_validate_close_contact.auth_comp_id_1 
_pdbx_validate_close_contact.auth_seq_id_1 
_pdbx_validate_close_contact.PDB_ins_code_1 
_pdbx_validate_close_contact.label_alt_id_1 
_pdbx_validate_close_contact.auth_atom_id_2 
_pdbx_validate_close_contact.auth_asym_id_2 
_pdbx_validate_close_contact.auth_comp_id_2 
_pdbx_validate_close_contact.auth_seq_id_2 
_pdbx_validate_close_contact.PDB_ins_code_2 
_pdbx_validate_close_contact.label_alt_id_2 
_pdbx_validate_close_contact.dist 
1 1 C   A LYS 188 ? ? O A HOH 376 ? ? 1.46 
2 1 O   A HOH 238 ? ? O A HOH 364 ? ? 1.93 
3 1 NE2 A GLN 80  ? A O A HOH 320 ? ? 1.93 
4 1 NZ  A LYS 93  ? ? O A HOH 342 ? ? 1.96 
5 1 O   A HOH 313 ? ? O A HOH 371 ? ? 1.98 
6 1 OD1 A ASN 76  ? A O A HOH 273 ? ? 2.04 
7 1 O   A HOH 334 ? ? O A HOH 382 ? ? 2.08 
8 1 O   A HOH 232 ? ? O A HOH 274 ? ? 2.09 
9 1 O   A HOH 235 ? ? O A HOH 242 ? ? 2.15 
# 
loop_
_pdbx_validate_symm_contact.id 
_pdbx_validate_symm_contact.PDB_model_num 
_pdbx_validate_symm_contact.auth_atom_id_1 
_pdbx_validate_symm_contact.auth_asym_id_1 
_pdbx_validate_symm_contact.auth_comp_id_1 
_pdbx_validate_symm_contact.auth_seq_id_1 
_pdbx_validate_symm_contact.PDB_ins_code_1 
_pdbx_validate_symm_contact.label_alt_id_1 
_pdbx_validate_symm_contact.site_symmetry_1 
_pdbx_validate_symm_contact.auth_atom_id_2 
_pdbx_validate_symm_contact.auth_asym_id_2 
_pdbx_validate_symm_contact.auth_comp_id_2 
_pdbx_validate_symm_contact.auth_seq_id_2 
_pdbx_validate_symm_contact.PDB_ins_code_2 
_pdbx_validate_symm_contact.label_alt_id_2 
_pdbx_validate_symm_contact.site_symmetry_2 
_pdbx_validate_symm_contact.dist 
1 1 O A HOH 343 ? ? 1_555 O A HOH 365 ? ? 4_455 1.90 
2 1 O A HOH 220 ? ? 1_555 O A HOH 236 ? ? 2_565 1.91 
3 1 O A HOH 282 ? ? 1_555 O A HOH 362 ? ? 6_555 1.94 
4 1 O A HOH 269 ? ? 1_555 O A HOH 365 ? ? 4_455 2.18 
# 
_pdbx_validate_torsion.id              1 
_pdbx_validate_torsion.PDB_model_num   1 
_pdbx_validate_torsion.auth_comp_id    CYS 
_pdbx_validate_torsion.auth_asym_id    A 
_pdbx_validate_torsion.auth_seq_id     106 
_pdbx_validate_torsion.PDB_ins_code    ? 
_pdbx_validate_torsion.label_alt_id    ? 
_pdbx_validate_torsion.phi             72.28 
_pdbx_validate_torsion.psi             -110.46 
# 
loop_
_pdbx_unobs_or_zero_occ_residues.id 
_pdbx_unobs_or_zero_occ_residues.PDB_model_num 
_pdbx_unobs_or_zero_occ_residues.polymer_flag 
_pdbx_unobs_or_zero_occ_residues.occupancy_flag 
_pdbx_unobs_or_zero_occ_residues.auth_asym_id 
_pdbx_unobs_or_zero_occ_residues.auth_comp_id 
_pdbx_unobs_or_zero_occ_residues.auth_seq_id 
_pdbx_unobs_or_zero_occ_residues.PDB_ins_code 
_pdbx_unobs_or_zero_occ_residues.label_asym_id 
_pdbx_unobs_or_zero_occ_residues.label_comp_id 
_pdbx_unobs_or_zero_occ_residues.label_seq_id 
1  1 Y 1 A MET 1   ? A MET 1   
2  1 Y 1 A ALA 2   ? A ALA 2   
3  1 Y 1 A ASP 189 ? A ASP 189 
4  1 Y 1 A LEU 190 ? A LEU 190 
5  1 Y 1 A GLU 191 ? A GLU 191 
6  1 Y 1 A HIS 192 ? A HIS 192 
7  1 Y 1 A HIS 193 ? A HIS 193 
8  1 Y 1 A HIS 194 ? A HIS 194 
9  1 Y 1 A HIS 195 ? A HIS 195 
10 1 Y 1 A HIS 196 ? A HIS 196 
11 1 Y 1 A HIS 197 ? A HIS 197 
# 
loop_
_chem_comp_atom.comp_id 
_chem_comp_atom.atom_id 
_chem_comp_atom.type_symbol 
_chem_comp_atom.pdbx_aromatic_flag 
_chem_comp_atom.pdbx_stereo_config 
_chem_comp_atom.pdbx_ordinal 
ALA N    N N N 1   
ALA CA   C N S 2   
ALA C    C N N 3   
ALA O    O N N 4   
ALA CB   C N N 5   
ALA OXT  O N N 6   
ALA H    H N N 7   
ALA H2   H N N 8   
ALA HA   H N N 9   
ALA HB1  H N N 10  
ALA HB2  H N N 11  
ALA HB3  H N N 12  
ALA HXT  H N N 13  
ARG N    N N N 14  
ARG CA   C N S 15  
ARG C    C N N 16  
ARG O    O N N 17  
ARG CB   C N N 18  
ARG CG   C N N 19  
ARG CD   C N N 20  
ARG NE   N N N 21  
ARG CZ   C N N 22  
ARG NH1  N N N 23  
ARG NH2  N N N 24  
ARG OXT  O N N 25  
ARG H    H N N 26  
ARG H2   H N N 27  
ARG HA   H N N 28  
ARG HB2  H N N 29  
ARG HB3  H N N 30  
ARG HG2  H N N 31  
ARG HG3  H N N 32  
ARG HD2  H N N 33  
ARG HD3  H N N 34  
ARG HE   H N N 35  
ARG HH11 H N N 36  
ARG HH12 H N N 37  
ARG HH21 H N N 38  
ARG HH22 H N N 39  
ARG HXT  H N N 40  
ASN N    N N N 41  
ASN CA   C N S 42  
ASN C    C N N 43  
ASN O    O N N 44  
ASN CB   C N N 45  
ASN CG   C N N 46  
ASN OD1  O N N 47  
ASN ND2  N N N 48  
ASN OXT  O N N 49  
ASN H    H N N 50  
ASN H2   H N N 51  
ASN HA   H N N 52  
ASN HB2  H N N 53  
ASN HB3  H N N 54  
ASN HD21 H N N 55  
ASN HD22 H N N 56  
ASN HXT  H N N 57  
ASP N    N N N 58  
ASP CA   C N S 59  
ASP C    C N N 60  
ASP O    O N N 61  
ASP CB   C N N 62  
ASP CG   C N N 63  
ASP OD1  O N N 64  
ASP OD2  O N N 65  
ASP OXT  O N N 66  
ASP H    H N N 67  
ASP H2   H N N 68  
ASP HA   H N N 69  
ASP HB2  H N N 70  
ASP HB3  H N N 71  
ASP HD2  H N N 72  
ASP HXT  H N N 73  
CYS N    N N N 74  
CYS CA   C N R 75  
CYS C    C N N 76  
CYS O    O N N 77  
CYS CB   C N N 78  
CYS SG   S N N 79  
CYS OXT  O N N 80  
CYS H    H N N 81  
CYS H2   H N N 82  
CYS HA   H N N 83  
CYS HB2  H N N 84  
CYS HB3  H N N 85  
CYS HG   H N N 86  
CYS HXT  H N N 87  
GLN N    N N N 88  
GLN CA   C N S 89  
GLN C    C N N 90  
GLN O    O N N 91  
GLN CB   C N N 92  
GLN CG   C N N 93  
GLN CD   C N N 94  
GLN OE1  O N N 95  
GLN NE2  N N N 96  
GLN OXT  O N N 97  
GLN H    H N N 98  
GLN H2   H N N 99  
GLN HA   H N N 100 
GLN HB2  H N N 101 
GLN HB3  H N N 102 
GLN HG2  H N N 103 
GLN HG3  H N N 104 
GLN HE21 H N N 105 
GLN HE22 H N N 106 
GLN HXT  H N N 107 
GLU N    N N N 108 
GLU CA   C N S 109 
GLU C    C N N 110 
GLU O    O N N 111 
GLU CB   C N N 112 
GLU CG   C N N 113 
GLU CD   C N N 114 
GLU OE1  O N N 115 
GLU OE2  O N N 116 
GLU OXT  O N N 117 
GLU H    H N N 118 
GLU H2   H N N 119 
GLU HA   H N N 120 
GLU HB2  H N N 121 
GLU HB3  H N N 122 
GLU HG2  H N N 123 
GLU HG3  H N N 124 
GLU HE2  H N N 125 
GLU HXT  H N N 126 
GLY N    N N N 127 
GLY CA   C N N 128 
GLY C    C N N 129 
GLY O    O N N 130 
GLY OXT  O N N 131 
GLY H    H N N 132 
GLY H2   H N N 133 
GLY HA2  H N N 134 
GLY HA3  H N N 135 
GLY HXT  H N N 136 
HIS N    N N N 137 
HIS CA   C N S 138 
HIS C    C N N 139 
HIS O    O N N 140 
HIS CB   C N N 141 
HIS CG   C Y N 142 
HIS ND1  N Y N 143 
HIS CD2  C Y N 144 
HIS CE1  C Y N 145 
HIS NE2  N Y N 146 
HIS OXT  O N N 147 
HIS H    H N N 148 
HIS H2   H N N 149 
HIS HA   H N N 150 
HIS HB2  H N N 151 
HIS HB3  H N N 152 
HIS HD1  H N N 153 
HIS HD2  H N N 154 
HIS HE1  H N N 155 
HIS HE2  H N N 156 
HIS HXT  H N N 157 
HOH O    O N N 158 
HOH H1   H N N 159 
HOH H2   H N N 160 
ILE N    N N N 161 
ILE CA   C N S 162 
ILE C    C N N 163 
ILE O    O N N 164 
ILE CB   C N S 165 
ILE CG1  C N N 166 
ILE CG2  C N N 167 
ILE CD1  C N N 168 
ILE OXT  O N N 169 
ILE H    H N N 170 
ILE H2   H N N 171 
ILE HA   H N N 172 
ILE HB   H N N 173 
ILE HG12 H N N 174 
ILE HG13 H N N 175 
ILE HG21 H N N 176 
ILE HG22 H N N 177 
ILE HG23 H N N 178 
ILE HD11 H N N 179 
ILE HD12 H N N 180 
ILE HD13 H N N 181 
ILE HXT  H N N 182 
LEU N    N N N 183 
LEU CA   C N S 184 
LEU C    C N N 185 
LEU O    O N N 186 
LEU CB   C N N 187 
LEU CG   C N N 188 
LEU CD1  C N N 189 
LEU CD2  C N N 190 
LEU OXT  O N N 191 
LEU H    H N N 192 
LEU H2   H N N 193 
LEU HA   H N N 194 
LEU HB2  H N N 195 
LEU HB3  H N N 196 
LEU HG   H N N 197 
LEU HD11 H N N 198 
LEU HD12 H N N 199 
LEU HD13 H N N 200 
LEU HD21 H N N 201 
LEU HD22 H N N 202 
LEU HD23 H N N 203 
LEU HXT  H N N 204 
LYS N    N N N 205 
LYS CA   C N S 206 
LYS C    C N N 207 
LYS O    O N N 208 
LYS CB   C N N 209 
LYS CG   C N N 210 
LYS CD   C N N 211 
LYS CE   C N N 212 
LYS NZ   N N N 213 
LYS OXT  O N N 214 
LYS H    H N N 215 
LYS H2   H N N 216 
LYS HA   H N N 217 
LYS HB2  H N N 218 
LYS HB3  H N N 219 
LYS HG2  H N N 220 
LYS HG3  H N N 221 
LYS HD2  H N N 222 
LYS HD3  H N N 223 
LYS HE2  H N N 224 
LYS HE3  H N N 225 
LYS HZ1  H N N 226 
LYS HZ2  H N N 227 
LYS HZ3  H N N 228 
LYS HXT  H N N 229 
MET N    N N N 230 
MET CA   C N S 231 
MET C    C N N 232 
MET O    O N N 233 
MET CB   C N N 234 
MET CG   C N N 235 
MET SD   S N N 236 
MET CE   C N N 237 
MET OXT  O N N 238 
MET H    H N N 239 
MET H2   H N N 240 
MET HA   H N N 241 
MET HB2  H N N 242 
MET HB3  H N N 243 
MET HG2  H N N 244 
MET HG3  H N N 245 
MET HE1  H N N 246 
MET HE2  H N N 247 
MET HE3  H N N 248 
MET HXT  H N N 249 
PHE N    N N N 250 
PHE CA   C N S 251 
PHE C    C N N 252 
PHE O    O N N 253 
PHE CB   C N N 254 
PHE CG   C Y N 255 
PHE CD1  C Y N 256 
PHE CD2  C Y N 257 
PHE CE1  C Y N 258 
PHE CE2  C Y N 259 
PHE CZ   C Y N 260 
PHE OXT  O N N 261 
PHE H    H N N 262 
PHE H2   H N N 263 
PHE HA   H N N 264 
PHE HB2  H N N 265 
PHE HB3  H N N 266 
PHE HD1  H N N 267 
PHE HD2  H N N 268 
PHE HE1  H N N 269 
PHE HE2  H N N 270 
PHE HZ   H N N 271 
PHE HXT  H N N 272 
PRO N    N N N 273 
PRO CA   C N S 274 
PRO C    C N N 275 
PRO O    O N N 276 
PRO CB   C N N 277 
PRO CG   C N N 278 
PRO CD   C N N 279 
PRO OXT  O N N 280 
PRO H    H N N 281 
PRO HA   H N N 282 
PRO HB2  H N N 283 
PRO HB3  H N N 284 
PRO HG2  H N N 285 
PRO HG3  H N N 286 
PRO HD2  H N N 287 
PRO HD3  H N N 288 
PRO HXT  H N N 289 
SER N    N N N 290 
SER CA   C N S 291 
SER C    C N N 292 
SER O    O N N 293 
SER CB   C N N 294 
SER OG   O N N 295 
SER OXT  O N N 296 
SER H    H N N 297 
SER H2   H N N 298 
SER HA   H N N 299 
SER HB2  H N N 300 
SER HB3  H N N 301 
SER HG   H N N 302 
SER HXT  H N N 303 
THR N    N N N 304 
THR CA   C N S 305 
THR C    C N N 306 
THR O    O N N 307 
THR CB   C N R 308 
THR OG1  O N N 309 
THR CG2  C N N 310 
THR OXT  O N N 311 
THR H    H N N 312 
THR H2   H N N 313 
THR HA   H N N 314 
THR HB   H N N 315 
THR HG1  H N N 316 
THR HG21 H N N 317 
THR HG22 H N N 318 
THR HG23 H N N 319 
THR HXT  H N N 320 
TYR N    N N N 321 
TYR CA   C N S 322 
TYR C    C N N 323 
TYR O    O N N 324 
TYR CB   C N N 325 
TYR CG   C Y N 326 
TYR CD1  C Y N 327 
TYR CD2  C Y N 328 
TYR CE1  C Y N 329 
TYR CE2  C Y N 330 
TYR CZ   C Y N 331 
TYR OH   O N N 332 
TYR OXT  O N N 333 
TYR H    H N N 334 
TYR H2   H N N 335 
TYR HA   H N N 336 
TYR HB2  H N N 337 
TYR HB3  H N N 338 
TYR HD1  H N N 339 
TYR HD2  H N N 340 
TYR HE1  H N N 341 
TYR HE2  H N N 342 
TYR HH   H N N 343 
TYR HXT  H N N 344 
VAL N    N N N 345 
VAL CA   C N S 346 
VAL C    C N N 347 
VAL O    O N N 348 
VAL CB   C N N 349 
VAL CG1  C N N 350 
VAL CG2  C N N 351 
VAL OXT  O N N 352 
VAL H    H N N 353 
VAL H2   H N N 354 
VAL HA   H N N 355 
VAL HB   H N N 356 
VAL HG11 H N N 357 
VAL HG12 H N N 358 
VAL HG13 H N N 359 
VAL HG21 H N N 360 
VAL HG22 H N N 361 
VAL HG23 H N N 362 
VAL HXT  H N N 363 
# 
loop_
_chem_comp_bond.comp_id 
_chem_comp_bond.atom_id_1 
_chem_comp_bond.atom_id_2 
_chem_comp_bond.value_order 
_chem_comp_bond.pdbx_aromatic_flag 
_chem_comp_bond.pdbx_stereo_config 
_chem_comp_bond.pdbx_ordinal 
ALA N   CA   sing N N 1   
ALA N   H    sing N N 2   
ALA N   H2   sing N N 3   
ALA CA  C    sing N N 4   
ALA CA  CB   sing N N 5   
ALA CA  HA   sing N N 6   
ALA C   O    doub N N 7   
ALA C   OXT  sing N N 8   
ALA CB  HB1  sing N N 9   
ALA CB  HB2  sing N N 10  
ALA CB  HB3  sing N N 11  
ALA OXT HXT  sing N N 12  
ARG N   CA   sing N N 13  
ARG N   H    sing N N 14  
ARG N   H2   sing N N 15  
ARG CA  C    sing N N 16  
ARG CA  CB   sing N N 17  
ARG CA  HA   sing N N 18  
ARG C   O    doub N N 19  
ARG C   OXT  sing N N 20  
ARG CB  CG   sing N N 21  
ARG CB  HB2  sing N N 22  
ARG CB  HB3  sing N N 23  
ARG CG  CD   sing N N 24  
ARG CG  HG2  sing N N 25  
ARG CG  HG3  sing N N 26  
ARG CD  NE   sing N N 27  
ARG CD  HD2  sing N N 28  
ARG CD  HD3  sing N N 29  
ARG NE  CZ   sing N N 30  
ARG NE  HE   sing N N 31  
ARG CZ  NH1  sing N N 32  
ARG CZ  NH2  doub N N 33  
ARG NH1 HH11 sing N N 34  
ARG NH1 HH12 sing N N 35  
ARG NH2 HH21 sing N N 36  
ARG NH2 HH22 sing N N 37  
ARG OXT HXT  sing N N 38  
ASN N   CA   sing N N 39  
ASN N   H    sing N N 40  
ASN N   H2   sing N N 41  
ASN CA  C    sing N N 42  
ASN CA  CB   sing N N 43  
ASN CA  HA   sing N N 44  
ASN C   O    doub N N 45  
ASN C   OXT  sing N N 46  
ASN CB  CG   sing N N 47  
ASN CB  HB2  sing N N 48  
ASN CB  HB3  sing N N 49  
ASN CG  OD1  doub N N 50  
ASN CG  ND2  sing N N 51  
ASN ND2 HD21 sing N N 52  
ASN ND2 HD22 sing N N 53  
ASN OXT HXT  sing N N 54  
ASP N   CA   sing N N 55  
ASP N   H    sing N N 56  
ASP N   H2   sing N N 57  
ASP CA  C    sing N N 58  
ASP CA  CB   sing N N 59  
ASP CA  HA   sing N N 60  
ASP C   O    doub N N 61  
ASP C   OXT  sing N N 62  
ASP CB  CG   sing N N 63  
ASP CB  HB2  sing N N 64  
ASP CB  HB3  sing N N 65  
ASP CG  OD1  doub N N 66  
ASP CG  OD2  sing N N 67  
ASP OD2 HD2  sing N N 68  
ASP OXT HXT  sing N N 69  
CYS N   CA   sing N N 70  
CYS N   H    sing N N 71  
CYS N   H2   sing N N 72  
CYS CA  C    sing N N 73  
CYS CA  CB   sing N N 74  
CYS CA  HA   sing N N 75  
CYS C   O    doub N N 76  
CYS C   OXT  sing N N 77  
CYS CB  SG   sing N N 78  
CYS CB  HB2  sing N N 79  
CYS CB  HB3  sing N N 80  
CYS SG  HG   sing N N 81  
CYS OXT HXT  sing N N 82  
GLN N   CA   sing N N 83  
GLN N   H    sing N N 84  
GLN N   H2   sing N N 85  
GLN CA  C    sing N N 86  
GLN CA  CB   sing N N 87  
GLN CA  HA   sing N N 88  
GLN C   O    doub N N 89  
GLN C   OXT  sing N N 90  
GLN CB  CG   sing N N 91  
GLN CB  HB2  sing N N 92  
GLN CB  HB3  sing N N 93  
GLN CG  CD   sing N N 94  
GLN CG  HG2  sing N N 95  
GLN CG  HG3  sing N N 96  
GLN CD  OE1  doub N N 97  
GLN CD  NE2  sing N N 98  
GLN NE2 HE21 sing N N 99  
GLN NE2 HE22 sing N N 100 
GLN OXT HXT  sing N N 101 
GLU N   CA   sing N N 102 
GLU N   H    sing N N 103 
GLU N   H2   sing N N 104 
GLU CA  C    sing N N 105 
GLU CA  CB   sing N N 106 
GLU CA  HA   sing N N 107 
GLU C   O    doub N N 108 
GLU C   OXT  sing N N 109 
GLU CB  CG   sing N N 110 
GLU CB  HB2  sing N N 111 
GLU CB  HB3  sing N N 112 
GLU CG  CD   sing N N 113 
GLU CG  HG2  sing N N 114 
GLU CG  HG3  sing N N 115 
GLU CD  OE1  doub N N 116 
GLU CD  OE2  sing N N 117 
GLU OE2 HE2  sing N N 118 
GLU OXT HXT  sing N N 119 
GLY N   CA   sing N N 120 
GLY N   H    sing N N 121 
GLY N   H2   sing N N 122 
GLY CA  C    sing N N 123 
GLY CA  HA2  sing N N 124 
GLY CA  HA3  sing N N 125 
GLY C   O    doub N N 126 
GLY C   OXT  sing N N 127 
GLY OXT HXT  sing N N 128 
HIS N   CA   sing N N 129 
HIS N   H    sing N N 130 
HIS N   H2   sing N N 131 
HIS CA  C    sing N N 132 
HIS CA  CB   sing N N 133 
HIS CA  HA   sing N N 134 
HIS C   O    doub N N 135 
HIS C   OXT  sing N N 136 
HIS CB  CG   sing N N 137 
HIS CB  HB2  sing N N 138 
HIS CB  HB3  sing N N 139 
HIS CG  ND1  sing Y N 140 
HIS CG  CD2  doub Y N 141 
HIS ND1 CE1  doub Y N 142 
HIS ND1 HD1  sing N N 143 
HIS CD2 NE2  sing Y N 144 
HIS CD2 HD2  sing N N 145 
HIS CE1 NE2  sing Y N 146 
HIS CE1 HE1  sing N N 147 
HIS NE2 HE2  sing N N 148 
HIS OXT HXT  sing N N 149 
HOH O   H1   sing N N 150 
HOH O   H2   sing N N 151 
ILE N   CA   sing N N 152 
ILE N   H    sing N N 153 
ILE N   H2   sing N N 154 
ILE CA  C    sing N N 155 
ILE CA  CB   sing N N 156 
ILE CA  HA   sing N N 157 
ILE C   O    doub N N 158 
ILE C   OXT  sing N N 159 
ILE CB  CG1  sing N N 160 
ILE CB  CG2  sing N N 161 
ILE CB  HB   sing N N 162 
ILE CG1 CD1  sing N N 163 
ILE CG1 HG12 sing N N 164 
ILE CG1 HG13 sing N N 165 
ILE CG2 HG21 sing N N 166 
ILE CG2 HG22 sing N N 167 
ILE CG2 HG23 sing N N 168 
ILE CD1 HD11 sing N N 169 
ILE CD1 HD12 sing N N 170 
ILE CD1 HD13 sing N N 171 
ILE OXT HXT  sing N N 172 
LEU N   CA   sing N N 173 
LEU N   H    sing N N 174 
LEU N   H2   sing N N 175 
LEU CA  C    sing N N 176 
LEU CA  CB   sing N N 177 
LEU CA  HA   sing N N 178 
LEU C   O    doub N N 179 
LEU C   OXT  sing N N 180 
LEU CB  CG   sing N N 181 
LEU CB  HB2  sing N N 182 
LEU CB  HB3  sing N N 183 
LEU CG  CD1  sing N N 184 
LEU CG  CD2  sing N N 185 
LEU CG  HG   sing N N 186 
LEU CD1 HD11 sing N N 187 
LEU CD1 HD12 sing N N 188 
LEU CD1 HD13 sing N N 189 
LEU CD2 HD21 sing N N 190 
LEU CD2 HD22 sing N N 191 
LEU CD2 HD23 sing N N 192 
LEU OXT HXT  sing N N 193 
LYS N   CA   sing N N 194 
LYS N   H    sing N N 195 
LYS N   H2   sing N N 196 
LYS CA  C    sing N N 197 
LYS CA  CB   sing N N 198 
LYS CA  HA   sing N N 199 
LYS C   O    doub N N 200 
LYS C   OXT  sing N N 201 
LYS CB  CG   sing N N 202 
LYS CB  HB2  sing N N 203 
LYS CB  HB3  sing N N 204 
LYS CG  CD   sing N N 205 
LYS CG  HG2  sing N N 206 
LYS CG  HG3  sing N N 207 
LYS CD  CE   sing N N 208 
LYS CD  HD2  sing N N 209 
LYS CD  HD3  sing N N 210 
LYS CE  NZ   sing N N 211 
LYS CE  HE2  sing N N 212 
LYS CE  HE3  sing N N 213 
LYS NZ  HZ1  sing N N 214 
LYS NZ  HZ2  sing N N 215 
LYS NZ  HZ3  sing N N 216 
LYS OXT HXT  sing N N 217 
MET N   CA   sing N N 218 
MET N   H    sing N N 219 
MET N   H2   sing N N 220 
MET CA  C    sing N N 221 
MET CA  CB   sing N N 222 
MET CA  HA   sing N N 223 
MET C   O    doub N N 224 
MET C   OXT  sing N N 225 
MET CB  CG   sing N N 226 
MET CB  HB2  sing N N 227 
MET CB  HB3  sing N N 228 
MET CG  SD   sing N N 229 
MET CG  HG2  sing N N 230 
MET CG  HG3  sing N N 231 
MET SD  CE   sing N N 232 
MET CE  HE1  sing N N 233 
MET CE  HE2  sing N N 234 
MET CE  HE3  sing N N 235 
MET OXT HXT  sing N N 236 
PHE N   CA   sing N N 237 
PHE N   H    sing N N 238 
PHE N   H2   sing N N 239 
PHE CA  C    sing N N 240 
PHE CA  CB   sing N N 241 
PHE CA  HA   sing N N 242 
PHE C   O    doub N N 243 
PHE C   OXT  sing N N 244 
PHE CB  CG   sing N N 245 
PHE CB  HB2  sing N N 246 
PHE CB  HB3  sing N N 247 
PHE CG  CD1  doub Y N 248 
PHE CG  CD2  sing Y N 249 
PHE CD1 CE1  sing Y N 250 
PHE CD1 HD1  sing N N 251 
PHE CD2 CE2  doub Y N 252 
PHE CD2 HD2  sing N N 253 
PHE CE1 CZ   doub Y N 254 
PHE CE1 HE1  sing N N 255 
PHE CE2 CZ   sing Y N 256 
PHE CE2 HE2  sing N N 257 
PHE CZ  HZ   sing N N 258 
PHE OXT HXT  sing N N 259 
PRO N   CA   sing N N 260 
PRO N   CD   sing N N 261 
PRO N   H    sing N N 262 
PRO CA  C    sing N N 263 
PRO CA  CB   sing N N 264 
PRO CA  HA   sing N N 265 
PRO C   O    doub N N 266 
PRO C   OXT  sing N N 267 
PRO CB  CG   sing N N 268 
PRO CB  HB2  sing N N 269 
PRO CB  HB3  sing N N 270 
PRO CG  CD   sing N N 271 
PRO CG  HG2  sing N N 272 
PRO CG  HG3  sing N N 273 
PRO CD  HD2  sing N N 274 
PRO CD  HD3  sing N N 275 
PRO OXT HXT  sing N N 276 
SER N   CA   sing N N 277 
SER N   H    sing N N 278 
SER N   H2   sing N N 279 
SER CA  C    sing N N 280 
SER CA  CB   sing N N 281 
SER CA  HA   sing N N 282 
SER C   O    doub N N 283 
SER C   OXT  sing N N 284 
SER CB  OG   sing N N 285 
SER CB  HB2  sing N N 286 
SER CB  HB3  sing N N 287 
SER OG  HG   sing N N 288 
SER OXT HXT  sing N N 289 
THR N   CA   sing N N 290 
THR N   H    sing N N 291 
THR N   H2   sing N N 292 
THR CA  C    sing N N 293 
THR CA  CB   sing N N 294 
THR CA  HA   sing N N 295 
THR C   O    doub N N 296 
THR C   OXT  sing N N 297 
THR CB  OG1  sing N N 298 
THR CB  CG2  sing N N 299 
THR CB  HB   sing N N 300 
THR OG1 HG1  sing N N 301 
THR CG2 HG21 sing N N 302 
THR CG2 HG22 sing N N 303 
THR CG2 HG23 sing N N 304 
THR OXT HXT  sing N N 305 
TYR N   CA   sing N N 306 
TYR N   H    sing N N 307 
TYR N   H2   sing N N 308 
TYR CA  C    sing N N 309 
TYR CA  CB   sing N N 310 
TYR CA  HA   sing N N 311 
TYR C   O    doub N N 312 
TYR C   OXT  sing N N 313 
TYR CB  CG   sing N N 314 
TYR CB  HB2  sing N N 315 
TYR CB  HB3  sing N N 316 
TYR CG  CD1  doub Y N 317 
TYR CG  CD2  sing Y N 318 
TYR CD1 CE1  sing Y N 319 
TYR CD1 HD1  sing N N 320 
TYR CD2 CE2  doub Y N 321 
TYR CD2 HD2  sing N N 322 
TYR CE1 CZ   doub Y N 323 
TYR CE1 HE1  sing N N 324 
TYR CE2 CZ   sing Y N 325 
TYR CE2 HE2  sing N N 326 
TYR CZ  OH   sing N N 327 
TYR OH  HH   sing N N 328 
TYR OXT HXT  sing N N 329 
VAL N   CA   sing N N 330 
VAL N   H    sing N N 331 
VAL N   H2   sing N N 332 
VAL CA  C    sing N N 333 
VAL CA  CB   sing N N 334 
VAL CA  HA   sing N N 335 
VAL C   O    doub N N 336 
VAL C   OXT  sing N N 337 
VAL CB  CG1  sing N N 338 
VAL CB  CG2  sing N N 339 
VAL CB  HB   sing N N 340 
VAL CG1 HG11 sing N N 341 
VAL CG1 HG12 sing N N 342 
VAL CG1 HG13 sing N N 343 
VAL CG2 HG21 sing N N 344 
VAL CG2 HG22 sing N N 345 
VAL CG2 HG23 sing N N 346 
VAL OXT HXT  sing N N 347 
# 
_pdbx_entity_nonpoly.entity_id   2 
_pdbx_entity_nonpoly.name        water 
_pdbx_entity_nonpoly.comp_id     HOH 
# 
_pdbx_initial_refinement_model.id               1 
_pdbx_initial_refinement_model.entity_id_list   ? 
_pdbx_initial_refinement_model.type             'experimental model' 
_pdbx_initial_refinement_model.source_name      PDB 
_pdbx_initial_refinement_model.accession_code   1P5F 
_pdbx_initial_refinement_model.details          'pdb entry 1P5F' 
# 
